data_7D6F
# 
_entry.id   7D6F 
# 
_audit_conform.dict_name       mmcif_pdbx.dic 
_audit_conform.dict_version    5.380 
_audit_conform.dict_location   http://mmcif.pdb.org/dictionaries/ascii/mmcif_pdbx.dic 
# 
loop_
_database_2.database_id 
_database_2.database_code 
_database_2.pdbx_database_accession 
_database_2.pdbx_DOI 
PDB   7D6F         pdb_00007d6f 10.2210/pdb7d6f/pdb 
WWPDB D_1300018812 ?            ?                   
# 
_pdbx_database_status.status_code                     REL 
_pdbx_database_status.status_code_sf                  REL 
_pdbx_database_status.status_code_mr                  ? 
_pdbx_database_status.entry_id                        7D6F 
_pdbx_database_status.recvd_initial_deposition_date   2020-09-30 
_pdbx_database_status.SG_entry                        N 
_pdbx_database_status.deposit_site                    PDBJ 
_pdbx_database_status.process_site                    PDBJ 
_pdbx_database_status.status_code_cs                  ? 
_pdbx_database_status.status_code_nmr_data            ? 
_pdbx_database_status.methods_development_category    ? 
_pdbx_database_status.pdb_format_compatible           Y 
# 
loop_
_audit_author.name 
_audit_author.pdbx_ordinal 
_audit_author.identifier_ORCID 
'Ye, J.'    1 ? 
'Zhang, Y.' 2 ? 
'Zhong, Z.' 3 ? 
'Wang, C.'  4 ? 
# 
_citation.abstract                  ? 
_citation.abstract_id_CAS           ? 
_citation.book_id_ISBN              ? 
_citation.book_publisher            ? 
_citation.book_publisher_city       ? 
_citation.book_title                ? 
_citation.coordinate_linkage        ? 
_citation.country                   UK 
_citation.database_id_Medline       ? 
_citation.details                   ? 
_citation.id                        primary 
_citation.journal_abbrev            Neurochem.Int. 
_citation.journal_id_ASTM           ? 
_citation.journal_id_CSD            ? 
_citation.journal_id_ISSN           1872-9754 
_citation.journal_full              ? 
_citation.journal_issue             ? 
_citation.journal_volume            149 
_citation.language                  ? 
_citation.page_first                105152 
_citation.page_last                 105152 
_citation.title                     
'Crystal structure of the PDZ4 domain of MAGI2 in complex with PBM of ARMS reveals a canonical PDZ recognition mode.' 
_citation.year                      2021 
_citation.database_id_CSD           ? 
_citation.pdbx_database_id_DOI      10.1016/j.neuint.2021.105152 
_citation.pdbx_database_id_PubMed   34371146 
_citation.pdbx_database_id_patent   ? 
_citation.unpublished_flag          ? 
# 
loop_
_citation_author.citation_id 
_citation_author.name 
_citation_author.ordinal 
_citation_author.identifier_ORCID 
primary 'Zhang, Y.' 1 ? 
primary 'Zhong, Z.' 2 ? 
primary 'Ye, J.'    3 ? 
primary 'Wang, C.'  4 ? 
# 
_cell.angle_alpha                  90.000 
_cell.angle_alpha_esd              ? 
_cell.angle_beta                   90.000 
_cell.angle_beta_esd               ? 
_cell.angle_gamma                  90.000 
_cell.angle_gamma_esd              ? 
_cell.entry_id                     7D6F 
_cell.details                      ? 
_cell.formula_units_Z              ? 
_cell.length_a                     74.045 
_cell.length_a_esd                 ? 
_cell.length_b                     95.666 
_cell.length_b_esd                 ? 
_cell.length_c                     35.167 
_cell.length_c_esd                 ? 
_cell.volume                       ? 
_cell.volume_esd                   ? 
_cell.Z_PDB                        8 
_cell.reciprocal_angle_alpha       ? 
_cell.reciprocal_angle_beta        ? 
_cell.reciprocal_angle_gamma       ? 
_cell.reciprocal_angle_alpha_esd   ? 
_cell.reciprocal_angle_beta_esd    ? 
_cell.reciprocal_angle_gamma_esd   ? 
_cell.reciprocal_length_a          ? 
_cell.reciprocal_length_b          ? 
_cell.reciprocal_length_c          ? 
_cell.reciprocal_length_a_esd      ? 
_cell.reciprocal_length_b_esd      ? 
_cell.reciprocal_length_c_esd      ? 
_cell.pdbx_unique_axis             ? 
# 
_symmetry.entry_id                         7D6F 
_symmetry.cell_setting                     ? 
_symmetry.Int_Tables_number                21 
_symmetry.space_group_name_Hall            ? 
_symmetry.space_group_name_H-M             'C 2 2 2' 
_symmetry.pdbx_full_space_group_name_H-M   ? 
# 
loop_
_entity.id 
_entity.type 
_entity.src_method 
_entity.pdbx_description 
_entity.formula_weight 
_entity.pdbx_number_of_molecules 
_entity.pdbx_ec 
_entity.pdbx_mutation 
_entity.pdbx_fragment 
_entity.details 
1 polymer     man 'Membrane-associated guanylate kinase, WW and PDZ domain-containing protein 2' 10793.422 1 ? ? ? ? 
2 polymer     man 'Kinase D-interacting substrate of 220 kDa'                                    1926.969  1 ? ? ? ? 
3 non-polymer syn GLYCEROL                                                                       92.094    1 ? ? ? ? 
4 water       nat water                                                                          18.015    3 ? ? ? ? 
# 
loop_
_entity_name_com.entity_id 
_entity_name_com.name 
1 
;Activin receptor-interacting protein 1,Acvrip1,Atrophin-1-interacting protein 1,AIP-1,Membrane-associated guanylate kinase inverted 2,MAGI-2
;
2 'ARMS, Ankyrin repeat-rich membrane-spanning protein' 
# 
loop_
_entity_poly.entity_id 
_entity_poly.type 
_entity_poly.nstd_linkage 
_entity_poly.nstd_monomer 
_entity_poly.pdbx_seq_one_letter_code 
_entity_poly.pdbx_seq_one_letter_code_can 
_entity_poly.pdbx_strand_id 
_entity_poly.pdbx_target_identifier 
1 'polypeptide(L)' no no 
;GPGSSLQTSDVVIHRKENEGFGFVIISSLNRPESGATITVPHKIGRIIDGSPADRCAKLKVGDRILAVNGQSIINMPHAD
IVKLIKDAGLSVTLRIIPQEE
;
;GPGSSLQTSDVVIHRKENEGFGFVIISSLNRPESGATITVPHKIGRIIDGSPADRCAKLKVGDRILAVNGQSIINMPHAD
IVKLIKDAGLSVTLRIIPQEE
;
A ? 
2 'polypeptide(L)' no no GPGSSSESTGFGEERESIL                                                                                      
GPGSSSESTGFGEERESIL                                                                                      B ? 
# 
loop_
_entity_poly_seq.entity_id 
_entity_poly_seq.num 
_entity_poly_seq.mon_id 
_entity_poly_seq.hetero 
1 1   GLY n 
1 2   PRO n 
1 3   GLY n 
1 4   SER n 
1 5   SER n 
1 6   LEU n 
1 7   GLN n 
1 8   THR n 
1 9   SER n 
1 10  ASP n 
1 11  VAL n 
1 12  VAL n 
1 13  ILE n 
1 14  HIS n 
1 15  ARG n 
1 16  LYS n 
1 17  GLU n 
1 18  ASN n 
1 19  GLU n 
1 20  GLY n 
1 21  PHE n 
1 22  GLY n 
1 23  PHE n 
1 24  VAL n 
1 25  ILE n 
1 26  ILE n 
1 27  SER n 
1 28  SER n 
1 29  LEU n 
1 30  ASN n 
1 31  ARG n 
1 32  PRO n 
1 33  GLU n 
1 34  SER n 
1 35  GLY n 
1 36  ALA n 
1 37  THR n 
1 38  ILE n 
1 39  THR n 
1 40  VAL n 
1 41  PRO n 
1 42  HIS n 
1 43  LYS n 
1 44  ILE n 
1 45  GLY n 
1 46  ARG n 
1 47  ILE n 
1 48  ILE n 
1 49  ASP n 
1 50  GLY n 
1 51  SER n 
1 52  PRO n 
1 53  ALA n 
1 54  ASP n 
1 55  ARG n 
1 56  CYS n 
1 57  ALA n 
1 58  LYS n 
1 59  LEU n 
1 60  LYS n 
1 61  VAL n 
1 62  GLY n 
1 63  ASP n 
1 64  ARG n 
1 65  ILE n 
1 66  LEU n 
1 67  ALA n 
1 68  VAL n 
1 69  ASN n 
1 70  GLY n 
1 71  GLN n 
1 72  SER n 
1 73  ILE n 
1 74  ILE n 
1 75  ASN n 
1 76  MET n 
1 77  PRO n 
1 78  HIS n 
1 79  ALA n 
1 80  ASP n 
1 81  ILE n 
1 82  VAL n 
1 83  LYS n 
1 84  LEU n 
1 85  ILE n 
1 86  LYS n 
1 87  ASP n 
1 88  ALA n 
1 89  GLY n 
1 90  LEU n 
1 91  SER n 
1 92  VAL n 
1 93  THR n 
1 94  LEU n 
1 95  ARG n 
1 96  ILE n 
1 97  ILE n 
1 98  PRO n 
1 99  GLN n 
1 100 GLU n 
1 101 GLU n 
2 1   GLY n 
2 2   PRO n 
2 3   GLY n 
2 4   SER n 
2 5   SER n 
2 6   SER n 
2 7   GLU n 
2 8   SER n 
2 9   THR n 
2 10  GLY n 
2 11  PHE n 
2 12  GLY n 
2 13  GLU n 
2 14  GLU n 
2 15  ARG n 
2 16  GLU n 
2 17  SER n 
2 18  ILE n 
2 19  LEU n 
# 
loop_
_entity_src_gen.entity_id 
_entity_src_gen.pdbx_src_id 
_entity_src_gen.pdbx_alt_source_flag 
_entity_src_gen.pdbx_seq_type 
_entity_src_gen.pdbx_beg_seq_num 
_entity_src_gen.pdbx_end_seq_num 
_entity_src_gen.gene_src_common_name 
_entity_src_gen.gene_src_genus 
_entity_src_gen.pdbx_gene_src_gene 
_entity_src_gen.gene_src_species 
_entity_src_gen.gene_src_strain 
_entity_src_gen.gene_src_tissue 
_entity_src_gen.gene_src_tissue_fraction 
_entity_src_gen.gene_src_details 
_entity_src_gen.pdbx_gene_src_fragment 
_entity_src_gen.pdbx_gene_src_scientific_name 
_entity_src_gen.pdbx_gene_src_ncbi_taxonomy_id 
_entity_src_gen.pdbx_gene_src_variant 
_entity_src_gen.pdbx_gene_src_cell_line 
_entity_src_gen.pdbx_gene_src_atcc 
_entity_src_gen.pdbx_gene_src_organ 
_entity_src_gen.pdbx_gene_src_organelle 
_entity_src_gen.pdbx_gene_src_cell 
_entity_src_gen.pdbx_gene_src_cellular_location 
_entity_src_gen.host_org_common_name 
_entity_src_gen.pdbx_host_org_scientific_name 
_entity_src_gen.pdbx_host_org_ncbi_taxonomy_id 
_entity_src_gen.host_org_genus 
_entity_src_gen.pdbx_host_org_gene 
_entity_src_gen.pdbx_host_org_organ 
_entity_src_gen.host_org_species 
_entity_src_gen.pdbx_host_org_tissue 
_entity_src_gen.pdbx_host_org_tissue_fraction 
_entity_src_gen.pdbx_host_org_strain 
_entity_src_gen.pdbx_host_org_variant 
_entity_src_gen.pdbx_host_org_cell_line 
_entity_src_gen.pdbx_host_org_atcc 
_entity_src_gen.pdbx_host_org_culture_collection 
_entity_src_gen.pdbx_host_org_cell 
_entity_src_gen.pdbx_host_org_organelle 
_entity_src_gen.pdbx_host_org_cellular_location 
_entity_src_gen.pdbx_host_org_vector_type 
_entity_src_gen.pdbx_host_org_vector 
_entity_src_gen.host_org_details 
_entity_src_gen.expression_system_id 
_entity_src_gen.plasmid_name 
_entity_src_gen.plasmid_details 
_entity_src_gen.pdbx_description 
1 1 sample 'Biological sequence' 1 101 Mouse ? 'Magi2, Acvrinp1, Aip1, Arip1' ? ? ? ? ? ? 'Mus musculus'      10090 ? ? ? ? ? ? ? 
? 'Escherichia coli' 562 ? ? ? ? ? ? ? ? ? ? ? ? ? ? ? ? ? ? ? ? ? 
2 1 sample 'Biological sequence' 1 19  Rat   ? 'Kidins220, Arms'              ? ? ? ? ? ? 'Rattus norvegicus' 10116 ? ? ? ? ? ? ? 
? 'Escherichia coli' 562 ? ? ? ? ? ? ? ? ? ? ? ? ? ? ? ? ? ? ? ? ? 
# 
loop_
_struct_ref.id 
_struct_ref.db_name 
_struct_ref.db_code 
_struct_ref.pdbx_db_accession 
_struct_ref.pdbx_db_isoform 
_struct_ref.entity_id 
_struct_ref.pdbx_seq_one_letter_code 
_struct_ref.pdbx_align_begin 
1 UNP MAGI2_MOUSE Q9WVQ1 ? 1 
;SLQTSDVVIHRKENEGFGFVIISSLNRPESGATITVPHKIGRIIDGSPADRCAKLKVGDRILAVNGQSIINMPHADIVKL
IKDAGLSVTLRIIPQEE
;
914  
2 UNP KDIS_RAT    Q9EQG6 ? 2 SSESTGFGEERESIL                                                                                      
1748 
# 
loop_
_struct_ref_seq.align_id 
_struct_ref_seq.ref_id 
_struct_ref_seq.pdbx_PDB_id_code 
_struct_ref_seq.pdbx_strand_id 
_struct_ref_seq.seq_align_beg 
_struct_ref_seq.pdbx_seq_align_beg_ins_code 
_struct_ref_seq.seq_align_end 
_struct_ref_seq.pdbx_seq_align_end_ins_code 
_struct_ref_seq.pdbx_db_accession 
_struct_ref_seq.db_align_beg 
_struct_ref_seq.pdbx_db_align_beg_ins_code 
_struct_ref_seq.db_align_end 
_struct_ref_seq.pdbx_db_align_end_ins_code 
_struct_ref_seq.pdbx_auth_seq_align_beg 
_struct_ref_seq.pdbx_auth_seq_align_end 
1 1 7D6F A 5 ? 101 ? Q9WVQ1 914  ? 1010 ? 914  1010 
2 2 7D6F B 5 ? 19  ? Q9EQG6 1748 ? 1762 ? 1748 1762 
# 
loop_
_struct_ref_seq_dif.align_id 
_struct_ref_seq_dif.pdbx_pdb_id_code 
_struct_ref_seq_dif.mon_id 
_struct_ref_seq_dif.pdbx_pdb_strand_id 
_struct_ref_seq_dif.seq_num 
_struct_ref_seq_dif.pdbx_pdb_ins_code 
_struct_ref_seq_dif.pdbx_seq_db_name 
_struct_ref_seq_dif.pdbx_seq_db_accession_code 
_struct_ref_seq_dif.db_mon_id 
_struct_ref_seq_dif.pdbx_seq_db_seq_num 
_struct_ref_seq_dif.details 
_struct_ref_seq_dif.pdbx_auth_seq_num 
_struct_ref_seq_dif.pdbx_ordinal 
1 7D6F GLY A 1 ? UNP Q9WVQ1 ? ? 'expression tag' 910  1 
1 7D6F PRO A 2 ? UNP Q9WVQ1 ? ? 'expression tag' 911  2 
1 7D6F GLY A 3 ? UNP Q9WVQ1 ? ? 'expression tag' 912  3 
1 7D6F SER A 4 ? UNP Q9WVQ1 ? ? 'expression tag' 913  4 
2 7D6F GLY B 1 ? UNP Q9EQG6 ? ? 'expression tag' 1744 5 
2 7D6F PRO B 2 ? UNP Q9EQG6 ? ? 'expression tag' 1745 6 
2 7D6F GLY B 3 ? UNP Q9EQG6 ? ? 'expression tag' 1746 7 
2 7D6F SER B 4 ? UNP Q9EQG6 ? ? 'expression tag' 1747 8 
# 
loop_
_chem_comp.id 
_chem_comp.type 
_chem_comp.mon_nstd_flag 
_chem_comp.name 
_chem_comp.pdbx_synonyms 
_chem_comp.formula 
_chem_comp.formula_weight 
ALA 'L-peptide linking' y ALANINE         ?                               'C3 H7 N O2'     89.093  
ARG 'L-peptide linking' y ARGININE        ?                               'C6 H15 N4 O2 1' 175.209 
ASN 'L-peptide linking' y ASPARAGINE      ?                               'C4 H8 N2 O3'    132.118 
ASP 'L-peptide linking' y 'ASPARTIC ACID' ?                               'C4 H7 N O4'     133.103 
CYS 'L-peptide linking' y CYSTEINE        ?                               'C3 H7 N O2 S'   121.158 
GLN 'L-peptide linking' y GLUTAMINE       ?                               'C5 H10 N2 O3'   146.144 
GLU 'L-peptide linking' y 'GLUTAMIC ACID' ?                               'C5 H9 N O4'     147.129 
GLY 'peptide linking'   y GLYCINE         ?                               'C2 H5 N O2'     75.067  
GOL non-polymer         . GLYCEROL        'GLYCERIN; PROPANE-1,2,3-TRIOL' 'C3 H8 O3'       92.094  
HIS 'L-peptide linking' y HISTIDINE       ?                               'C6 H10 N3 O2 1' 156.162 
HOH non-polymer         . WATER           ?                               'H2 O'           18.015  
ILE 'L-peptide linking' y ISOLEUCINE      ?                               'C6 H13 N O2'    131.173 
LEU 'L-peptide linking' y LEUCINE         ?                               'C6 H13 N O2'    131.173 
LYS 'L-peptide linking' y LYSINE          ?                               'C6 H15 N2 O2 1' 147.195 
MET 'L-peptide linking' y METHIONINE      ?                               'C5 H11 N O2 S'  149.211 
PHE 'L-peptide linking' y PHENYLALANINE   ?                               'C9 H11 N O2'    165.189 
PRO 'L-peptide linking' y PROLINE         ?                               'C5 H9 N O2'     115.130 
SER 'L-peptide linking' y SERINE          ?                               'C3 H7 N O3'     105.093 
THR 'L-peptide linking' y THREONINE       ?                               'C4 H9 N O3'     119.119 
VAL 'L-peptide linking' y VALINE          ?                               'C5 H11 N O2'    117.146 
# 
_exptl.absorpt_coefficient_mu     ? 
_exptl.absorpt_correction_T_max   ? 
_exptl.absorpt_correction_T_min   ? 
_exptl.absorpt_correction_type    ? 
_exptl.absorpt_process_details    ? 
_exptl.entry_id                   7D6F 
_exptl.crystals_number            1 
_exptl.details                    ? 
_exptl.method                     'X-RAY DIFFRACTION' 
_exptl.method_details             ? 
# 
_exptl_crystal.colour                      ? 
_exptl_crystal.density_diffrn              ? 
_exptl_crystal.density_Matthews            2.45 
_exptl_crystal.density_method              ? 
_exptl_crystal.density_percent_sol         49.75 
_exptl_crystal.description                 ? 
_exptl_crystal.F_000                       ? 
_exptl_crystal.id                          1 
_exptl_crystal.preparation                 ? 
_exptl_crystal.size_max                    ? 
_exptl_crystal.size_mid                    ? 
_exptl_crystal.size_min                    ? 
_exptl_crystal.size_rad                    ? 
_exptl_crystal.colour_lustre               ? 
_exptl_crystal.colour_modifier             ? 
_exptl_crystal.colour_primary              ? 
_exptl_crystal.density_meas                ? 
_exptl_crystal.density_meas_esd            ? 
_exptl_crystal.density_meas_gt             ? 
_exptl_crystal.density_meas_lt             ? 
_exptl_crystal.density_meas_temp           ? 
_exptl_crystal.density_meas_temp_esd       ? 
_exptl_crystal.density_meas_temp_gt        ? 
_exptl_crystal.density_meas_temp_lt        ? 
_exptl_crystal.pdbx_crystal_image_url      ? 
_exptl_crystal.pdbx_crystal_image_format   ? 
_exptl_crystal.pdbx_mosaicity              ? 
_exptl_crystal.pdbx_mosaicity_esd          ? 
# 
_exptl_crystal_grow.apparatus       ? 
_exptl_crystal_grow.atmosphere      ? 
_exptl_crystal_grow.crystal_id      1 
_exptl_crystal_grow.details         ? 
_exptl_crystal_grow.method          'VAPOR DIFFUSION, SITTING DROP' 
_exptl_crystal_grow.method_ref      ? 
_exptl_crystal_grow.pH              ? 
_exptl_crystal_grow.pressure        ? 
_exptl_crystal_grow.pressure_esd    ? 
_exptl_crystal_grow.seeding         ? 
_exptl_crystal_grow.seeding_ref     ? 
_exptl_crystal_grow.temp            277 
_exptl_crystal_grow.temp_details    ? 
_exptl_crystal_grow.temp_esd        ? 
_exptl_crystal_grow.time            ? 
_exptl_crystal_grow.pdbx_details    '0.1 M HEPES pH 7.5, 10% w/v Polyethylene glycol 8000, 8% v/v Ethylene glycol' 
_exptl_crystal_grow.pdbx_pH_range   ? 
# 
_diffrn.ambient_environment              ? 
_diffrn.ambient_temp                     100 
_diffrn.ambient_temp_details             ? 
_diffrn.ambient_temp_esd                 ? 
_diffrn.crystal_id                       1 
_diffrn.crystal_support                  ? 
_diffrn.crystal_treatment                ? 
_diffrn.details                          ? 
_diffrn.id                               1 
_diffrn.ambient_pressure                 ? 
_diffrn.ambient_pressure_esd             ? 
_diffrn.ambient_pressure_gt              ? 
_diffrn.ambient_pressure_lt              ? 
_diffrn.ambient_temp_gt                  ? 
_diffrn.ambient_temp_lt                  ? 
_diffrn.pdbx_serial_crystal_experiment   N 
# 
_diffrn_detector.details                      ? 
_diffrn_detector.detector                     PIXEL 
_diffrn_detector.diffrn_id                    1 
_diffrn_detector.type                         'DECTRIS EIGER X 16M' 
_diffrn_detector.area_resol_mean              ? 
_diffrn_detector.dtime                        ? 
_diffrn_detector.pdbx_frames_total            ? 
_diffrn_detector.pdbx_collection_time_total   ? 
_diffrn_detector.pdbx_collection_date         2017-05-08 
_diffrn_detector.pdbx_frequency               ? 
# 
_diffrn_radiation.collimation                      ? 
_diffrn_radiation.diffrn_id                        1 
_diffrn_radiation.filter_edge                      ? 
_diffrn_radiation.inhomogeneity                    ? 
_diffrn_radiation.monochromator                    ? 
_diffrn_radiation.polarisn_norm                    ? 
_diffrn_radiation.polarisn_ratio                   ? 
_diffrn_radiation.probe                            ? 
_diffrn_radiation.type                             ? 
_diffrn_radiation.xray_symbol                      ? 
_diffrn_radiation.wavelength_id                    1 
_diffrn_radiation.pdbx_monochromatic_or_laue_m_l   M 
_diffrn_radiation.pdbx_wavelength_list             ? 
_diffrn_radiation.pdbx_wavelength                  ? 
_diffrn_radiation.pdbx_diffrn_protocol             'SINGLE WAVELENGTH' 
_diffrn_radiation.pdbx_analyzer                    ? 
_diffrn_radiation.pdbx_scattering_type             x-ray 
# 
_diffrn_radiation_wavelength.id           1 
_diffrn_radiation_wavelength.wavelength   0.97776 
_diffrn_radiation_wavelength.wt           1.0 
# 
_diffrn_source.current                     ? 
_diffrn_source.details                     ? 
_diffrn_source.diffrn_id                   1 
_diffrn_source.power                       ? 
_diffrn_source.size                        ? 
_diffrn_source.source                      SYNCHROTRON 
_diffrn_source.target                      ? 
_diffrn_source.type                        'SSRF BEAMLINE BL19U1' 
_diffrn_source.voltage                     ? 
_diffrn_source.take-off_angle              ? 
_diffrn_source.pdbx_wavelength_list        0.97776 
_diffrn_source.pdbx_wavelength             ? 
_diffrn_source.pdbx_synchrotron_beamline   BL19U1 
_diffrn_source.pdbx_synchrotron_site       SSRF 
# 
_reflns.B_iso_Wilson_estimate                          83.670 
_reflns.entry_id                                       7D6F 
_reflns.data_reduction_details                         ? 
_reflns.data_reduction_method                          ? 
_reflns.d_resolution_high                              2.700 
_reflns.d_resolution_low                               50.000 
_reflns.details                                        ? 
_reflns.limit_h_max                                    ? 
_reflns.limit_h_min                                    ? 
_reflns.limit_k_max                                    ? 
_reflns.limit_k_min                                    ? 
_reflns.limit_l_max                                    ? 
_reflns.limit_l_min                                    ? 
_reflns.number_all                                     ? 
_reflns.number_obs                                     3696 
_reflns.observed_criterion                             ? 
_reflns.observed_criterion_F_max                       ? 
_reflns.observed_criterion_F_min                       ? 
_reflns.observed_criterion_I_max                       ? 
_reflns.observed_criterion_I_min                       ? 
_reflns.observed_criterion_sigma_F                     ? 
_reflns.observed_criterion_sigma_I                     ? 
_reflns.percent_possible_obs                           100.000 
_reflns.R_free_details                                 ? 
_reflns.Rmerge_F_all                                   ? 
_reflns.Rmerge_F_obs                                   ? 
_reflns.Friedel_coverage                               ? 
_reflns.number_gt                                      ? 
_reflns.threshold_expression                           ? 
_reflns.pdbx_redundancy                                12.500 
_reflns.pdbx_Rmerge_I_obs                              0.092 
_reflns.pdbx_Rmerge_I_all                              ? 
_reflns.pdbx_Rsym_value                                ? 
_reflns.pdbx_netI_over_av_sigmaI                       ? 
_reflns.pdbx_netI_over_sigmaI                          4.900 
_reflns.pdbx_res_netI_over_av_sigmaI_2                 ? 
_reflns.pdbx_res_netI_over_sigmaI_2                    ? 
_reflns.pdbx_chi_squared                               0.684 
_reflns.pdbx_scaling_rejects                           ? 
_reflns.pdbx_d_res_high_opt                            ? 
_reflns.pdbx_d_res_low_opt                             ? 
_reflns.pdbx_d_res_opt_method                          ? 
_reflns.phase_calculation_details                      ? 
_reflns.pdbx_Rrim_I_all                                0.096 
_reflns.pdbx_Rpim_I_all                                0.027 
_reflns.pdbx_d_opt                                     ? 
_reflns.pdbx_number_measured_all                       46340 
_reflns.pdbx_diffrn_id                                 1 
_reflns.pdbx_ordinal                                   1 
_reflns.pdbx_CC_half                                   ? 
_reflns.pdbx_CC_star                                   ? 
_reflns.pdbx_R_split                                   ? 
_reflns.pdbx_aniso_diffraction_limit_axis_1_ortho[1]   ? 
_reflns.pdbx_aniso_diffraction_limit_axis_1_ortho[2]   ? 
_reflns.pdbx_aniso_diffraction_limit_axis_1_ortho[3]   ? 
_reflns.pdbx_aniso_diffraction_limit_axis_2_ortho[1]   ? 
_reflns.pdbx_aniso_diffraction_limit_axis_2_ortho[2]   ? 
_reflns.pdbx_aniso_diffraction_limit_axis_2_ortho[3]   ? 
_reflns.pdbx_aniso_diffraction_limit_axis_3_ortho[1]   ? 
_reflns.pdbx_aniso_diffraction_limit_axis_3_ortho[2]   ? 
_reflns.pdbx_aniso_diffraction_limit_axis_3_ortho[3]   ? 
_reflns.pdbx_aniso_diffraction_limit_1                 ? 
_reflns.pdbx_aniso_diffraction_limit_2                 ? 
_reflns.pdbx_aniso_diffraction_limit_3                 ? 
_reflns.pdbx_aniso_B_tensor_eigenvector_1_ortho[1]     ? 
_reflns.pdbx_aniso_B_tensor_eigenvector_1_ortho[2]     ? 
_reflns.pdbx_aniso_B_tensor_eigenvector_1_ortho[3]     ? 
_reflns.pdbx_aniso_B_tensor_eigenvector_2_ortho[1]     ? 
_reflns.pdbx_aniso_B_tensor_eigenvector_2_ortho[2]     ? 
_reflns.pdbx_aniso_B_tensor_eigenvector_2_ortho[3]     ? 
_reflns.pdbx_aniso_B_tensor_eigenvector_3_ortho[1]     ? 
_reflns.pdbx_aniso_B_tensor_eigenvector_3_ortho[2]     ? 
_reflns.pdbx_aniso_B_tensor_eigenvector_3_ortho[3]     ? 
_reflns.pdbx_aniso_B_tensor_eigenvalue_1               ? 
_reflns.pdbx_aniso_B_tensor_eigenvalue_2               ? 
_reflns.pdbx_aniso_B_tensor_eigenvalue_3               ? 
_reflns.pdbx_orthogonalization_convention              ? 
_reflns.pdbx_percent_possible_ellipsoidal              ? 
_reflns.pdbx_percent_possible_spherical                ? 
_reflns.pdbx_percent_possible_ellipsoidal_anomalous    ? 
_reflns.pdbx_percent_possible_spherical_anomalous      ? 
_reflns.pdbx_redundancy_anomalous                      ? 
_reflns.pdbx_CC_half_anomalous                         ? 
_reflns.pdbx_absDiff_over_sigma_anomalous              ? 
_reflns.pdbx_percent_possible_anomalous                ? 
_reflns.pdbx_observed_signal_threshold                 ? 
_reflns.pdbx_signal_type                               ? 
_reflns.pdbx_signal_details                            ? 
_reflns.pdbx_signal_software_id                        ? 
# 
loop_
_reflns_shell.d_res_high 
_reflns_shell.d_res_low 
_reflns_shell.meanI_over_sigI_all 
_reflns_shell.meanI_over_sigI_obs 
_reflns_shell.number_measured_all 
_reflns_shell.number_measured_obs 
_reflns_shell.number_possible 
_reflns_shell.number_unique_all 
_reflns_shell.number_unique_obs 
_reflns_shell.percent_possible_all 
_reflns_shell.percent_possible_obs 
_reflns_shell.Rmerge_F_all 
_reflns_shell.Rmerge_F_obs 
_reflns_shell.Rmerge_I_all 
_reflns_shell.Rmerge_I_obs 
_reflns_shell.meanI_over_sigI_gt 
_reflns_shell.meanI_over_uI_all 
_reflns_shell.meanI_over_uI_gt 
_reflns_shell.number_measured_gt 
_reflns_shell.number_unique_gt 
_reflns_shell.percent_possible_gt 
_reflns_shell.Rmerge_F_gt 
_reflns_shell.Rmerge_I_gt 
_reflns_shell.pdbx_redundancy 
_reflns_shell.pdbx_Rsym_value 
_reflns_shell.pdbx_chi_squared 
_reflns_shell.pdbx_netI_over_sigmaI_all 
_reflns_shell.pdbx_netI_over_sigmaI_obs 
_reflns_shell.pdbx_Rrim_I_all 
_reflns_shell.pdbx_Rpim_I_all 
_reflns_shell.pdbx_rejects 
_reflns_shell.pdbx_ordinal 
_reflns_shell.pdbx_diffrn_id 
_reflns_shell.pdbx_CC_half 
_reflns_shell.pdbx_CC_star 
_reflns_shell.pdbx_R_split 
_reflns_shell.pdbx_percent_possible_ellipsoidal 
_reflns_shell.pdbx_percent_possible_spherical 
_reflns_shell.pdbx_percent_possible_ellipsoidal_anomalous 
_reflns_shell.pdbx_percent_possible_spherical_anomalous 
_reflns_shell.pdbx_redundancy_anomalous 
_reflns_shell.pdbx_CC_half_anomalous 
_reflns_shell.pdbx_absDiff_over_sigma_anomalous 
_reflns_shell.pdbx_percent_possible_anomalous 
2.700 2.750  ? ? ? ? ? ? 178 100.000 ? ? ? ? 0.724 ? ? ? ? ? ? ? ? 11.800 ? 0.485 ? ? 0.757 0.219 ? 1  1 0.967 ? ? ? ? ? ? ? ? ? ? 
2.750 2.800  ? ? ? ? ? ? 164 100.000 ? ? ? ? 0.974 ? ? ? ? ? ? ? ? 12.600 ? 0.491 ? ? 1.015 0.284 ? 2  1 0.868 ? ? ? ? ? ? ? ? ? ? 
2.800 2.850  ? ? ? ? ? ? 182 100.000 ? ? ? ? 0.632 ? ? ? ? ? ? ? ? 12.200 ? 0.506 ? ? 0.659 0.185 ? 3  1 0.971 ? ? ? ? ? ? ? ? ? ? 
2.850 2.910  ? ? ? ? ? ? 192 100.000 ? ? ? ? 0.694 ? ? ? ? ? ? ? ? 12.300 ? 0.510 ? ? 0.724 0.204 ? 4  1 0.952 ? ? ? ? ? ? ? ? ? ? 
2.910 2.970  ? ? ? ? ? ? 170 100.000 ? ? ? ? 0.634 ? ? ? ? ? ? ? ? 13.300 ? 0.484 ? ? 0.660 0.179 ? 5  1 0.961 ? ? ? ? ? ? ? ? ? ? 
2.970 3.040  ? ? ? ? ? ? 188 100.000 ? ? ? ? 0.518 ? ? ? ? ? ? ? ? 13.400 ? 0.511 ? ? 0.538 0.144 ? 6  1 0.979 ? ? ? ? ? ? ? ? ? ? 
3.040 3.120  ? ? ? ? ? ? 171 100.000 ? ? ? ? 0.425 ? ? ? ? ? ? ? ? 13.600 ? 0.530 ? ? 0.441 0.117 ? 7  1 0.973 ? ? ? ? ? ? ? ? ? ? 
3.120 3.200  ? ? ? ? ? ? 203 100.000 ? ? ? ? 0.313 ? ? ? ? ? ? ? ? 13.500 ? 0.528 ? ? 0.325 0.088 ? 8  1 0.993 ? ? ? ? ? ? ? ? ? ? 
3.200 3.300  ? ? ? ? ? ? 162 100.000 ? ? ? ? 0.251 ? ? ? ? ? ? ? ? 13.400 ? 0.562 ? ? 0.261 0.070 ? 9  1 0.993 ? ? ? ? ? ? ? ? ? ? 
3.300 3.400  ? ? ? ? ? ? 186 100.000 ? ? ? ? 0.169 ? ? ? ? ? ? ? ? 12.900 ? 0.614 ? ? 0.177 0.050 ? 10 1 0.998 ? ? ? ? ? ? ? ? ? ? 
3.400 3.520  ? ? ? ? ? ? 185 100.000 ? ? ? ? 0.166 ? ? ? ? ? ? ? ? 13.400 ? 0.649 ? ? 0.173 0.047 ? 11 1 0.995 ? ? ? ? ? ? ? ? ? ? 
3.520 3.660  ? ? ? ? ? ? 177 100.000 ? ? ? ? 0.150 ? ? ? ? ? ? ? ? 12.600 ? 0.708 ? ? 0.156 0.044 ? 12 1 0.995 ? ? ? ? ? ? ? ? ? ? 
3.660 3.830  ? ? ? ? ? ? 188 100.000 ? ? ? ? 0.109 ? ? ? ? ? ? ? ? 12.200 ? 0.765 ? ? 0.114 0.032 ? 13 1 0.998 ? ? ? ? ? ? ? ? ? ? 
3.830 4.030  ? ? ? ? ? ? 185 100.000 ? ? ? ? 0.103 ? ? ? ? ? ? ? ? 11.300 ? 0.807 ? ? 0.108 0.031 ? 14 1 0.996 ? ? ? ? ? ? ? ? ? ? 
4.030 4.290  ? ? ? ? ? ? 180 100.000 ? ? ? ? 0.080 ? ? ? ? ? ? ? ? 11.900 ? 0.944 ? ? 0.084 0.024 ? 15 1 0.998 ? ? ? ? ? ? ? ? ? ? 
4.290 4.620  ? ? ? ? ? ? 190 100.000 ? ? ? ? 0.073 ? ? ? ? ? ? ? ? 12.900 ? 1.095 ? ? 0.076 0.021 ? 16 1 0.998 ? ? ? ? ? ? ? ? ? ? 
4.620 5.080  ? ? ? ? ? ? 197 100.000 ? ? ? ? 0.059 ? ? ? ? ? ? ? ? 12.900 ? 0.873 ? ? 0.062 0.017 ? 17 1 0.997 ? ? ? ? ? ? ? ? ? ? 
5.080 5.810  ? ? ? ? ? ? 186 100.000 ? ? ? ? 0.061 ? ? ? ? ? ? ? ? 12.800 ? 0.797 ? ? 0.064 0.018 ? 18 1 0.998 ? ? ? ? ? ? ? ? ? ? 
5.810 7.320  ? ? ? ? ? ? 194 100.000 ? ? ? ? 0.062 ? ? ? ? ? ? ? ? 11.500 ? 0.773 ? ? 0.065 0.019 ? 19 1 0.998 ? ? ? ? ? ? ? ? ? ? 
7.320 50.000 ? ? ? ? ? ? 218 99.500  ? ? ? ? 0.047 ? ? ? ? ? ? ? ? 10.500 ? 1.054 ? ? 0.049 0.014 ? 20 1 0.999 ? ? ? ? ? ? ? ? ? ? 
# 
_refine.aniso_B[1][1]                            ? 
_refine.aniso_B[1][2]                            ? 
_refine.aniso_B[1][3]                            ? 
_refine.aniso_B[2][2]                            ? 
_refine.aniso_B[2][3]                            ? 
_refine.aniso_B[3][3]                            ? 
_refine.B_iso_max                                219.290 
_refine.B_iso_mean                               90.6272 
_refine.B_iso_min                                33.880 
_refine.correlation_coeff_Fo_to_Fc               ? 
_refine.correlation_coeff_Fo_to_Fc_free          ? 
_refine.details                                  ? 
_refine.diff_density_max                         ? 
_refine.diff_density_max_esd                     ? 
_refine.diff_density_min                         ? 
_refine.diff_density_min_esd                     ? 
_refine.diff_density_rms                         ? 
_refine.diff_density_rms_esd                     ? 
_refine.entry_id                                 7D6F 
_refine.pdbx_refine_id                           'X-RAY DIFFRACTION' 
_refine.ls_abs_structure_details                 ? 
_refine.ls_abs_structure_Flack                   ? 
_refine.ls_abs_structure_Flack_esd               ? 
_refine.ls_abs_structure_Rogers                  ? 
_refine.ls_abs_structure_Rogers_esd              ? 
_refine.ls_d_res_high                            3.0010 
_refine.ls_d_res_low                             29.2770 
_refine.ls_extinction_coef                       ? 
_refine.ls_extinction_coef_esd                   ? 
_refine.ls_extinction_expression                 ? 
_refine.ls_extinction_method                     ? 
_refine.ls_goodness_of_fit_all                   ? 
_refine.ls_goodness_of_fit_all_esd               ? 
_refine.ls_goodness_of_fit_obs                   ? 
_refine.ls_goodness_of_fit_obs_esd               ? 
_refine.ls_hydrogen_treatment                    ? 
_refine.ls_matrix_type                           ? 
_refine.ls_number_constraints                    ? 
_refine.ls_number_parameters                     ? 
_refine.ls_number_reflns_all                     ? 
_refine.ls_number_reflns_obs                     2689 
_refine.ls_number_reflns_R_free                  137 
_refine.ls_number_reflns_R_work                  2552 
_refine.ls_number_restraints                     ? 
_refine.ls_percent_reflns_obs                    99.6300 
_refine.ls_percent_reflns_R_free                 5.0900 
_refine.ls_R_factor_all                          ? 
_refine.ls_R_factor_obs                          0.2381 
_refine.ls_R_factor_R_free                       0.2814 
_refine.ls_R_factor_R_free_error                 ? 
_refine.ls_R_factor_R_free_error_details         ? 
_refine.ls_R_factor_R_work                       0.2353 
_refine.ls_R_Fsqd_factor_obs                     ? 
_refine.ls_R_I_factor_obs                        ? 
_refine.ls_redundancy_reflns_all                 ? 
_refine.ls_redundancy_reflns_obs                 ? 
_refine.ls_restrained_S_all                      ? 
_refine.ls_restrained_S_obs                      ? 
_refine.ls_shift_over_esd_max                    ? 
_refine.ls_shift_over_esd_mean                   ? 
_refine.ls_structure_factor_coef                 ? 
_refine.ls_weighting_details                     ? 
_refine.ls_weighting_scheme                      ? 
_refine.ls_wR_factor_all                         ? 
_refine.ls_wR_factor_obs                         ? 
_refine.ls_wR_factor_R_free                      ? 
_refine.ls_wR_factor_R_work                      ? 
_refine.occupancy_max                            ? 
_refine.occupancy_min                            ? 
_refine.solvent_model_details                    'FLAT BULK SOLVENT MODEL' 
_refine.solvent_model_param_bsol                 ? 
_refine.solvent_model_param_ksol                 ? 
_refine.pdbx_R_complete                          ? 
_refine.ls_R_factor_gt                           ? 
_refine.ls_goodness_of_fit_gt                    ? 
_refine.ls_goodness_of_fit_ref                   ? 
_refine.ls_shift_over_su_max                     ? 
_refine.ls_shift_over_su_max_lt                  ? 
_refine.ls_shift_over_su_mean                    ? 
_refine.ls_shift_over_su_mean_lt                 ? 
_refine.pdbx_ls_sigma_I                          ? 
_refine.pdbx_ls_sigma_F                          1.420 
_refine.pdbx_ls_sigma_Fsqd                       ? 
_refine.pdbx_data_cutoff_high_absF               ? 
_refine.pdbx_data_cutoff_high_rms_absF           ? 
_refine.pdbx_data_cutoff_low_absF                ? 
_refine.pdbx_isotropic_thermal_model             ? 
_refine.pdbx_ls_cross_valid_method               THROUGHOUT 
_refine.pdbx_method_to_determine_struct          'MOLECULAR REPLACEMENT' 
_refine.pdbx_starting_model                      5ZYS 
_refine.pdbx_stereochemistry_target_values       ML 
_refine.pdbx_R_Free_selection_details            ? 
_refine.pdbx_stereochem_target_val_spec_case     ? 
_refine.pdbx_overall_ESU_R                       ? 
_refine.pdbx_overall_ESU_R_Free                  ? 
_refine.pdbx_solvent_vdw_probe_radii             1.1100 
_refine.pdbx_solvent_ion_probe_radii             ? 
_refine.pdbx_solvent_shrinkage_radii             0.9000 
_refine.pdbx_real_space_R                        ? 
_refine.pdbx_density_correlation                 ? 
_refine.pdbx_pd_number_of_powder_patterns        ? 
_refine.pdbx_pd_number_of_points                 ? 
_refine.pdbx_pd_meas_number_of_points            ? 
_refine.pdbx_pd_proc_ls_prof_R_factor            ? 
_refine.pdbx_pd_proc_ls_prof_wR_factor           ? 
_refine.pdbx_pd_Marquardt_correlation_coeff      ? 
_refine.pdbx_pd_Fsqrd_R_factor                   ? 
_refine.pdbx_pd_ls_matrix_band_width             ? 
_refine.pdbx_overall_phase_error                 20.1600 
_refine.pdbx_overall_SU_R_free_Cruickshank_DPI   ? 
_refine.pdbx_overall_SU_R_free_Blow_DPI          ? 
_refine.pdbx_overall_SU_R_Blow_DPI               ? 
_refine.pdbx_TLS_residual_ADP_flag               ? 
_refine.pdbx_diffrn_id                           1 
_refine.overall_SU_B                             ? 
_refine.overall_SU_ML                            0.1100 
_refine.overall_SU_R_Cruickshank_DPI             ? 
_refine.overall_SU_R_free                        ? 
_refine.overall_FOM_free_R_set                   ? 
_refine.overall_FOM_work_R_set                   ? 
_refine.pdbx_average_fsc_overall                 ? 
_refine.pdbx_average_fsc_work                    ? 
_refine.pdbx_average_fsc_free                    ? 
# 
_refine_hist.pdbx_refine_id                   'X-RAY DIFFRACTION' 
_refine_hist.cycle_id                         final 
_refine_hist.details                          ? 
_refine_hist.d_res_high                       3.0010 
_refine_hist.d_res_low                        29.2770 
_refine_hist.number_atoms_solvent             3 
_refine_hist.number_atoms_total               666 
_refine_hist.number_reflns_all                ? 
_refine_hist.number_reflns_obs                ? 
_refine_hist.number_reflns_R_free             ? 
_refine_hist.number_reflns_R_work             ? 
_refine_hist.R_factor_all                     ? 
_refine_hist.R_factor_obs                     ? 
_refine_hist.R_factor_R_free                  ? 
_refine_hist.R_factor_R_work                  ? 
_refine_hist.pdbx_number_residues_total       96 
_refine_hist.pdbx_B_iso_mean_ligand           134.18 
_refine_hist.pdbx_B_iso_mean_solvent          63.16 
_refine_hist.pdbx_number_atoms_protein        657 
_refine_hist.pdbx_number_atoms_nucleic_acid   0 
_refine_hist.pdbx_number_atoms_ligand         6 
_refine_hist.pdbx_number_atoms_lipid          ? 
_refine_hist.pdbx_number_atoms_carb           ? 
_refine_hist.pdbx_pseudo_atom_details         ? 
# 
_refine_ls_shell.pdbx_refine_id                   'X-RAY DIFFRACTION' 
_refine_ls_shell.d_res_high                       3.00 
_refine_ls_shell.d_res_low                        3.61 
_refine_ls_shell.number_reflns_all                ? 
_refine_ls_shell.number_reflns_obs                ? 
_refine_ls_shell.number_reflns_R_free             137 
_refine_ls_shell.number_reflns_R_work             2552 
_refine_ls_shell.percent_reflns_obs               100.0000 
_refine_ls_shell.percent_reflns_R_free            ? 
_refine_ls_shell.R_factor_all                     ? 
_refine_ls_shell.R_factor_obs                     ? 
_refine_ls_shell.R_factor_R_free                  0.2814 
_refine_ls_shell.R_factor_R_free_error            0.0000 
_refine_ls_shell.R_factor_R_work                  0.2353 
_refine_ls_shell.redundancy_reflns_all            ? 
_refine_ls_shell.redundancy_reflns_obs            ? 
_refine_ls_shell.wR_factor_all                    ? 
_refine_ls_shell.wR_factor_obs                    ? 
_refine_ls_shell.wR_factor_R_free                 ? 
_refine_ls_shell.wR_factor_R_work                 ? 
_refine_ls_shell.pdbx_R_complete                  ? 
_refine_ls_shell.pdbx_total_number_of_bins_used   ? 
_refine_ls_shell.pdbx_phase_error                 ? 
_refine_ls_shell.pdbx_fsc_work                    ? 
_refine_ls_shell.pdbx_fsc_free                    ? 
# 
_struct.entry_id                     7D6F 
_struct.title                        'The crystal structure of ARMS-PBM/MAGI2-PDZ4' 
_struct.pdbx_model_details           ? 
_struct.pdbx_formula_weight          ? 
_struct.pdbx_formula_weight_method   ? 
_struct.pdbx_model_type_details      ? 
_struct.pdbx_CASP_flag               N 
# 
_struct_keywords.entry_id        7D6F 
_struct_keywords.text            'PBM/PDZ interaction, scaffold protein, synaptic polaricity, STRUCTURAL PROTEIN' 
_struct_keywords.pdbx_keywords   'STRUCTURAL PROTEIN' 
# 
loop_
_struct_asym.id 
_struct_asym.pdbx_blank_PDB_chainid_flag 
_struct_asym.pdbx_modified 
_struct_asym.entity_id 
_struct_asym.details 
A N N 1 ? 
B N N 2 ? 
C N N 3 ? 
D N N 4 ? 
E N N 4 ? 
# 
loop_
_struct_conf.conf_type_id 
_struct_conf.id 
_struct_conf.pdbx_PDB_helix_id 
_struct_conf.beg_label_comp_id 
_struct_conf.beg_label_asym_id 
_struct_conf.beg_label_seq_id 
_struct_conf.pdbx_beg_PDB_ins_code 
_struct_conf.end_label_comp_id 
_struct_conf.end_label_asym_id 
_struct_conf.end_label_seq_id 
_struct_conf.pdbx_end_PDB_ins_code 
_struct_conf.beg_auth_comp_id 
_struct_conf.beg_auth_asym_id 
_struct_conf.beg_auth_seq_id 
_struct_conf.end_auth_comp_id 
_struct_conf.end_auth_asym_id 
_struct_conf.end_auth_seq_id 
_struct_conf.pdbx_PDB_helix_class 
_struct_conf.details 
_struct_conf.pdbx_PDB_helix_length 
HELX_P HELX_P1 AA1 SER A 51 ? ALA A 57 ? SER A 960 ALA A 966 1 ? 7  
HELX_P HELX_P2 AA2 PRO A 77 ? ASP A 87 ? PRO A 986 ASP A 996 1 ? 11 
# 
_struct_conf_type.id          HELX_P 
_struct_conf_type.criteria    ? 
_struct_conf_type.reference   ? 
# 
loop_
_struct_sheet.id 
_struct_sheet.type 
_struct_sheet.number_strands 
_struct_sheet.details 
AA1 ? 3 ? 
AA2 ? 3 ? 
# 
loop_
_struct_sheet_order.sheet_id 
_struct_sheet_order.range_id_1 
_struct_sheet_order.range_id_2 
_struct_sheet_order.offset 
_struct_sheet_order.sense 
AA1 1 2 ? anti-parallel 
AA1 2 3 ? anti-parallel 
AA2 1 2 ? anti-parallel 
AA2 2 3 ? anti-parallel 
# 
loop_
_struct_sheet_range.sheet_id 
_struct_sheet_range.id 
_struct_sheet_range.beg_label_comp_id 
_struct_sheet_range.beg_label_asym_id 
_struct_sheet_range.beg_label_seq_id 
_struct_sheet_range.pdbx_beg_PDB_ins_code 
_struct_sheet_range.end_label_comp_id 
_struct_sheet_range.end_label_asym_id 
_struct_sheet_range.end_label_seq_id 
_struct_sheet_range.pdbx_end_PDB_ins_code 
_struct_sheet_range.beg_auth_comp_id 
_struct_sheet_range.beg_auth_asym_id 
_struct_sheet_range.beg_auth_seq_id 
_struct_sheet_range.end_auth_comp_id 
_struct_sheet_range.end_auth_asym_id 
_struct_sheet_range.end_auth_seq_id 
AA1 1 SER A 9  ? HIS A 14 ? SER A 918  HIS A 923  
AA1 2 SER A 91 ? ILE A 96 ? SER A 1000 ILE A 1005 
AA1 3 ALA A 67 ? VAL A 68 ? ALA A 976  VAL A 977  
AA2 1 LYS A 43 ? ILE A 47 ? LYS A 952  ILE A 956  
AA2 2 PHE A 23 ? SER A 27 ? PHE A 932  SER A 936  
AA2 3 ARG B 15 ? ILE B 18 ? ARG B 1758 ILE B 1761 
# 
loop_
_pdbx_struct_sheet_hbond.sheet_id 
_pdbx_struct_sheet_hbond.range_id_1 
_pdbx_struct_sheet_hbond.range_id_2 
_pdbx_struct_sheet_hbond.range_1_label_atom_id 
_pdbx_struct_sheet_hbond.range_1_label_comp_id 
_pdbx_struct_sheet_hbond.range_1_label_asym_id 
_pdbx_struct_sheet_hbond.range_1_label_seq_id 
_pdbx_struct_sheet_hbond.range_1_PDB_ins_code 
_pdbx_struct_sheet_hbond.range_1_auth_atom_id 
_pdbx_struct_sheet_hbond.range_1_auth_comp_id 
_pdbx_struct_sheet_hbond.range_1_auth_asym_id 
_pdbx_struct_sheet_hbond.range_1_auth_seq_id 
_pdbx_struct_sheet_hbond.range_2_label_atom_id 
_pdbx_struct_sheet_hbond.range_2_label_comp_id 
_pdbx_struct_sheet_hbond.range_2_label_asym_id 
_pdbx_struct_sheet_hbond.range_2_label_seq_id 
_pdbx_struct_sheet_hbond.range_2_PDB_ins_code 
_pdbx_struct_sheet_hbond.range_2_auth_atom_id 
_pdbx_struct_sheet_hbond.range_2_auth_comp_id 
_pdbx_struct_sheet_hbond.range_2_auth_asym_id 
_pdbx_struct_sheet_hbond.range_2_auth_seq_id 
AA1 1 2 N ILE A 13 ? N ILE A 922  O VAL A 92 ? O VAL A 1001 
AA1 2 3 O ARG A 95 ? O ARG A 1004 N ALA A 67 ? N ALA A 976  
AA2 1 2 O LYS A 43 ? O LYS A 952  N ILE A 26 ? N ILE A 935  
AA2 2 3 N SER A 27 ? N SER A 936  O ARG B 15 ? O ARG B 1758 
# 
_atom_sites.entry_id                    7D6F 
_atom_sites.Cartn_transf_matrix[1][1]   ? 
_atom_sites.Cartn_transf_matrix[1][2]   ? 
_atom_sites.Cartn_transf_matrix[1][3]   ? 
_atom_sites.Cartn_transf_matrix[2][1]   ? 
_atom_sites.Cartn_transf_matrix[2][2]   ? 
_atom_sites.Cartn_transf_matrix[2][3]   ? 
_atom_sites.Cartn_transf_matrix[3][1]   ? 
_atom_sites.Cartn_transf_matrix[3][2]   ? 
_atom_sites.Cartn_transf_matrix[3][3]   ? 
_atom_sites.Cartn_transf_vector[1]      ? 
_atom_sites.Cartn_transf_vector[2]      ? 
_atom_sites.Cartn_transf_vector[3]      ? 
_atom_sites.fract_transf_matrix[1][1]   -0.00825039 
_atom_sites.fract_transf_matrix[1][2]   -0.00423954 
_atom_sites.fract_transf_matrix[1][3]   -0.00981542 
_atom_sites.fract_transf_matrix[2][1]   -0.00773890 
_atom_sites.fract_transf_matrix[2][2]   0.00576747 
_atom_sites.fract_transf_matrix[2][3]   0.00401384 
_atom_sites.fract_transf_matrix[3][1]   0.00797543 
_atom_sites.fract_transf_matrix[3][2]   0.02197169 
_atom_sites.fract_transf_matrix[3][3]   -0.01619394 
_atom_sites.fract_transf_vector[1]      -0.143193 
_atom_sites.fract_transf_vector[2]      -0.163553 
_atom_sites.fract_transf_vector[3]      0.178083 
_atom_sites.solution_primary            ? 
_atom_sites.solution_secondary          ? 
_atom_sites.solution_hydrogens          ? 
_atom_sites.special_details             ? 
# 
loop_
_atom_type.symbol 
C 
N 
O 
S 
# 
loop_
_atom_site.group_PDB 
_atom_site.id 
_atom_site.type_symbol 
_atom_site.label_atom_id 
_atom_site.label_alt_id 
_atom_site.label_comp_id 
_atom_site.label_asym_id 
_atom_site.label_entity_id 
_atom_site.label_seq_id 
_atom_site.pdbx_PDB_ins_code 
_atom_site.Cartn_x 
_atom_site.Cartn_y 
_atom_site.Cartn_z 
_atom_site.occupancy 
_atom_site.B_iso_or_equiv 
_atom_site.pdbx_formal_charge 
_atom_site.auth_seq_id 
_atom_site.auth_comp_id 
_atom_site.auth_asym_id 
_atom_site.auth_atom_id 
_atom_site.pdbx_PDB_model_num 
ATOM   1   N N   . GLN A 1 7  ? -14.241 9.041   3.057   1.00 128.13 ? 916  GLN A N   1 
ATOM   2   C CA  . GLN A 1 7  ? -13.758 9.330   1.712   1.00 130.03 ? 916  GLN A CA  1 
ATOM   3   C C   . GLN A 1 7  ? -12.792 8.251   1.238   1.00 125.94 ? 916  GLN A C   1 
ATOM   4   O O   . GLN A 1 7  ? -11.619 8.525   0.984   1.00 129.43 ? 916  GLN A O   1 
ATOM   5   C CB  . GLN A 1 7  ? -13.091 10.698  1.672   1.00 136.10 ? 916  GLN A CB  1 
ATOM   6   N N   . THR A 1 8  ? -13.292 7.023   1.117   1.00 119.72 ? 917  THR A N   1 
ATOM   7   C CA  . THR A 1 8  ? -12.467 5.880   0.730   1.00 106.79 ? 917  THR A CA  1 
ATOM   8   C C   . THR A 1 8  ? -12.561 5.699   -0.781  1.00 107.38 ? 917  THR A C   1 
ATOM   9   O O   . THR A 1 8  ? -13.572 5.221   -1.300  1.00 107.85 ? 917  THR A O   1 
ATOM   10  C CB  . THR A 1 8  ? -12.905 4.618   1.463   1.00 94.96  ? 917  THR A CB  1 
ATOM   11  O OG1 . THR A 1 8  ? -13.997 4.010   0.763   1.00 86.90  ? 917  THR A OG1 1 
ATOM   12  C CG2 . THR A 1 8  ? -13.348 4.953   2.879   1.00 116.30 ? 917  THR A CG2 1 
ATOM   13  N N   . SER A 1 9  ? -11.504 6.085   -1.488  1.00 118.13 ? 918  SER A N   1 
ATOM   14  C CA  . SER A 1 9  ? -11.396 5.862   -2.921  1.00 125.37 ? 918  SER A CA  1 
ATOM   15  C C   . SER A 1 9  ? -10.583 4.600   -3.178  1.00 126.56 ? 918  SER A C   1 
ATOM   16  O O   . SER A 1 9  ? -9.547  4.377   -2.545  1.00 131.58 ? 918  SER A O   1 
ATOM   17  C CB  . SER A 1 9  ? -10.748 7.061   -3.617  1.00 130.43 ? 918  SER A CB  1 
ATOM   18  O OG  . SER A 1 9  ? -9.452  7.312   -3.103  1.00 134.25 ? 918  SER A OG  1 
ATOM   19  N N   . ASP A 1 10 ? -11.060 3.772   -4.103  1.00 121.26 ? 919  ASP A N   1 
ATOM   20  C CA  . ASP A 1 10 ? -10.425 2.501   -4.420  1.00 108.63 ? 919  ASP A CA  1 
ATOM   21  C C   . ASP A 1 10 ? -9.556  2.651   -5.661  1.00 99.73  ? 919  ASP A C   1 
ATOM   22  O O   . ASP A 1 10 ? -10.030 3.111   -6.705  1.00 96.19  ? 919  ASP A O   1 
ATOM   23  C CB  . ASP A 1 10 ? -11.471 1.405   -4.627  1.00 96.74  ? 919  ASP A CB  1 
ATOM   24  C CG  . ASP A 1 10 ? -12.002 0.855   -3.317  1.00 115.06 ? 919  ASP A CG  1 
ATOM   25  O OD1 . ASP A 1 10 ? -12.536 1.647   -2.511  1.00 122.37 ? 919  ASP A OD1 1 
ATOM   26  O OD2 . ASP A 1 10 ? -11.881 -0.368  -3.090  1.00 121.54 ? 919  ASP A OD2 1 
ATOM   27  N N   . VAL A 1 11 ? -8.291  2.258   -5.543  1.00 94.95  ? 920  VAL A N   1 
ATOM   28  C CA  . VAL A 1 11 ? -7.305  2.407   -6.607  1.00 87.16  ? 920  VAL A CA  1 
ATOM   29  C C   . VAL A 1 11 ? -6.728  1.035   -6.923  1.00 89.19  ? 920  VAL A C   1 
ATOM   30  O O   . VAL A 1 11 ? -6.106  0.405   -6.059  1.00 91.30  ? 920  VAL A O   1 
ATOM   31  C CB  . VAL A 1 11 ? -6.185  3.384   -6.215  1.00 84.28  ? 920  VAL A CB  1 
ATOM   32  C CG1 . VAL A 1 11 ? -5.139  3.459   -7.317  1.00 76.20  ? 920  VAL A CG1 1 
ATOM   33  C CG2 . VAL A 1 11 ? -6.759  4.761   -5.921  1.00 102.57 ? 920  VAL A CG2 1 
ATOM   34  N N   . VAL A 1 12 ? -6.931  0.577   -8.159  1.00 83.85  ? 921  VAL A N   1 
ATOM   35  C CA  . VAL A 1 12 ? -6.248  -0.612  -8.655  1.00 81.17  ? 921  VAL A CA  1 
ATOM   36  C C   . VAL A 1 12 ? -4.935  -0.172  -9.285  1.00 77.30  ? 921  VAL A C   1 
ATOM   37  O O   . VAL A 1 12 ? -4.819  0.924   -9.842  1.00 81.44  ? 921  VAL A O   1 
ATOM   38  C CB  . VAL A 1 12 ? -7.122  -1.410  -9.648  1.00 60.54  ? 921  VAL A CB  1 
ATOM   39  C CG1 . VAL A 1 12 ? -8.540  -1.555  -9.115  1.00 58.48  ? 921  VAL A CG1 1 
ATOM   40  C CG2 . VAL A 1 12 ? -7.126  -0.757  -11.019 1.00 67.83  ? 921  VAL A CG2 1 
ATOM   41  N N   . ILE A 1 13 ? -3.923  -1.025  -9.173  1.00 74.36  ? 922  ILE A N   1 
ATOM   42  C CA  . ILE A 1 13 ? -2.577  -0.718  -9.639  1.00 68.07  ? 922  ILE A CA  1 
ATOM   43  C C   . ILE A 1 13 ? -2.128  -1.875  -10.515 1.00 62.31  ? 922  ILE A C   1 
ATOM   44  O O   . ILE A 1 13 ? -1.940  -2.994  -10.021 1.00 58.69  ? 922  ILE A O   1 
ATOM   45  C CB  . ILE A 1 13 ? -1.598  -0.503  -8.478  1.00 71.91  ? 922  ILE A CB  1 
ATOM   46  C CG1 . ILE A 1 13 ? -2.047  0.680   -7.620  1.00 72.03  ? 922  ILE A CG1 1 
ATOM   47  C CG2 . ILE A 1 13 ? -0.189  -0.275  -9.007  1.00 60.65  ? 922  ILE A CG2 1 
ATOM   48  C CD1 . ILE A 1 13 ? -1.215  0.870   -6.381  1.00 76.73  ? 922  ILE A CD1 1 
ATOM   49  N N   . HIS A 1 14 ? -1.954  -1.614  -11.805 1.00 69.57  ? 923  HIS A N   1 
ATOM   50  C CA  . HIS A 1 14 ? -1.522  -2.626  -12.756 1.00 77.16  ? 923  HIS A CA  1 
ATOM   51  C C   . HIS A 1 14 ? -0.020  -2.492  -12.974 1.00 80.07  ? 923  HIS A C   1 
ATOM   52  O O   . HIS A 1 14 ? 0.458   -1.431  -13.391 1.00 95.49  ? 923  HIS A O   1 
ATOM   53  C CB  . HIS A 1 14 ? -2.279  -2.492  -14.076 1.00 76.00  ? 923  HIS A CB  1 
ATOM   54  C CG  . HIS A 1 14 ? -3.766  -2.588  -13.927 1.00 87.59  ? 923  HIS A CG  1 
ATOM   55  N ND1 . HIS A 1 14 ? -4.417  -3.785  -13.726 1.00 93.88  ? 923  HIS A ND1 1 
ATOM   56  C CD2 . HIS A 1 14 ? -4.727  -1.635  -13.949 1.00 97.43  ? 923  HIS A CD2 1 
ATOM   57  C CE1 . HIS A 1 14 ? -5.716  -3.566  -13.631 1.00 101.83 ? 923  HIS A CE1 1 
ATOM   58  N NE2 . HIS A 1 14 ? -5.932  -2.269  -13.764 1.00 98.44  ? 923  HIS A NE2 1 
ATOM   59  N N   . ARG A 1 15 ? 0.715   -3.558  -12.680 1.00 73.04  ? 924  ARG A N   1 
ATOM   60  C CA  . ARG A 1 15 ? 2.156   -3.610  -12.869 1.00 75.14  ? 924  ARG A CA  1 
ATOM   61  C C   . ARG A 1 15 ? 2.505   -4.618  -13.956 1.00 84.36  ? 924  ARG A C   1 
ATOM   62  O O   . ARG A 1 15 ? 1.668   -5.407  -14.403 1.00 85.04  ? 924  ARG A O   1 
ATOM   63  C CB  . ARG A 1 15 ? 2.867   -3.993  -11.566 1.00 71.80  ? 924  ARG A CB  1 
ATOM   64  C CG  . ARG A 1 15 ? 2.730   -5.473  -11.221 1.00 79.31  ? 924  ARG A CG  1 
ATOM   65  C CD  . ARG A 1 15 ? 3.546   -5.860  -9.996  1.00 69.46  ? 924  ARG A CD  1 
ATOM   66  N NE  . ARG A 1 15 ? 3.311   -7.251  -9.620  1.00 56.09  ? 924  ARG A NE  1 
ATOM   67  C CZ  . ARG A 1 15 ? 4.088   -8.263  -9.990  1.00 68.05  ? 924  ARG A CZ  1 
ATOM   68  N NH1 . ARG A 1 15 ? 5.158   -8.036  -10.739 1.00 78.03  ? 924  ARG A NH1 1 
ATOM   69  N NH2 . ARG A 1 15 ? 3.800   -9.501  -9.610  1.00 57.35  ? 924  ARG A NH2 1 
ATOM   70  N N   . LYS A 1 16 ? 3.764   -4.583  -14.375 1.00 102.26 ? 925  LYS A N   1 
ATOM   71  C CA  . LYS A 1 16 ? 4.334   -5.593  -15.252 1.00 104.61 ? 925  LYS A CA  1 
ATOM   72  C C   . LYS A 1 16 ? 5.105   -6.613  -14.419 1.00 116.45 ? 925  LYS A C   1 
ATOM   73  O O   . LYS A 1 16 ? 5.425   -6.379  -13.251 1.00 130.92 ? 925  LYS A O   1 
ATOM   74  C CB  . LYS A 1 16 ? 5.252   -4.953  -16.298 1.00 101.95 ? 925  LYS A CB  1 
ATOM   75  N N   . GLU A 1 17 ? 5.402   -7.759  -15.034 1.00 112.50 ? 926  GLU A N   1 
ATOM   76  C CA  . GLU A 1 17 ? 6.111   -8.809  -14.312 1.00 118.97 ? 926  GLU A CA  1 
ATOM   77  C C   . GLU A 1 17 ? 7.577   -8.463  -14.075 1.00 136.94 ? 926  GLU A C   1 
ATOM   78  O O   . GLU A 1 17 ? 8.205   -9.058  -13.192 1.00 112.42 ? 926  GLU A O   1 
ATOM   79  C CB  . GLU A 1 17 ? 5.998   -10.137 -15.062 1.00 129.83 ? 926  GLU A CB  1 
ATOM   80  C CG  . GLU A 1 17 ? 6.201   -11.360 -14.179 1.00 137.42 ? 926  GLU A CG  1 
ATOM   81  C CD  . GLU A 1 17 ? 5.224   -12.475 -14.492 1.00 149.25 ? 926  GLU A CD  1 
ATOM   82  O OE1 . GLU A 1 17 ? 5.227   -12.967 -15.641 1.00 155.21 ? 926  GLU A OE1 1 
ATOM   83  O OE2 . GLU A 1 17 ? 4.448   -12.855 -13.590 1.00 147.02 ? 926  GLU A OE2 1 
ATOM   84  N N   . ASN A 1 18 ? 8.129   -7.510  -14.827 1.00 178.22 ? 927  ASN A N   1 
ATOM   85  C CA  . ASN A 1 18 ? 9.524   -7.127  -14.639 1.00 184.53 ? 927  ASN A CA  1 
ATOM   86  C C   . ASN A 1 18 ? 9.690   -6.170  -13.465 1.00 171.92 ? 927  ASN A C   1 
ATOM   87  O O   . ASN A 1 18 ? 10.672  -6.261  -12.720 1.00 177.32 ? 927  ASN A O   1 
ATOM   88  C CB  . ASN A 1 18 ? 10.072  -6.493  -15.919 1.00 196.22 ? 927  ASN A CB  1 
ATOM   89  N N   . GLU A 1 19 ? 8.745   -5.254  -13.286 1.00 139.46 ? 928  GLU A N   1 
ATOM   90  C CA  . GLU A 1 19 ? 8.808   -4.258  -12.229 1.00 124.53 ? 928  GLU A CA  1 
ATOM   91  C C   . GLU A 1 19 ? 7.838   -4.617  -11.105 1.00 110.46 ? 928  GLU A C   1 
ATOM   92  O O   . GLU A 1 19 ? 7.083   -5.590  -11.177 1.00 126.33 ? 928  GLU A O   1 
ATOM   93  C CB  . GLU A 1 19 ? 8.507   -2.867  -12.792 1.00 126.17 ? 928  GLU A CB  1 
ATOM   94  N N   . GLY A 1 20 ? 7.874   -3.818  -10.038 1.00 73.65  ? 929  GLY A N   1 
ATOM   95  C CA  . GLY A 1 20 ? 6.898   -3.901  -8.977  1.00 54.29  ? 929  GLY A CA  1 
ATOM   96  C C   . GLY A 1 20 ? 5.896   -2.759  -9.062  1.00 57.73  ? 929  GLY A C   1 
ATOM   97  O O   . GLY A 1 20 ? 5.957   -1.899  -9.937  1.00 85.96  ? 929  GLY A O   1 
ATOM   98  N N   . PHE A 1 21 ? 4.953   -2.767  -8.118  1.00 57.27  ? 930  PHE A N   1 
ATOM   99  C CA  . PHE A 1 21 ? 3.953   -1.704  -8.089  1.00 58.46  ? 930  PHE A CA  1 
ATOM   100 C C   . PHE A 1 21 ? 4.590   -0.349  -7.807  1.00 73.04  ? 930  PHE A C   1 
ATOM   101 O O   . PHE A 1 21 ? 4.086   0.681   -8.267  1.00 74.92  ? 930  PHE A O   1 
ATOM   102 C CB  . PHE A 1 21 ? 2.874   -2.027  -7.056  1.00 50.69  ? 930  PHE A CB  1 
ATOM   103 C CG  . PHE A 1 21 ? 2.176   -3.336  -7.300  1.00 53.86  ? 930  PHE A CG  1 
ATOM   104 C CD1 . PHE A 1 21 ? 1.231   -3.455  -8.308  1.00 52.55  ? 930  PHE A CD1 1 
ATOM   105 C CD2 . PHE A 1 21 ? 2.460   -4.445  -6.521  1.00 46.80  ? 930  PHE A CD2 1 
ATOM   106 C CE1 . PHE A 1 21 ? 0.587   -4.659  -8.536  1.00 52.08  ? 930  PHE A CE1 1 
ATOM   107 C CE2 . PHE A 1 21 ? 1.820   -5.651  -6.743  1.00 46.34  ? 930  PHE A CE2 1 
ATOM   108 C CZ  . PHE A 1 21 ? 0.882   -5.759  -7.750  1.00 49.60  ? 930  PHE A CZ  1 
ATOM   109 N N   . GLY A 1 22 ? 5.694   -0.328  -7.066  1.00 72.12  ? 931  GLY A N   1 
ATOM   110 C CA  . GLY A 1 22 ? 6.471   0.884   -6.912  1.00 93.69  ? 931  GLY A CA  1 
ATOM   111 C C   . GLY A 1 22 ? 6.044   1.812   -5.801  1.00 93.99  ? 931  GLY A C   1 
ATOM   112 O O   . GLY A 1 22 ? 6.443   2.983   -5.809  1.00 88.79  ? 931  GLY A O   1 
ATOM   113 N N   . PHE A 1 23 ? 5.246   1.339   -4.849  1.00 74.65  ? 932  PHE A N   1 
ATOM   114 C CA  . PHE A 1 23 ? 4.911   2.110   -3.662  1.00 65.43  ? 932  PHE A CA  1 
ATOM   115 C C   . PHE A 1 23 ? 5.458   1.402   -2.431  1.00 60.89  ? 932  PHE A C   1 
ATOM   116 O O   . PHE A 1 23 ? 5.609   0.178   -2.416  1.00 72.60  ? 932  PHE A O   1 
ATOM   117 C CB  . PHE A 1 23 ? 3.393   2.322   -3.525  1.00 59.07  ? 932  PHE A CB  1 
ATOM   118 C CG  . PHE A 1 23 ? 2.615   1.058   -3.293  1.00 70.38  ? 932  PHE A CG  1 
ATOM   119 C CD1 . PHE A 1 23 ? 2.392   0.584   -2.007  1.00 76.24  ? 932  PHE A CD1 1 
ATOM   120 C CD2 . PHE A 1 23 ? 2.088   0.350   -4.361  1.00 61.18  ? 932  PHE A CD2 1 
ATOM   121 C CE1 . PHE A 1 23 ? 1.673   -0.577  -1.793  1.00 59.17  ? 932  PHE A CE1 1 
ATOM   122 C CE2 . PHE A 1 23 ? 1.364   -0.811  -4.151  1.00 72.48  ? 932  PHE A CE2 1 
ATOM   123 C CZ  . PHE A 1 23 ? 1.158   -1.275  -2.865  1.00 66.13  ? 932  PHE A CZ  1 
ATOM   124 N N   . VAL A 1 24 ? 5.759   2.183   -1.397  1.00 55.84  ? 933  VAL A N   1 
ATOM   125 C CA  . VAL A 1 24 ? 6.266   1.657   -0.134  1.00 62.70  ? 933  VAL A CA  1 
ATOM   126 C C   . VAL A 1 24 ? 5.227   1.905   0.948   1.00 66.87  ? 933  VAL A C   1 
ATOM   127 O O   . VAL A 1 24 ? 4.690   3.014   1.066   1.00 70.13  ? 933  VAL A O   1 
ATOM   128 C CB  . VAL A 1 24 ? 7.621   2.284   0.241   1.00 52.98  ? 933  VAL A CB  1 
ATOM   129 C CG1 . VAL A 1 24 ? 7.576   3.776   0.084   1.00 61.42  ? 933  VAL A CG1 1 
ATOM   130 C CG2 . VAL A 1 24 ? 8.007   1.918   1.665   1.00 77.41  ? 933  VAL A CG2 1 
ATOM   131 N N   . ILE A 1 25 ? 4.934   0.868   1.725   1.00 43.45  ? 934  ILE A N   1 
ATOM   132 C CA  . ILE A 1 25 ? 4.020   0.957   2.854   1.00 53.80  ? 934  ILE A CA  1 
ATOM   133 C C   . ILE A 1 25 ? 4.839   1.168   4.119   1.00 65.21  ? 934  ILE A C   1 
ATOM   134 O O   . ILE A 1 25 ? 5.839   0.474   4.345   1.00 53.07  ? 934  ILE A O   1 
ATOM   135 C CB  . ILE A 1 25 ? 3.150   -0.304  2.968   1.00 48.16  ? 934  ILE A CB  1 
ATOM   136 C CG1 . ILE A 1 25 ? 2.300   -0.477  1.710   1.00 55.16  ? 934  ILE A CG1 1 
ATOM   137 C CG2 . ILE A 1 25 ? 2.264   -0.232  4.199   1.00 49.87  ? 934  ILE A CG2 1 
ATOM   138 C CD1 . ILE A 1 25 ? 1.415   -1.699  1.747   1.00 55.15  ? 934  ILE A CD1 1 
ATOM   139 N N   . ILE A 1 26 ? 4.422   2.131   4.937   1.00 58.14  ? 935  ILE A N   1 
ATOM   140 C CA  . ILE A 1 26 ? 5.017   2.386   6.243   1.00 54.13  ? 935  ILE A CA  1 
ATOM   141 C C   . ILE A 1 26 ? 3.982   2.035   7.304   1.00 70.10  ? 935  ILE A C   1 
ATOM   142 O O   . ILE A 1 26 ? 2.868   2.576   7.301   1.00 94.08  ? 935  ILE A O   1 
ATOM   143 C CB  . ILE A 1 26 ? 5.495   3.842   6.378   1.00 64.15  ? 935  ILE A CB  1 
ATOM   144 C CG1 . ILE A 1 26 ? 5.813   4.171   7.838   1.00 80.84  ? 935  ILE A CG1 1 
ATOM   145 C CG2 . ILE A 1 26 ? 4.472   4.807   5.791   1.00 77.42  ? 935  ILE A CG2 1 
ATOM   146 C CD1 . ILE A 1 26 ? 6.958   3.379   8.418   1.00 87.13  ? 935  ILE A CD1 1 
ATOM   147 N N   . SER A 1 27 ? 4.341   1.121   8.201   1.00 56.27  ? 936  SER A N   1 
ATOM   148 C CA  . SER A 1 27 ? 3.469   0.702   9.287   1.00 81.20  ? 936  SER A CA  1 
ATOM   149 C C   . SER A 1 27 ? 4.009   1.211   10.616  1.00 96.00  ? 936  SER A C   1 
ATOM   150 O O   . SER A 1 27 ? 5.221   1.363   10.794  1.00 104.94 ? 936  SER A O   1 
ATOM   151 C CB  . SER A 1 27 ? 3.325   -0.822  9.322   1.00 96.45  ? 936  SER A CB  1 
ATOM   152 O OG  . SER A 1 27 ? 2.705   -1.298  8.138   1.00 79.10  ? 936  SER A OG  1 
ATOM   153 N N   . SER A 1 28 ? 3.096   1.470   11.554  1.00 109.95 ? 937  SER A N   1 
ATOM   154 C CA  . SER A 1 28 ? 3.444   2.096   12.822  1.00 119.84 ? 937  SER A CA  1 
ATOM   155 C C   . SER A 1 28 ? 3.417   1.147   14.011  1.00 123.81 ? 937  SER A C   1 
ATOM   156 O O   . SER A 1 28 ? 3.949   1.503   15.070  1.00 138.95 ? 937  SER A O   1 
ATOM   157 C CB  . SER A 1 28 ? 2.502   3.278   13.103  1.00 132.49 ? 937  SER A CB  1 
ATOM   158 O OG  . SER A 1 28 ? 2.600   4.258   12.084  1.00 140.73 ? 937  SER A OG  1 
ATOM   159 N N   . LEU A 1 29 ? 2.818   -0.034  13.873  1.00 108.48 ? 938  LEU A N   1 
ATOM   160 C CA  . LEU A 1 29 ? 2.745   -1.017  14.956  1.00 113.19 ? 938  LEU A CA  1 
ATOM   161 C C   . LEU A 1 29 ? 2.079   -0.443  16.207  1.00 118.09 ? 938  LEU A C   1 
ATOM   162 O O   . LEU A 1 29 ? 2.740   -0.181  17.214  1.00 99.62  ? 938  LEU A O   1 
ATOM   163 C CB  . LEU A 1 29 ? 4.143   -1.546  15.299  1.00 97.93  ? 938  LEU A CB  1 
ATOM   164 N N   . ALA A 1 36 ? -6.976  -1.922  18.531  1.00 184.33 ? 945  ALA A N   1 
ATOM   165 C CA  . ALA A 1 36 ? -6.679  -1.280  17.256  1.00 180.46 ? 945  ALA A CA  1 
ATOM   166 C C   . ALA A 1 36 ? -7.945  -1.128  16.420  1.00 184.35 ? 945  ALA A C   1 
ATOM   167 O O   . ALA A 1 36 ? -7.985  -1.526  15.255  1.00 174.05 ? 945  ALA A O   1 
ATOM   168 C CB  . ALA A 1 36 ? -5.628  -2.074  16.495  1.00 172.60 ? 945  ALA A CB  1 
ATOM   169 N N   . THR A 1 37 ? -8.981  -0.545  17.025  1.00 202.25 ? 946  THR A N   1 
ATOM   170 C CA  . THR A 1 37 ? -10.257 -0.381  16.337  1.00 206.07 ? 946  THR A CA  1 
ATOM   171 C C   . THR A 1 37 ? -10.247 0.841   15.427  1.00 201.22 ? 946  THR A C   1 
ATOM   172 O O   . THR A 1 37 ? -10.597 0.747   14.245  1.00 193.96 ? 946  THR A O   1 
ATOM   173 C CB  . THR A 1 37 ? -11.394 -0.285  17.356  1.00 219.29 ? 946  THR A CB  1 
ATOM   174 N N   . ILE A 1 38 ? -9.854  1.997   15.958  1.00 204.09 ? 947  ILE A N   1 
ATOM   175 C CA  . ILE A 1 38 ? -9.805  3.242   15.194  1.00 191.66 ? 947  ILE A CA  1 
ATOM   176 C C   . ILE A 1 38 ? -8.380  3.611   14.802  1.00 182.84 ? 947  ILE A C   1 
ATOM   177 O O   . ILE A 1 38 ? -8.008  4.788   14.812  1.00 190.84 ? 947  ILE A O   1 
ATOM   178 C CB  . ILE A 1 38 ? -10.456 4.373   15.984  1.00 196.77 ? 947  ILE A CB  1 
ATOM   179 N N   . THR A 1 39 ? -7.561  2.622   14.444  1.00 163.50 ? 948  THR A N   1 
ATOM   180 C CA  . THR A 1 39 ? -6.163  2.835   14.096  1.00 150.56 ? 948  THR A CA  1 
ATOM   181 C C   . THR A 1 39 ? -5.919  2.455   12.642  1.00 117.84 ? 948  THR A C   1 
ATOM   182 O O   . THR A 1 39 ? -6.408  1.426   12.167  1.00 98.03  ? 948  THR A O   1 
ATOM   183 C CB  . THR A 1 39 ? -5.232  2.015   14.994  1.00 154.46 ? 948  THR A CB  1 
ATOM   184 O OG1 . THR A 1 39 ? -5.346  0.626   14.658  1.00 148.18 ? 948  THR A OG1 1 
ATOM   185 C CG2 . THR A 1 39 ? -5.592  2.210   16.459  1.00 164.76 ? 948  THR A CG2 1 
ATOM   186 N N   . VAL A 1 40 ? -5.152  3.288   11.946  1.00 105.18 ? 949  VAL A N   1 
ATOM   187 C CA  . VAL A 1 40 ? -4.745  3.022   10.569  1.00 89.35  ? 949  VAL A CA  1 
ATOM   188 C C   . VAL A 1 40 ? -3.221  3.014   10.512  1.00 89.16  ? 949  VAL A C   1 
ATOM   189 O O   . VAL A 1 40 ? -2.608  4.005   10.086  1.00 79.97  ? 949  VAL A O   1 
ATOM   190 C CB  . VAL A 1 40 ? -5.352  4.047   9.597   1.00 85.02  ? 949  VAL A CB  1 
ATOM   191 C CG1 . VAL A 1 40 ? -6.775  3.658   9.255   1.00 81.90  ? 949  VAL A CG1 1 
ATOM   192 C CG2 . VAL A 1 40 ? -5.334  5.442   10.213  1.00 103.22 ? 949  VAL A CG2 1 
ATOM   193 N N   . PRO A 1 41 ? -2.570  1.921   10.919  1.00 90.88  ? 950  PRO A N   1 
ATOM   194 C CA  . PRO A 1 41 ? -1.108  1.960   11.068  1.00 72.09  ? 950  PRO A CA  1 
ATOM   195 C C   . PRO A 1 41 ? -0.365  2.075   9.751   1.00 66.74  ? 950  PRO A C   1 
ATOM   196 O O   . PRO A 1 41 ? 0.766   2.574   9.737   1.00 72.80  ? 950  PRO A O   1 
ATOM   197 C CB  . PRO A 1 41 ? -0.788  0.632   11.774  1.00 83.67  ? 950  PRO A CB  1 
ATOM   198 C CG  . PRO A 1 41 ? -2.111  0.110   12.276  1.00 89.84  ? 950  PRO A CG  1 
ATOM   199 C CD  . PRO A 1 41 ? -3.128  0.618   11.311  1.00 88.39  ? 950  PRO A CD  1 
ATOM   200 N N   . HIS A 1 42 ? -0.961  1.636   8.648   1.00 62.98  ? 951  HIS A N   1 
ATOM   201 C CA  . HIS A 1 42 ? -0.263  1.548   7.373   1.00 58.61  ? 951  HIS A CA  1 
ATOM   202 C C   . HIS A 1 42 ? -0.674  2.689   6.453   1.00 64.10  ? 951  HIS A C   1 
ATOM   203 O O   . HIS A 1 42 ? -1.851  3.054   6.380   1.00 82.40  ? 951  HIS A O   1 
ATOM   204 C CB  . HIS A 1 42 ? -0.540  0.205   6.699   1.00 53.35  ? 951  HIS A CB  1 
ATOM   205 C CG  . HIS A 1 42 ? -0.811  -0.905  7.665   1.00 55.71  ? 951  HIS A CG  1 
ATOM   206 N ND1 . HIS A 1 42 ? 0.170   -1.445  8.470   1.00 52.59  ? 951  HIS A ND1 1 
ATOM   207 C CD2 . HIS A 1 42 ? -1.953  -1.565  7.967   1.00 53.97  ? 951  HIS A CD2 1 
ATOM   208 C CE1 . HIS A 1 42 ? -0.356  -2.395  9.223   1.00 53.61  ? 951  HIS A CE1 1 
ATOM   209 N NE2 . HIS A 1 42 ? -1.642  -2.488  8.937   1.00 64.38  ? 951  HIS A NE2 1 
ATOM   210 N N   . LYS A 1 43 ? 0.309   3.246   5.754   1.00 63.58  ? 952  LYS A N   1 
ATOM   211 C CA  . LYS A 1 43 ? 0.091   4.323   4.802   1.00 76.45  ? 952  LYS A CA  1 
ATOM   212 C C   . LYS A 1 43 ? 1.160   4.220   3.719   1.00 75.71  ? 952  LYS A C   1 
ATOM   213 O O   . LYS A 1 43 ? 1.962   3.281   3.702   1.00 66.59  ? 952  LYS A O   1 
ATOM   214 C CB  . LYS A 1 43 ? 0.111   5.685   5.508   1.00 77.51  ? 952  LYS A CB  1 
ATOM   215 N N   . ILE A 1 44 ? 1.171   5.189   2.811   1.00 75.49  ? 953  ILE A N   1 
ATOM   216 C CA  . ILE A 1 44 ? 2.205   5.302   1.788   1.00 83.78  ? 953  ILE A CA  1 
ATOM   217 C C   . ILE A 1 44 ? 3.251   6.292   2.274   1.00 83.39  ? 953  ILE A C   1 
ATOM   218 O O   . ILE A 1 44 ? 2.914   7.337   2.845   1.00 96.49  ? 953  ILE A O   1 
ATOM   219 C CB  . ILE A 1 44 ? 1.606   5.731   0.436   1.00 73.42  ? 953  ILE A CB  1 
ATOM   220 C CG1 . ILE A 1 44 ? 0.456   4.796   0.059   1.00 65.42  ? 953  ILE A CG1 1 
ATOM   221 C CG2 . ILE A 1 44 ? 2.680   5.756   -0.648  1.00 81.28  ? 953  ILE A CG2 1 
ATOM   222 C CD1 . ILE A 1 44 ? 0.129   4.776   -1.410  1.00 89.89  ? 953  ILE A CD1 1 
ATOM   223 N N   . GLY A 1 45 ? 4.521   5.960   2.069   1.00 75.65  ? 954  GLY A N   1 
ATOM   224 C CA  . GLY A 1 45 ? 5.599   6.801   2.549   1.00 91.01  ? 954  GLY A CA  1 
ATOM   225 C C   . GLY A 1 45 ? 6.420   7.419   1.439   1.00 112.96 ? 954  GLY A C   1 
ATOM   226 O O   . GLY A 1 45 ? 7.059   8.458   1.631   1.00 146.58 ? 954  GLY A O   1 
ATOM   227 N N   . ARG A 1 46 ? 6.408   6.783   0.271   1.00 88.37  ? 955  ARG A N   1 
ATOM   228 C CA  . ARG A 1 46 ? 7.171   7.240   -0.884  1.00 95.25  ? 955  ARG A CA  1 
ATOM   229 C C   . ARG A 1 46 ? 6.648   6.498   -2.107  1.00 87.80  ? 955  ARG A C   1 
ATOM   230 O O   . ARG A 1 46 ? 5.899   5.525   -1.994  1.00 73.27  ? 955  ARG A O   1 
ATOM   231 C CB  . ARG A 1 46 ? 8.675   7.009   -0.702  1.00 63.87  ? 955  ARG A CB  1 
ATOM   232 N N   . ILE A 1 47 ? 7.050   6.979   -3.281  1.00 95.84  ? 956  ILE A N   1 
ATOM   233 C CA  . ILE A 1 47 ? 6.662   6.381   -4.554  1.00 80.40  ? 956  ILE A CA  1 
ATOM   234 C C   . ILE A 1 47 ? 7.886   6.377   -5.458  1.00 91.77  ? 956  ILE A C   1 
ATOM   235 O O   . ILE A 1 47 ? 8.437   7.441   -5.764  1.00 120.95 ? 956  ILE A O   1 
ATOM   236 C CB  . ILE A 1 47 ? 5.501   7.137   -5.227  1.00 85.06  ? 956  ILE A CB  1 
ATOM   237 C CG1 . ILE A 1 47 ? 4.214   6.977   -4.415  1.00 73.66  ? 956  ILE A CG1 1 
ATOM   238 C CG2 . ILE A 1 47 ? 5.308   6.655   -6.659  1.00 90.53  ? 956  ILE A CG2 1 
ATOM   239 C CD1 . ILE A 1 47 ? 3.035   7.733   -4.984  1.00 79.64  ? 956  ILE A CD1 1 
ATOM   240 N N   . ILE A 1 48 ? 8.318   5.187   -5.880  1.00 72.16  ? 957  ILE A N   1 
ATOM   241 C CA  . ILE A 1 48 ? 9.489   5.087   -6.742  1.00 79.40  ? 957  ILE A CA  1 
ATOM   242 C C   . ILE A 1 48 ? 9.204   5.769   -8.072  1.00 89.93  ? 957  ILE A C   1 
ATOM   243 O O   . ILE A 1 48 ? 8.164   5.536   -8.700  1.00 89.87  ? 957  ILE A O   1 
ATOM   244 C CB  . ILE A 1 48 ? 9.893   3.617   -6.929  1.00 65.09  ? 957  ILE A CB  1 
ATOM   245 C CG1 . ILE A 1 48 ? 10.585  3.094   -5.668  1.00 60.57  ? 957  ILE A CG1 1 
ATOM   246 C CG2 . ILE A 1 48 ? 10.795  3.455   -8.148  1.00 68.94  ? 957  ILE A CG2 1 
ATOM   247 C CD1 . ILE A 1 48 ? 11.410  1.841   -5.892  1.00 79.91  ? 957  ILE A CD1 1 
ATOM   248 N N   . ASP A 1 49 ? 10.126  6.629   -8.498  1.00 99.73  ? 958  ASP A N   1 
ATOM   249 C CA  . ASP A 1 49 ? 9.958   7.346   -9.754  1.00 122.81 ? 958  ASP A CA  1 
ATOM   250 C C   . ASP A 1 49 ? 9.974   6.379   -10.931 1.00 122.52 ? 958  ASP A C   1 
ATOM   251 O O   . ASP A 1 49 ? 10.803  5.466   -10.997 1.00 119.11 ? 958  ASP A O   1 
ATOM   252 C CB  . ASP A 1 49 ? 11.058  8.395   -9.919  1.00 116.27 ? 958  ASP A CB  1 
ATOM   253 N N   . GLY A 1 50 ? 9.049   6.582   -11.864 1.00 119.71 ? 959  GLY A N   1 
ATOM   254 C CA  . GLY A 1 50 ? 8.960   5.710   -13.019 1.00 135.29 ? 959  GLY A CA  1 
ATOM   255 C C   . GLY A 1 50 ? 8.373   4.350   -12.724 1.00 137.29 ? 959  GLY A C   1 
ATOM   256 O O   . GLY A 1 50 ? 8.712   3.375   -13.401 1.00 147.03 ? 959  GLY A O   1 
ATOM   257 N N   . SER A 1 51 ? 7.502   4.258   -11.729 1.00 129.79 ? 960  SER A N   1 
ATOM   258 C CA  . SER A 1 51 ? 6.865   3.015   -11.334 1.00 118.95 ? 960  SER A CA  1 
ATOM   259 C C   . SER A 1 51 ? 5.374   3.056   -11.641 1.00 121.43 ? 960  SER A C   1 
ATOM   260 O O   . SER A 1 51 ? 4.798   4.134   -11.823 1.00 126.23 ? 960  SER A O   1 
ATOM   261 C CB  . SER A 1 51 ? 7.074   2.759   -9.835  1.00 110.26 ? 960  SER A CB  1 
ATOM   262 O OG  . SER A 1 51 ? 6.275   3.631   -9.054  1.00 119.53 ? 960  SER A OG  1 
ATOM   263 N N   . PRO A 1 52 ? 4.718   1.895   -11.727 1.00 112.32 ? 961  PRO A N   1 
ATOM   264 C CA  . PRO A 1 52 ? 3.264   1.889   -11.965 1.00 94.90  ? 961  PRO A CA  1 
ATOM   265 C C   . PRO A 1 52 ? 2.472   2.732   -10.978 1.00 89.68  ? 961  PRO A C   1 
ATOM   266 O O   . PRO A 1 52 ? 1.439   3.299   -11.356 1.00 80.03  ? 961  PRO A O   1 
ATOM   267 C CB  . PRO A 1 52 ? 2.909   0.402   -11.851 1.00 95.09  ? 961  PRO A CB  1 
ATOM   268 C CG  . PRO A 1 52 ? 4.142   -0.295  -12.307 1.00 98.23  ? 961  PRO A CG  1 
ATOM   269 C CD  . PRO A 1 52 ? 5.298   0.544   -11.831 1.00 100.99 ? 961  PRO A CD  1 
ATOM   270 N N   . ALA A 1 53 ? 2.923   2.837   -9.725  1.00 91.61  ? 962  ALA A N   1 
ATOM   271 C CA  . ALA A 1 53 ? 2.265   3.741   -8.788  1.00 77.45  ? 962  ALA A CA  1 
ATOM   272 C C   . ALA A 1 53 ? 2.456   5.195   -9.194  1.00 91.84  ? 962  ALA A C   1 
ATOM   273 O O   . ALA A 1 53 ? 1.605   6.041   -8.894  1.00 90.62  ? 962  ALA A O   1 
ATOM   274 C CB  . ALA A 1 53 ? 2.792   3.508   -7.373  1.00 66.56  ? 962  ALA A CB  1 
ATOM   275 N N   . ASP A 1 54 ? 3.561   5.502   -9.876  1.00 107.44 ? 963  ASP A N   1 
ATOM   276 C CA  . ASP A 1 54 ? 3.797   6.854   -10.368 1.00 122.00 ? 963  ASP A CA  1 
ATOM   277 C C   . ASP A 1 54 ? 3.000   7.129   -11.638 1.00 134.24 ? 963  ASP A C   1 
ATOM   278 O O   . ASP A 1 54 ? 2.516   8.249   -11.841 1.00 133.40 ? 963  ASP A O   1 
ATOM   279 C CB  . ASP A 1 54 ? 5.292   7.061   -10.616 1.00 111.04 ? 963  ASP A CB  1 
ATOM   280 C CG  . ASP A 1 54 ? 5.707   8.511   -10.514 1.00 102.80 ? 963  ASP A CG  1 
ATOM   281 O OD1 . ASP A 1 54 ? 4.896   9.330   -10.033 1.00 110.07 ? 963  ASP A OD1 1 
ATOM   282 O OD2 . ASP A 1 54 ? 6.846   8.831   -10.915 1.00 102.37 ? 963  ASP A OD2 1 
ATOM   283 N N   . ARG A 1 55 ? 2.851   6.118   -12.498 1.00 141.47 ? 964  ARG A N   1 
ATOM   284 C CA  . ARG A 1 55 ? 2.107   6.296   -13.742 1.00 132.26 ? 964  ARG A CA  1 
ATOM   285 C C   . ARG A 1 55 ? 0.605   6.348   -13.483 1.00 141.22 ? 964  ARG A C   1 
ATOM   286 O O   . ARG A 1 55 ? -0.096  7.211   -14.024 1.00 145.52 ? 964  ARG A O   1 
ATOM   287 C CB  . ARG A 1 55 ? 2.452   5.175   -14.723 1.00 120.20 ? 964  ARG A CB  1 
ATOM   288 C CG  . ARG A 1 55 ? 3.940   4.885   -14.826 1.00 120.12 ? 964  ARG A CG  1 
ATOM   289 C CD  . ARG A 1 55 ? 4.273   4.126   -16.099 1.00 136.14 ? 964  ARG A CD  1 
ATOM   290 N NE  . ARG A 1 55 ? 3.794   2.748   -16.052 1.00 136.13 ? 964  ARG A NE  1 
ATOM   291 C CZ  . ARG A 1 55 ? 4.552   1.706   -15.723 1.00 135.38 ? 964  ARG A CZ  1 
ATOM   292 N NH1 . ARG A 1 55 ? 5.828   1.884   -15.410 1.00 137.09 ? 964  ARG A NH1 1 
ATOM   293 N NH2 . ARG A 1 55 ? 4.034   0.485   -15.705 1.00 134.26 ? 964  ARG A NH2 1 
ATOM   294 N N   . CYS A 1 56 ? 0.091   5.426   -12.664 1.00 147.67 ? 965  CYS A N   1 
ATOM   295 C CA  . CYS A 1 56 ? -1.313  5.497   -12.270 1.00 157.46 ? 965  CYS A CA  1 
ATOM   296 C C   . CYS A 1 56 ? -1.603  6.798   -11.532 1.00 182.70 ? 965  CYS A C   1 
ATOM   297 O O   . CYS A 1 56 ? -2.682  7.384   -11.690 1.00 192.40 ? 965  CYS A O   1 
ATOM   298 C CB  . CYS A 1 56 ? -1.680  4.290   -11.404 1.00 149.43 ? 965  CYS A CB  1 
ATOM   299 S SG  . CYS A 1 56 ? -1.919  2.752   -12.330 1.00 154.54 ? 965  CYS A SG  1 
ATOM   300 N N   . ALA A 1 57 ? -0.653  7.258   -10.715 1.00 192.01 ? 966  ALA A N   1 
ATOM   301 C CA  . ALA A 1 57 ? -0.661  8.578   -10.084 1.00 194.63 ? 966  ALA A CA  1 
ATOM   302 C C   . ALA A 1 57 ? -1.907  8.836   -9.242  1.00 182.18 ? 966  ALA A C   1 
ATOM   303 O O   . ALA A 1 57 ? -2.198  9.987   -8.901  1.00 198.74 ? 966  ALA A O   1 
ATOM   304 C CB  . ALA A 1 57 ? -0.495  9.691   -11.126 1.00 207.51 ? 966  ALA A CB  1 
ATOM   305 N N   . LYS A 1 58 ? -2.656  7.795   -8.885  1.00 142.82 ? 967  LYS A N   1 
ATOM   306 C CA  . LYS A 1 58 ? -3.823  7.970   -8.036  1.00 118.76 ? 967  LYS A CA  1 
ATOM   307 C C   . LYS A 1 58 ? -3.492  7.897   -6.552  1.00 123.43 ? 967  LYS A C   1 
ATOM   308 O O   . LYS A 1 58 ? -4.372  8.151   -5.724  1.00 131.99 ? 967  LYS A O   1 
ATOM   309 C CB  . LYS A 1 58 ? -4.887  6.923   -8.374  1.00 104.91 ? 967  LYS A CB  1 
ATOM   310 N N   . LEU A 1 59 ? -2.254  7.564   -6.200  1.00 116.76 ? 968  LEU A N   1 
ATOM   311 C CA  . LEU A 1 59 ? -1.830  7.466   -4.811  1.00 106.03 ? 968  LEU A CA  1 
ATOM   312 C C   . LEU A 1 59 ? -1.111  8.742   -4.403  1.00 113.50 ? 968  LEU A C   1 
ATOM   313 O O   . LEU A 1 59 ? -0.165  9.168   -5.073  1.00 126.57 ? 968  LEU A O   1 
ATOM   314 C CB  . LEU A 1 59 ? -0.895  6.274   -4.602  1.00 102.62 ? 968  LEU A CB  1 
ATOM   315 C CG  . LEU A 1 59 ? -1.371  4.868   -4.947  1.00 81.35  ? 968  LEU A CG  1 
ATOM   316 C CD1 . LEU A 1 59 ? -0.179  3.931   -4.919  1.00 67.29  ? 968  LEU A CD1 1 
ATOM   317 C CD2 . LEU A 1 59 ? -2.445  4.413   -3.974  1.00 88.19  ? 968  LEU A CD2 1 
ATOM   318 N N   . LYS A 1 60 ? -1.559  9.347   -3.310  1.00 120.84 ? 969  LYS A N   1 
ATOM   319 C CA  . LYS A 1 60 ? -0.773  10.384  -2.665  1.00 127.14 ? 969  LYS A CA  1 
ATOM   320 C C   . LYS A 1 60 ? 0.152   9.752   -1.629  1.00 117.22 ? 969  LYS A C   1 
ATOM   321 O O   . LYS A 1 60 ? -0.096  8.656   -1.122  1.00 106.26 ? 969  LYS A O   1 
ATOM   322 C CB  . LYS A 1 60 ? -1.669  11.436  -2.013  1.00 125.32 ? 969  LYS A CB  1 
ATOM   323 N N   . VAL A 1 61 ? 1.224   10.473  -1.312  1.00 124.33 ? 970  VAL A N   1 
ATOM   324 C CA  . VAL A 1 61 ? 2.351   9.935   -0.557  1.00 117.80 ? 970  VAL A CA  1 
ATOM   325 C C   . VAL A 1 61 ? 2.002   9.980   0.933   1.00 108.37 ? 970  VAL A C   1 
ATOM   326 O O   . VAL A 1 61 ? 2.869   9.866   1.805   1.00 122.51 ? 970  VAL A O   1 
ATOM   327 C CB  . VAL A 1 61 ? 3.628   10.724  -0.936  1.00 126.91 ? 970  VAL A CB  1 
ATOM   328 C CG1 . VAL A 1 61 ? 4.863   10.340  -0.115  1.00 95.16  ? 970  VAL A CG1 1 
ATOM   329 C CG2 . VAL A 1 61 ? 3.906   10.581  -2.429  1.00 142.64 ? 970  VAL A CG2 1 
ATOM   330 N N   . GLY A 1 62 ? 0.714   10.107  1.237   1.00 96.38  ? 971  GLY A N   1 
ATOM   331 C CA  . GLY A 1 62 ? 0.265   10.061  2.614   1.00 91.16  ? 971  GLY A CA  1 
ATOM   332 C C   . GLY A 1 62 ? -1.018  9.280   2.808   1.00 98.04  ? 971  GLY A C   1 
ATOM   333 O O   . GLY A 1 62 ? -1.683  9.411   3.841   1.00 95.80  ? 971  GLY A O   1 
ATOM   334 N N   . ASP A 1 63 ? -1.375  8.453   1.829   1.00 113.80 ? 972  ASP A N   1 
ATOM   335 C CA  . ASP A 1 63 ? -2.656  7.760   1.851   1.00 112.79 ? 972  ASP A CA  1 
ATOM   336 C C   . ASP A 1 63 ? -2.629  6.590   2.827   1.00 103.30 ? 972  ASP A C   1 
ATOM   337 O O   . ASP A 1 63 ? -1.756  5.721   2.745   1.00 107.59 ? 972  ASP A O   1 
ATOM   338 C CB  . ASP A 1 63 ? -3.017  7.275   0.449   1.00 122.38 ? 972  ASP A CB  1 
ATOM   339 C CG  . ASP A 1 63 ? -3.137  8.414   -0.539  1.00 144.48 ? 972  ASP A CG  1 
ATOM   340 O OD1 . ASP A 1 63 ? -3.259  9.571   -0.086  1.00 159.49 ? 972  ASP A OD1 1 
ATOM   341 O OD2 . ASP A 1 63 ? -3.103  8.159   -1.760  1.00 148.25 ? 972  ASP A OD2 1 
ATOM   342 N N   . ARG A 1 64 ? -3.595  6.569   3.744   1.00 82.00  ? 973  ARG A N   1 
ATOM   343 C CA  . ARG A 1 64 ? -3.739  5.483   4.705   1.00 81.76  ? 973  ARG A CA  1 
ATOM   344 C C   . ARG A 1 64 ? -4.585  4.378   4.082   1.00 80.56  ? 973  ARG A C   1 
ATOM   345 O O   . ARG A 1 64 ? -5.746  4.605   3.725   1.00 71.41  ? 973  ARG A O   1 
ATOM   346 C CB  . ARG A 1 64 ? -4.372  5.987   6.004   1.00 79.78  ? 973  ARG A CB  1 
ATOM   347 N N   . ILE A 1 65 ? -4.003  3.190   3.952   1.00 74.87  ? 974  ILE A N   1 
ATOM   348 C CA  . ILE A 1 65 ? -4.671  2.078   3.283   1.00 74.80  ? 974  ILE A CA  1 
ATOM   349 C C   . ILE A 1 65 ? -5.574  1.366   4.281   1.00 70.11  ? 974  ILE A C   1 
ATOM   350 O O   . ILE A 1 65 ? -5.155  1.050   5.402   1.00 74.88  ? 974  ILE A O   1 
ATOM   351 C CB  . ILE A 1 65 ? -3.642  1.108   2.675   1.00 62.55  ? 974  ILE A CB  1 
ATOM   352 C CG1 . ILE A 1 65 ? -2.814  1.801   1.590   1.00 76.70  ? 974  ILE A CG1 1 
ATOM   353 C CG2 . ILE A 1 65 ? -4.332  -0.111  2.092   1.00 61.67  ? 974  ILE A CG2 1 
ATOM   354 C CD1 . ILE A 1 65 ? -1.490  2.348   2.078   1.00 96.40  ? 974  ILE A CD1 1 
ATOM   355 N N   . LEU A 1 66 ? -6.819  1.115   3.878   1.00 61.65  ? 975  LEU A N   1 
ATOM   356 C CA  . LEU A 1 66 ? -7.734  0.341   4.708   1.00 63.92  ? 975  LEU A CA  1 
ATOM   357 C C   . LEU A 1 66 ? -7.729  -1.139  4.349   1.00 62.95  ? 975  LEU A C   1 
ATOM   358 O O   . LEU A 1 66 ? -7.817  -1.990  5.240   1.00 62.74  ? 975  LEU A O   1 
ATOM   359 C CB  . LEU A 1 66 ? -9.160  0.889   4.595   1.00 81.50  ? 975  LEU A CB  1 
ATOM   360 C CG  . LEU A 1 66 ? -9.449  2.345   4.975   1.00 96.83  ? 975  LEU A CG  1 
ATOM   361 C CD1 . LEU A 1 66 ? -9.310  3.270   3.775   1.00 103.67 ? 975  LEU A CD1 1 
ATOM   362 C CD2 . LEU A 1 66 ? -10.835 2.475   5.591   1.00 95.13  ? 975  LEU A CD2 1 
ATOM   363 N N   . ALA A 1 67 ? -7.617  -1.466  3.061   1.00 65.35  ? 976  ALA A N   1 
ATOM   364 C CA  . ALA A 1 67 ? -7.698  -2.850  2.620   1.00 67.30  ? 976  ALA A CA  1 
ATOM   365 C C   . ALA A 1 67 ? -6.827  -3.052  1.388   1.00 69.02  ? 976  ALA A C   1 
ATOM   366 O O   . ALA A 1 67 ? -6.477  -2.102  0.682   1.00 69.28  ? 976  ALA A O   1 
ATOM   367 C CB  . ALA A 1 67 ? -9.143  -3.260  2.321   1.00 54.24  ? 976  ALA A CB  1 
ATOM   368 N N   . VAL A 1 68 ? -6.487  -4.315  1.140   1.00 60.15  ? 977  VAL A N   1 
ATOM   369 C CA  . VAL A 1 68 ? -5.680  -4.722  -0.005  1.00 57.76  ? 977  VAL A CA  1 
ATOM   370 C C   . VAL A 1 68 ? -6.384  -5.892  -0.677  1.00 56.35  ? 977  VAL A C   1 
ATOM   371 O O   . VAL A 1 68 ? -6.562  -6.949  -0.059  1.00 40.36  ? 977  VAL A O   1 
ATOM   372 C CB  . VAL A 1 68 ? -4.249  -5.111  0.405   1.00 57.79  ? 977  VAL A CB  1 
ATOM   373 C CG1 . VAL A 1 68 ? -3.538  -5.810  -0.744  1.00 52.21  ? 977  VAL A CG1 1 
ATOM   374 C CG2 . VAL A 1 68 ? -3.469  -3.883  0.847   1.00 48.09  ? 977  VAL A CG2 1 
ATOM   375 N N   . ASN A 1 69 ? -6.779  -5.705  -1.939  1.00 41.16  ? 978  ASN A N   1 
ATOM   376 C CA  . ASN A 1 69 ? -7.505  -6.720  -2.706  1.00 55.77  ? 978  ASN A CA  1 
ATOM   377 C C   . ASN A 1 69 ? -8.772  -7.160  -1.973  1.00 56.82  ? 978  ASN A C   1 
ATOM   378 O O   . ASN A 1 69 ? -9.055  -8.352  -1.830  1.00 43.73  ? 978  ASN A O   1 
ATOM   379 C CB  . ASN A 1 69 ? -6.613  -7.922  -3.026  1.00 43.76  ? 978  ASN A CB  1 
ATOM   380 C CG  . ASN A 1 69 ? -5.490  -7.575  -3.979  1.00 52.65  ? 978  ASN A CG  1 
ATOM   381 O OD1 . ASN A 1 69 ? -5.641  -6.724  -4.855  1.00 71.14  ? 978  ASN A OD1 1 
ATOM   382 N ND2 . ASN A 1 69 ? -4.351  -8.239  -3.817  1.00 47.80  ? 978  ASN A ND2 1 
ATOM   383 N N   . GLY A 1 70 ? -9.537  -6.176  -1.505  1.00 44.51  ? 979  GLY A N   1 
ATOM   384 C CA  . GLY A 1 70 ? -10.776 -6.454  -0.807  1.00 42.31  ? 979  GLY A CA  1 
ATOM   385 C C   . GLY A 1 70 ? -10.613 -7.119  0.537   1.00 43.55  ? 979  GLY A C   1 
ATOM   386 O O   . GLY A 1 70 ? -11.551 -7.758  1.018   1.00 61.15  ? 979  GLY A O   1 
ATOM   387 N N   . GLN A 1 71 ? -9.448  -6.983  1.165   1.00 42.57  ? 980  GLN A N   1 
ATOM   388 C CA  . GLN A 1 71 ? -9.149  -7.651  2.425   1.00 45.53  ? 980  GLN A CA  1 
ATOM   389 C C   . GLN A 1 71 ? -8.686  -6.605  3.427   1.00 67.90  ? 980  GLN A C   1 
ATOM   390 O O   . GLN A 1 71 ? -7.648  -5.970  3.223   1.00 72.76  ? 980  GLN A O   1 
ATOM   391 C CB  . GLN A 1 71 ? -8.077  -8.725  2.229   1.00 48.43  ? 980  GLN A CB  1 
ATOM   392 C CG  . GLN A 1 71 ? -8.230  -9.953  3.109   1.00 58.00  ? 980  GLN A CG  1 
ATOM   393 C CD  . GLN A 1 71 ? -7.308  -11.082 2.684   1.00 71.97  ? 980  GLN A CD  1 
ATOM   394 O OE1 . GLN A 1 71 ? -7.025  -11.255 1.498   1.00 70.66  ? 980  GLN A OE1 1 
ATOM   395 N NE2 . GLN A 1 71 ? -6.837  -11.858 3.652   1.00 81.40  ? 980  GLN A NE2 1 
ATOM   396 N N   . SER A 1 72 ? -9.454  -6.430  4.503   1.00 74.31  ? 981  SER A N   1 
ATOM   397 C CA  . SER A 1 72 ? -9.120  -5.433  5.515   1.00 73.83  ? 981  SER A CA  1 
ATOM   398 C C   . SER A 1 72 ? -7.755  -5.722  6.127   1.00 77.87  ? 981  SER A C   1 
ATOM   399 O O   . SER A 1 72 ? -7.458  -6.860  6.505   1.00 73.63  ? 981  SER A O   1 
ATOM   400 C CB  . SER A 1 72 ? -10.195 -5.410  6.603   1.00 86.11  ? 981  SER A CB  1 
ATOM   401 O OG  . SER A 1 72 ? -9.880  -4.464  7.611   1.00 103.92 ? 981  SER A OG  1 
ATOM   402 N N   . ILE A 1 73 ? -6.922  -4.685  6.225   1.00 87.99  ? 982  ILE A N   1 
ATOM   403 C CA  . ILE A 1 73 ? -5.542  -4.838  6.675   1.00 99.71  ? 982  ILE A CA  1 
ATOM   404 C C   . ILE A 1 73 ? -5.246  -3.929  7.861   1.00 100.48 ? 982  ILE A C   1 
ATOM   405 O O   . ILE A 1 73 ? -4.091  -3.810  8.285   1.00 95.16  ? 982  ILE A O   1 
ATOM   406 C CB  . ILE A 1 73 ? -4.551  -4.559  5.529   1.00 92.12  ? 982  ILE A CB  1 
ATOM   407 C CG1 . ILE A 1 73 ? -4.711  -3.120  5.027   1.00 73.73  ? 982  ILE A CG1 1 
ATOM   408 C CG2 . ILE A 1 73 ? -4.719  -5.572  4.406   1.00 90.14  ? 982  ILE A CG2 1 
ATOM   409 C CD1 . ILE A 1 73 ? -3.402  -2.426  4.729   1.00 48.59  ? 982  ILE A CD1 1 
ATOM   410 N N   . ILE A 1 74 ? -6.277  -3.278  8.403   1.00 98.42  ? 983  ILE A N   1 
ATOM   411 C CA  . ILE A 1 74 ? -6.050  -2.380  9.533   1.00 93.40  ? 983  ILE A CA  1 
ATOM   412 C C   . ILE A 1 74 ? -5.604  -3.160  10.763  1.00 86.93  ? 983  ILE A C   1 
ATOM   413 O O   . ILE A 1 74 ? -4.781  -2.674  11.548  1.00 83.99  ? 983  ILE A O   1 
ATOM   414 C CB  . ILE A 1 74 ? -7.308  -1.537  9.815   1.00 105.03 ? 983  ILE A CB  1 
ATOM   415 C CG1 . ILE A 1 74 ? -8.548  -2.425  9.952   1.00 110.05 ? 983  ILE A CG1 1 
ATOM   416 C CG2 . ILE A 1 74 ? -7.507  -0.496  8.722   1.00 114.72 ? 983  ILE A CG2 1 
ATOM   417 C CD1 . ILE A 1 74 ? -8.931  -2.735  11.388  1.00 116.16 ? 983  ILE A CD1 1 
ATOM   418 N N   . ASN A 1 75 ? -6.122  -4.374  10.948  1.00 100.08 ? 984  ASN A N   1 
ATOM   419 C CA  . ASN A 1 75 ? -5.732  -5.241  12.050  1.00 107.76 ? 984  ASN A CA  1 
ATOM   420 C C   . ASN A 1 75 ? -4.717  -6.294  11.622  1.00 101.18 ? 984  ASN A C   1 
ATOM   421 O O   . ASN A 1 75 ? -4.606  -7.340  12.270  1.00 104.42 ? 984  ASN A O   1 
ATOM   422 C CB  . ASN A 1 75 ? -6.966  -5.912  12.654  1.00 118.27 ? 984  ASN A CB  1 
ATOM   423 C CG  . ASN A 1 75 ? -7.302  -5.383  14.033  1.00 135.23 ? 984  ASN A CG  1 
ATOM   424 O OD1 . ASN A 1 75 ? -6.767  -4.362  14.465  1.00 139.43 ? 984  ASN A OD1 1 
ATOM   425 N ND2 . ASN A 1 75 ? -8.194  -6.074  14.733  1.00 151.10 ? 984  ASN A ND2 1 
ATOM   426 N N   . MET A 1 76 ? -3.975  -6.036  10.542  1.00 95.35  ? 985  MET A N   1 
ATOM   427 C CA  . MET A 1 76 ? -3.024  -6.971  9.967   1.00 84.72  ? 985  MET A CA  1 
ATOM   428 C C   . MET A 1 76 ? -1.601  -6.442  10.104  1.00 73.34  ? 985  MET A C   1 
ATOM   429 O O   . MET A 1 76 ? -1.364  -5.245  9.902   1.00 75.63  ? 985  MET A O   1 
ATOM   430 C CB  . MET A 1 76 ? -3.342  -7.213  8.485   1.00 97.06  ? 985  MET A CB  1 
ATOM   431 C CG  . MET A 1 76 ? -2.737  -8.479  7.901   1.00 102.70 ? 985  MET A CG  1 
ATOM   432 S SD  . MET A 1 76 ? -3.227  -8.754  6.189   1.00 92.21  ? 985  MET A SD  1 
ATOM   433 C CE  . MET A 1 76 ? -4.990  -9.009  6.374   1.00 88.58  ? 985  MET A CE  1 
ATOM   434 N N   . PRO A 1 77 ? -0.641  -7.294  10.456  1.00 72.73  ? 986  PRO A N   1 
ATOM   435 C CA  . PRO A 1 77 ? 0.745   -6.835  10.607  1.00 68.64  ? 986  PRO A CA  1 
ATOM   436 C C   . PRO A 1 77 ? 1.342   -6.387  9.279   1.00 69.21  ? 986  PRO A C   1 
ATOM   437 O O   . PRO A 1 77 ? 0.827   -6.665  8.195   1.00 79.76  ? 986  PRO A O   1 
ATOM   438 C CB  . PRO A 1 77 ? 1.472   -8.066  11.157  1.00 62.89  ? 986  PRO A CB  1 
ATOM   439 C CG  . PRO A 1 77 ? 0.395   -8.911  11.757  1.00 66.01  ? 986  PRO A CG  1 
ATOM   440 C CD  . PRO A 1 77 ? -0.809  -8.689  10.896  1.00 72.66  ? 986  PRO A CD  1 
ATOM   441 N N   . HIS A 1 78 ? 2.468   -5.675  9.389   1.00 63.99  ? 987  HIS A N   1 
ATOM   442 C CA  . HIS A 1 78 ? 3.167   -5.175  8.207   1.00 44.46  ? 987  HIS A CA  1 
ATOM   443 C C   . HIS A 1 78 ? 3.634   -6.314  7.309   1.00 68.60  ? 987  HIS A C   1 
ATOM   444 O O   . HIS A 1 78 ? 3.429   -6.281  6.090   1.00 75.84  ? 987  HIS A O   1 
ATOM   445 C CB  . HIS A 1 78 ? 4.352   -4.309  8.636   1.00 43.12  ? 987  HIS A CB  1 
ATOM   446 C CG  . HIS A 1 78 ? 5.142   -3.750  7.494   1.00 40.18  ? 987  HIS A CG  1 
ATOM   447 N ND1 . HIS A 1 78 ? 4.803   -2.578  6.853   1.00 58.72  ? 987  HIS A ND1 1 
ATOM   448 C CD2 . HIS A 1 78 ? 6.264   -4.201  6.882   1.00 40.31  ? 987  HIS A CD2 1 
ATOM   449 C CE1 . HIS A 1 78 ? 5.679   -2.333  5.894   1.00 61.12  ? 987  HIS A CE1 1 
ATOM   450 N NE2 . HIS A 1 78 ? 6.576   -3.303  5.891   1.00 46.99  ? 987  HIS A NE2 1 
ATOM   451 N N   . ALA A 1 79 ? 4.269   -7.333  7.895   1.00 73.26  ? 988  ALA A N   1 
ATOM   452 C CA  . ALA A 1 79 ? 4.808   -8.426  7.093   1.00 54.18  ? 988  ALA A CA  1 
ATOM   453 C C   . ALA A 1 79 ? 3.711   -9.195  6.367   1.00 57.40  ? 988  ALA A C   1 
ATOM   454 O O   . ALA A 1 79 ? 3.923   -9.659  5.239   1.00 48.70  ? 988  ALA A O   1 
ATOM   455 C CB  . ALA A 1 79 ? 5.622   -9.371  7.975   1.00 46.76  ? 988  ALA A CB  1 
ATOM   456 N N   . ASP A 1 80 ? 2.538   -9.341  6.987   1.00 57.93  ? 989  ASP A N   1 
ATOM   457 C CA  . ASP A 1 80 ? 1.446   -10.051 6.328   1.00 67.41  ? 989  ASP A CA  1 
ATOM   458 C C   . ASP A 1 80 ? 0.942   -9.281  5.114   1.00 61.32  ? 989  ASP A C   1 
ATOM   459 O O   . ASP A 1 80 ? 0.598   -9.882  4.089   1.00 57.15  ? 989  ASP A O   1 
ATOM   460 C CB  . ASP A 1 80 ? 0.309   -10.302 7.317   1.00 93.73  ? 989  ASP A CB  1 
ATOM   461 C CG  . ASP A 1 80 ? 0.651   -11.366 8.340   1.00 107.00 ? 989  ASP A CG  1 
ATOM   462 O OD1 . ASP A 1 80 ? 1.679   -12.053 8.164   1.00 120.57 ? 989  ASP A OD1 1 
ATOM   463 O OD2 . ASP A 1 80 ? -0.110  -11.519 9.319   1.00 121.76 ? 989  ASP A OD2 1 
ATOM   464 N N   . ILE A 1 81 ? 0.891   -7.952  5.212   1.00 61.57  ? 990  ILE A N   1 
ATOM   465 C CA  . ILE A 1 81 ? 0.481   -7.136  4.073   1.00 48.42  ? 990  ILE A CA  1 
ATOM   466 C C   . ILE A 1 81 ? 1.505   -7.233  2.952   1.00 52.70  ? 990  ILE A C   1 
ATOM   467 O O   . ILE A 1 81 ? 1.145   -7.289  1.768   1.00 50.22  ? 990  ILE A O   1 
ATOM   468 C CB  . ILE A 1 81 ? 0.263   -5.679  4.515   1.00 51.24  ? 990  ILE A CB  1 
ATOM   469 C CG1 . ILE A 1 81 ? -0.795  -5.620  5.614   1.00 53.64  ? 990  ILE A CG1 1 
ATOM   470 C CG2 . ILE A 1 81 ? -0.134  -4.813  3.330   1.00 45.00  ? 990  ILE A CG2 1 
ATOM   471 C CD1 . ILE A 1 81 ? -0.724  -4.375  6.437   1.00 64.55  ? 990  ILE A CD1 1 
ATOM   472 N N   . VAL A 1 82 ? 2.793   -7.249  3.300   1.00 45.01  ? 991  VAL A N   1 
ATOM   473 C CA  . VAL A 1 82 ? 3.829   -7.416  2.285   1.00 44.82  ? 991  VAL A CA  1 
ATOM   474 C C   . VAL A 1 82 ? 3.666   -8.759  1.587   1.00 45.02  ? 991  VAL A C   1 
ATOM   475 O O   . VAL A 1 82 ? 3.677   -8.843  0.354   1.00 60.27  ? 991  VAL A O   1 
ATOM   476 C CB  . VAL A 1 82 ? 5.229   -7.268  2.909   1.00 46.10  ? 991  VAL A CB  1 
ATOM   477 C CG1 . VAL A 1 82 ? 6.304   -7.479  1.853   1.00 44.52  ? 991  VAL A CG1 1 
ATOM   478 C CG2 . VAL A 1 82 ? 5.380   -5.898  3.546   1.00 33.88  ? 991  VAL A CG2 1 
ATOM   479 N N   . LYS A 1 83 ? 3.495   -9.830  2.368   1.00 41.78  ? 992  LYS A N   1 
ATOM   480 C CA  . LYS A 1 83 ? 3.279   -11.145 1.773   1.00 46.73  ? 992  LYS A CA  1 
ATOM   481 C C   . LYS A 1 83 ? 1.984   -11.187 0.976   1.00 46.14  ? 992  LYS A C   1 
ATOM   482 O O   . LYS A 1 83 ? 1.895   -11.905 -0.026  1.00 60.56  ? 992  LYS A O   1 
ATOM   483 C CB  . LYS A 1 83 ? 3.269   -12.221 2.860   1.00 48.56  ? 992  LYS A CB  1 
ATOM   484 N N   . LEU A 1 84 ? 0.975   -10.424 1.399   1.00 51.97  ? 993  LEU A N   1 
ATOM   485 C CA  . LEU A 1 84 ? -0.282  -10.384 0.661   1.00 59.75  ? 993  LEU A CA  1 
ATOM   486 C C   . LEU A 1 84 ? -0.083  -9.773  -0.721  1.00 60.45  ? 993  LEU A C   1 
ATOM   487 O O   . LEU A 1 84 ? -0.494  -10.351 -1.735  1.00 53.79  ? 993  LEU A O   1 
ATOM   488 C CB  . LEU A 1 84 ? -1.327  -9.601  1.457   1.00 42.18  ? 993  LEU A CB  1 
ATOM   489 C CG  . LEU A 1 84 ? -2.671  -9.378  0.767   1.00 52.88  ? 993  LEU A CG  1 
ATOM   490 C CD1 . LEU A 1 84 ? -3.256  -10.706 0.320   1.00 58.42  ? 993  LEU A CD1 1 
ATOM   491 C CD2 . LEU A 1 84 ? -3.628  -8.651  1.701   1.00 51.90  ? 993  LEU A CD2 1 
ATOM   492 N N   . ILE A 1 85 ? 0.552   -8.600  -0.781  1.00 58.89  ? 994  ILE A N   1 
ATOM   493 C CA  . ILE A 1 85 ? 0.801   -7.953  -2.065  1.00 38.18  ? 994  ILE A CA  1 
ATOM   494 C C   . ILE A 1 85 ? 1.843   -8.721  -2.869  1.00 46.01  ? 994  ILE A C   1 
ATOM   495 O O   . ILE A 1 85 ? 1.832   -8.685  -4.105  1.00 47.60  ? 994  ILE A O   1 
ATOM   496 C CB  . ILE A 1 85 ? 1.215   -6.485  -1.838  1.00 37.54  ? 994  ILE A CB  1 
ATOM   497 C CG1 . ILE A 1 85 ? 0.151   -5.761  -1.012  1.00 37.58  ? 994  ILE A CG1 1 
ATOM   498 C CG2 . ILE A 1 85 ? 1.430   -5.762  -3.156  1.00 39.16  ? 994  ILE A CG2 1 
ATOM   499 C CD1 . ILE A 1 85 ? 0.565   -4.384  -0.558  1.00 41.53  ? 994  ILE A CD1 1 
ATOM   500 N N   . LYS A 1 86 ? 2.747   -9.438  -2.194  1.00 69.66  ? 995  LYS A N   1 
ATOM   501 C CA  . LYS A 1 86 ? 3.784   -10.182 -2.905  1.00 64.94  ? 995  LYS A CA  1 
ATOM   502 C C   . LYS A 1 86 ? 3.196   -11.311 -3.741  1.00 58.72  ? 995  LYS A C   1 
ATOM   503 O O   . LYS A 1 86 ? 3.778   -11.693 -4.763  1.00 58.71  ? 995  LYS A O   1 
ATOM   504 C CB  . LYS A 1 86 ? 4.809   -10.736 -1.915  1.00 56.81  ? 995  LYS A CB  1 
ATOM   505 N N   . ASP A 1 87 ? 2.054   -11.852 -3.330  1.00 64.34  ? 996  ASP A N   1 
ATOM   506 C CA  . ASP A 1 87 ? 1.380   -12.927 -4.043  1.00 75.55  ? 996  ASP A CA  1 
ATOM   507 C C   . ASP A 1 87 ? 0.176   -12.423 -4.834  1.00 76.76  ? 996  ASP A C   1 
ATOM   508 O O   . ASP A 1 87 ? -0.506  -13.220 -5.488  1.00 71.96  ? 996  ASP A O   1 
ATOM   509 C CB  . ASP A 1 87 ? 0.961   -14.017 -3.042  1.00 86.63  ? 996  ASP A CB  1 
ATOM   510 C CG  . ASP A 1 87 ? 0.306   -15.216 -3.702  1.00 109.65 ? 996  ASP A CG  1 
ATOM   511 O OD1 . ASP A 1 87 ? 0.838   -15.705 -4.720  1.00 122.68 ? 996  ASP A OD1 1 
ATOM   512 O OD2 . ASP A 1 87 ? -0.743  -15.670 -3.196  1.00 115.93 ? 996  ASP A OD2 1 
ATOM   513 N N   . ALA A 1 88 ? -0.078  -11.112 -4.817  1.00 82.50  ? 997  ALA A N   1 
ATOM   514 C CA  . ALA A 1 88 ? -1.295  -10.558 -5.397  1.00 90.50  ? 997  ALA A CA  1 
ATOM   515 C C   . ALA A 1 88 ? -1.355  -10.693 -6.913  1.00 80.72  ? 997  ALA A C   1 
ATOM   516 O O   . ALA A 1 88 ? -2.453  -10.668 -7.480  1.00 92.16  ? 997  ALA A O   1 
ATOM   517 C CB  . ALA A 1 88 ? -1.431  -9.084  -5.011  1.00 95.65  ? 997  ALA A CB  1 
ATOM   518 N N   . GLY A 1 89 ? -0.217  -10.830 -7.579  1.00 62.43  ? 998  GLY A N   1 
ATOM   519 C CA  . GLY A 1 89 ? -0.185  -10.864 -9.024  1.00 55.85  ? 998  GLY A CA  1 
ATOM   520 C C   . GLY A 1 89 ? 0.228   -9.536  -9.624  1.00 67.19  ? 998  GLY A C   1 
ATOM   521 O O   . GLY A 1 89 ? 0.906   -8.713  -9.003  1.00 70.85  ? 998  GLY A O   1 
ATOM   522 N N   . LEU A 1 90 ? -0.202  -9.325  -10.865 1.00 69.10  ? 999  LEU A N   1 
ATOM   523 C CA  . LEU A 1 90 ? 0.153   -8.124  -11.609 1.00 85.69  ? 999  LEU A CA  1 
ATOM   524 C C   . LEU A 1 90 ? -0.815  -6.971  -11.381 1.00 78.87  ? 999  LEU A C   1 
ATOM   525 O O   . LEU A 1 90 ? -0.660  -5.918  -12.010 1.00 66.99  ? 999  LEU A O   1 
ATOM   526 C CB  . LEU A 1 90 ? 0.245   -8.433  -13.107 1.00 94.37  ? 999  LEU A CB  1 
ATOM   527 C CG  . LEU A 1 90 ? 1.502   -9.175  -13.573 1.00 92.47  ? 999  LEU A CG  1 
ATOM   528 C CD1 . LEU A 1 90 ? 1.370   -10.681 -13.370 1.00 96.00  ? 999  LEU A CD1 1 
ATOM   529 C CD2 . LEU A 1 90 ? 1.824   -8.843  -15.022 1.00 99.52  ? 999  LEU A CD2 1 
ATOM   530 N N   . SER A 1 91 ? -1.801  -7.136  -10.502 1.00 69.25  ? 1000 SER A N   1 
ATOM   531 C CA  . SER A 1 91 ? -2.727  -6.066  -10.164 1.00 56.18  ? 1000 SER A CA  1 
ATOM   532 C C   . SER A 1 91 ? -3.086  -6.157  -8.689  1.00 58.85  ? 1000 SER A C   1 
ATOM   533 O O   . SER A 1 91 ? -3.360  -7.245  -8.174  1.00 70.35  ? 1000 SER A O   1 
ATOM   534 C CB  . SER A 1 91 ? -3.998  -6.127  -11.017 1.00 58.82  ? 1000 SER A CB  1 
ATOM   535 O OG  . SER A 1 91 ? -4.732  -7.308  -10.749 1.00 81.08  ? 1000 SER A OG  1 
ATOM   536 N N   . VAL A 1 92 ? -3.080  -5.009  -8.013  1.00 50.20  ? 1001 VAL A N   1 
ATOM   537 C CA  . VAL A 1 92 ? -3.456  -4.917  -6.608  1.00 46.88  ? 1001 VAL A CA  1 
ATOM   538 C C   . VAL A 1 92 ? -4.411  -3.742  -6.441  1.00 59.98  ? 1001 VAL A C   1 
ATOM   539 O O   . VAL A 1 92 ? -4.293  -2.728  -7.138  1.00 61.61  ? 1001 VAL A O   1 
ATOM   540 C CB  . VAL A 1 92 ? -2.221  -4.769  -5.691  1.00 60.01  ? 1001 VAL A CB  1 
ATOM   541 C CG1 . VAL A 1 92 ? -1.506  -3.448  -5.942  1.00 46.77  ? 1001 VAL A CG1 1 
ATOM   542 C CG2 . VAL A 1 92 ? -2.619  -4.901  -4.226  1.00 71.30  ? 1001 VAL A CG2 1 
ATOM   543 N N   . THR A 1 93 ? -5.371  -3.889  -5.531  1.00 60.75  ? 1002 THR A N   1 
ATOM   544 C CA  . THR A 1 93 ? -6.373  -2.864  -5.264  1.00 63.01  ? 1002 THR A CA  1 
ATOM   545 C C   . THR A 1 93 ? -6.264  -2.438  -3.808  1.00 58.91  ? 1002 THR A C   1 
ATOM   546 O O   . THR A 1 93 ? -6.378  -3.271  -2.904  1.00 60.88  ? 1002 THR A O   1 
ATOM   547 C CB  . THR A 1 93 ? -7.783  -3.374  -5.568  1.00 61.83  ? 1002 THR A CB  1 
ATOM   548 O OG1 . THR A 1 93 ? -7.813  -3.949  -6.881  1.00 73.03  ? 1002 THR A OG1 1 
ATOM   549 C CG2 . THR A 1 93 ? -8.787  -2.234  -5.488  1.00 62.99  ? 1002 THR A CG2 1 
ATOM   550 N N   . LEU A 1 94 ? -6.047  -1.145  -3.586  1.00 59.71  ? 1003 LEU A N   1 
ATOM   551 C CA  . LEU A 1 94 ? -5.957  -0.581  -2.248  1.00 71.18  ? 1003 LEU A CA  1 
ATOM   552 C C   . LEU A 1 94 ? -7.164  0.307   -1.985  1.00 72.28  ? 1003 LEU A C   1 
ATOM   553 O O   . LEU A 1 94 ? -7.559  1.101   -2.846  1.00 74.23  ? 1003 LEU A O   1 
ATOM   554 C CB  . LEU A 1 94 ? -4.668  0.225   -2.074  1.00 78.39  ? 1003 LEU A CB  1 
ATOM   555 C CG  . LEU A 1 94 ? -3.373  -0.311  -2.687  1.00 72.12  ? 1003 LEU A CG  1 
ATOM   556 C CD1 . LEU A 1 94 ? -2.266  0.719   -2.545  1.00 50.93  ? 1003 LEU A CD1 1 
ATOM   557 C CD2 . LEU A 1 94 ? -2.968  -1.627  -2.037  1.00 76.95  ? 1003 LEU A CD2 1 
ATOM   558 N N   . ARG A 1 95 ? -7.754  0.162   -0.802  1.00 78.38  ? 1004 ARG A N   1 
ATOM   559 C CA  . ARG A 1 95 ? -8.774  1.082   -0.316  1.00 89.65  ? 1004 ARG A CA  1 
ATOM   560 C C   . ARG A 1 95 ? -8.079  2.081   0.603   1.00 90.38  ? 1004 ARG A C   1 
ATOM   561 O O   . ARG A 1 95 ? -7.541  1.698   1.648   1.00 83.50  ? 1004 ARG A O   1 
ATOM   562 C CB  . ARG A 1 95 ? -9.893  0.327   0.405   1.00 87.08  ? 1004 ARG A CB  1 
ATOM   563 C CG  . ARG A 1 95 ? -11.159 1.135   0.629   1.00 104.93 ? 1004 ARG A CG  1 
ATOM   564 C CD  . ARG A 1 95 ? -12.420 0.293   0.431   1.00 112.90 ? 1004 ARG A CD  1 
ATOM   565 N NE  . ARG A 1 95 ? -12.488 -0.841  1.352   1.00 123.66 ? 1004 ARG A NE  1 
ATOM   566 C CZ  . ARG A 1 95 ? -12.441 -2.118  0.981   1.00 124.36 ? 1004 ARG A CZ  1 
ATOM   567 N NH1 . ARG A 1 95 ? -12.324 -2.441  -0.301  1.00 116.83 ? 1004 ARG A NH1 1 
ATOM   568 N NH2 . ARG A 1 95 ? -12.509 -3.075  1.898   1.00 120.91 ? 1004 ARG A NH2 1 
ATOM   569 N N   . ILE A 1 96 ? -8.069  3.354   0.202   1.00 93.61  ? 1005 ILE A N   1 
ATOM   570 C CA  . ILE A 1 96 ? -7.160  4.349   0.751   1.00 96.01  ? 1005 ILE A CA  1 
ATOM   571 C C   . ILE A 1 96 ? -7.956  5.547   1.266   1.00 107.68 ? 1005 ILE A C   1 
ATOM   572 O O   . ILE A 1 96 ? -9.179  5.613   1.147   1.00 99.71  ? 1005 ILE A O   1 
ATOM   573 C CB  . ILE A 1 96 ? -6.105  4.799   -0.282  1.00 88.91  ? 1005 ILE A CB  1 
ATOM   574 C CG1 . ILE A 1 96 ? -6.771  5.602   -1.401  1.00 84.31  ? 1005 ILE A CG1 1 
ATOM   575 C CG2 . ILE A 1 96 ? -5.386  3.601   -0.861  1.00 66.31  ? 1005 ILE A CG2 1 
ATOM   576 C CD1 . ILE A 1 96 ? -5.839  6.513   -2.141  1.00 97.35  ? 1005 ILE A CD1 1 
ATOM   577 N N   . ILE A 1 97 ? -7.228  6.500   1.845   1.00 110.38 ? 1006 ILE A N   1 
ATOM   578 C CA  . ILE A 1 97 ? -7.748  7.784   2.319   1.00 107.34 ? 1006 ILE A CA  1 
ATOM   579 C C   . ILE A 1 97 ? -6.708  8.848   1.994   1.00 130.81 ? 1006 ILE A C   1 
ATOM   580 O O   . ILE A 1 97 ? -5.548  8.714   2.411   1.00 141.39 ? 1006 ILE A O   1 
ATOM   581 C CB  . ILE A 1 97 ? -8.043  7.754   3.828   1.00 107.73 ? 1006 ILE A CB  1 
ATOM   582 C CG1 . ILE A 1 97 ? -9.268  6.896   4.141   1.00 98.97  ? 1006 ILE A CG1 1 
ATOM   583 C CG2 . ILE A 1 97 ? -8.194  9.173   4.377   1.00 120.88 ? 1006 ILE A CG2 1 
ATOM   584 C CD1 . ILE A 1 97 ? -9.522  6.735   5.626   1.00 90.69  ? 1006 ILE A CD1 1 
ATOM   585 N N   . PRO A 1 98 ? -7.053  9.912   1.275   1.00 147.59 ? 1007 PRO A N   1 
ATOM   586 C CA  . PRO A 1 98 ? -6.037  10.892  0.875   1.00 165.34 ? 1007 PRO A CA  1 
ATOM   587 C C   . PRO A 1 98 ? -5.542  11.726  2.050   1.00 181.23 ? 1007 PRO A C   1 
ATOM   588 O O   . PRO A 1 98 ? -6.152  11.782  3.120   1.00 196.09 ? 1007 PRO A O   1 
ATOM   589 C CB  . PRO A 1 98 ? -6.767  11.766  -0.155  1.00 176.12 ? 1007 PRO A CB  1 
ATOM   590 C CG  . PRO A 1 98 ? -8.051  11.035  -0.474  1.00 167.59 ? 1007 PRO A CG  1 
ATOM   591 C CD  . PRO A 1 98 ? -8.384  10.273  0.768   1.00 155.65 ? 1007 PRO A CD  1 
ATOM   592 N N   . GLN A 1 99 ? -4.406  12.382  1.824   1.00 180.90 ? 1008 GLN A N   1 
ATOM   593 C CA  . GLN A 1 99 ? -3.794  13.252  2.825   1.00 181.60 ? 1008 GLN A CA  1 
ATOM   594 C C   . GLN A 1 99 ? -2.818  14.226  2.169   1.00 185.26 ? 1008 GLN A C   1 
ATOM   595 O O   . GLN A 1 99 ? -1.665  14.343  2.585   1.00 177.85 ? 1008 GLN A O   1 
ATOM   596 C CB  . GLN A 1 99 ? -3.085  12.429  3.891   1.00 166.46 ? 1008 GLN A CB  1 
ATOM   597 N N   . PHE B 2 11 ? 12.090  6.470   13.666  1.00 114.38 ? 1754 PHE B N   1 
ATOM   598 C CA  . PHE B 2 11 ? 11.821  5.707   14.879  1.00 114.91 ? 1754 PHE B CA  1 
ATOM   599 C C   . PHE B 2 11 ? 12.284  4.260   14.735  1.00 114.63 ? 1754 PHE B C   1 
ATOM   600 O O   . PHE B 2 11 ? 12.895  3.887   13.731  1.00 79.96  ? 1754 PHE B O   1 
ATOM   601 C CB  . PHE B 2 11 ? 10.339  5.758   15.219  1.00 99.18  ? 1754 PHE B CB  1 
ATOM   602 N N   . GLY B 2 12 ? 11.993  3.449   15.749  1.00 126.82 ? 1755 GLY B N   1 
ATOM   603 C CA  . GLY B 2 12 ? 12.353  2.044   15.732  1.00 109.59 ? 1755 GLY B CA  1 
ATOM   604 C C   . GLY B 2 12 ? 11.143  1.134   15.708  1.00 98.67  ? 1755 GLY B C   1 
ATOM   605 O O   . GLY B 2 12 ? 11.269  -0.078  15.504  1.00 102.11 ? 1755 GLY B O   1 
ATOM   606 N N   . GLU B 2 13 ? 9.960   1.710   15.925  1.00 91.18  ? 1756 GLU B N   1 
ATOM   607 C CA  . GLU B 2 13 ? 8.701   0.977   15.869  1.00 70.14  ? 1756 GLU B CA  1 
ATOM   608 C C   . GLU B 2 13 ? 7.993   1.160   14.532  1.00 69.58  ? 1756 GLU B C   1 
ATOM   609 O O   . GLU B 2 13 ? 6.758   1.146   14.471  1.00 70.79  ? 1756 GLU B O   1 
ATOM   610 C CB  . GLU B 2 13 ? 7.789   1.403   17.019  1.00 79.56  ? 1756 GLU B CB  1 
ATOM   611 N N   . GLU B 2 14 ? 8.757   1.333   13.456  1.00 72.08  ? 1757 GLU B N   1 
ATOM   612 C CA  . GLU B 2 14 ? 8.210   1.558   12.129  1.00 64.73  ? 1757 GLU B CA  1 
ATOM   613 C C   . GLU B 2 14 ? 8.830   0.578   11.143  1.00 78.50  ? 1757 GLU B C   1 
ATOM   614 O O   . GLU B 2 14 ? 9.964   0.125   11.320  1.00 78.73  ? 1757 GLU B O   1 
ATOM   615 C CB  . GLU B 2 14 ? 8.455   3.000   11.661  1.00 70.95  ? 1757 GLU B CB  1 
ATOM   616 N N   . ARG B 2 15 ? 8.068   0.255   10.099  1.00 83.07  ? 1758 ARG B N   1 
ATOM   617 C CA  . ARG B 2 15 ? 8.508   -0.665  9.058   1.00 57.44  ? 1758 ARG B CA  1 
ATOM   618 C C   . ARG B 2 15 ? 8.187   -0.052  7.705   1.00 45.35  ? 1758 ARG B C   1 
ATOM   619 O O   . ARG B 2 15 ? 7.017   0.199   7.401   1.00 44.13  ? 1758 ARG B O   1 
ATOM   620 C CB  . ARG B 2 15 ? 7.824   -2.031  9.192   1.00 42.18  ? 1758 ARG B CB  1 
ATOM   621 C CG  . ARG B 2 15 ? 8.141   -2.774  10.474  1.00 50.67  ? 1758 ARG B CG  1 
ATOM   622 C CD  . ARG B 2 15 ? 9.601   -3.161  10.557  1.00 44.39  ? 1758 ARG B CD  1 
ATOM   623 N NE  . ARG B 2 15 ? 9.853   -4.044  11.692  1.00 61.08  ? 1758 ARG B NE  1 
ATOM   624 C CZ  . ARG B 2 15 ? 10.148  -3.619  12.916  1.00 66.38  ? 1758 ARG B CZ  1 
ATOM   625 N NH1 . ARG B 2 15 ? 10.224  -2.319  13.166  1.00 68.96  ? 1758 ARG B NH1 1 
ATOM   626 N NH2 . ARG B 2 15 ? 10.367  -4.493  13.889  1.00 66.72  ? 1758 ARG B NH2 1 
ATOM   627 N N   . GLU B 2 16 ? 9.218   0.188   6.901   1.00 40.18  ? 1759 GLU B N   1 
ATOM   628 C CA  . GLU B 2 16 ? 9.065   0.641   5.526   1.00 46.80  ? 1759 GLU B CA  1 
ATOM   629 C C   . GLU B 2 16 ? 9.563   -0.448  4.589   1.00 46.76  ? 1759 GLU B C   1 
ATOM   630 O O   . GLU B 2 16 ? 10.690  -0.934  4.740   1.00 34.31  ? 1759 GLU B O   1 
ATOM   631 C CB  . GLU B 2 16 ? 9.840   1.935   5.270   1.00 42.04  ? 1759 GLU B CB  1 
ATOM   632 C CG  . GLU B 2 16 ? 9.212   3.193   5.823   1.00 79.06  ? 1759 GLU B CG  1 
ATOM   633 C CD  . GLU B 2 16 ? 9.941   4.448   5.378   1.00 102.64 ? 1759 GLU B CD  1 
ATOM   634 O OE1 . GLU B 2 16 ? 10.798  4.941   6.141   1.00 113.12 ? 1759 GLU B OE1 1 
ATOM   635 O OE2 . GLU B 2 16 ? 9.655   4.943   4.267   1.00 121.13 ? 1759 GLU B OE2 1 
ATOM   636 N N   . SER B 2 17 ? 8.729   -0.826  3.624   1.00 46.32  ? 1760 SER B N   1 
ATOM   637 C CA  . SER B 2 17 ? 9.117   -1.810  2.623   1.00 48.58  ? 1760 SER B CA  1 
ATOM   638 C C   . SER B 2 17 ? 8.443   -1.456  1.307   1.00 38.68  ? 1760 SER B C   1 
ATOM   639 O O   . SER B 2 17 ? 7.236   -1.200  1.281   1.00 36.63  ? 1760 SER B O   1 
ATOM   640 C CB  . SER B 2 17 ? 8.744   -3.230  3.066   1.00 40.64  ? 1760 SER B CB  1 
ATOM   641 O OG  . SER B 2 17 ? 7.350   -3.363  3.259   1.00 37.05  ? 1760 SER B OG  1 
ATOM   642 N N   . ILE B 2 18 ? 9.228   -1.423  0.222   1.00 42.06  ? 1761 ILE B N   1 
ATOM   643 C CA  . ILE B 2 18 ? 8.708   -1.058  -1.091  1.00 57.79  ? 1761 ILE B CA  1 
ATOM   644 C C   . ILE B 2 18 ? 8.111   -2.296  -1.745  1.00 50.23  ? 1761 ILE B C   1 
ATOM   645 O O   . ILE B 2 18 ? 8.490   -3.433  -1.442  1.00 34.92  ? 1761 ILE B O   1 
ATOM   646 C CB  . ILE B 2 18 ? 9.798   -0.413  -1.978  1.00 67.71  ? 1761 ILE B CB  1 
ATOM   647 C CG1 . ILE B 2 18 ? 10.941  -1.387  -2.243  1.00 72.01  ? 1761 ILE B CG1 1 
ATOM   648 C CG2 . ILE B 2 18 ? 10.363  0.840   -1.329  1.00 64.17  ? 1761 ILE B CG2 1 
ATOM   649 C CD1 . ILE B 2 18 ? 12.166  -0.732  -2.850  1.00 80.74  ? 1761 ILE B CD1 1 
ATOM   650 N N   . LEU B 2 19 ? 7.150   -2.074  -2.637  1.00 56.38  ? 1762 LEU B N   1 
ATOM   651 C CA  . LEU B 2 19 ? 6.451   -3.171  -3.303  1.00 48.30  ? 1762 LEU B CA  1 
ATOM   652 C C   . LEU B 2 19 ? 6.264   -2.895  -4.794  1.00 47.99  ? 1762 LEU B C   1 
ATOM   653 O O   . LEU B 2 19 ? 7.235   -2.785  -5.544  1.00 58.27  ? 1762 LEU B O   1 
ATOM   654 C CB  . LEU B 2 19 ? 5.091   -3.411  -2.647  1.00 38.55  ? 1762 LEU B CB  1 
ATOM   655 C CG  . LEU B 2 19 ? 5.100   -3.758  -1.159  1.00 36.33  ? 1762 LEU B CG  1 
ATOM   656 C CD1 . LEU B 2 19 ? 4.151   -2.852  -0.403  1.00 57.62  ? 1762 LEU B CD1 1 
ATOM   657 C CD2 . LEU B 2 19 ? 4.741   -5.221  -0.940  1.00 47.53  ? 1762 LEU B CD2 1 
HETATM 658 C C1  . GOL C 3 .  ? 11.367  11.586  -0.652  1.00 140.16 ? 1101 GOL A C1  1 
HETATM 659 O O1  . GOL C 3 .  ? 12.606  11.827  -1.243  1.00 140.60 ? 1101 GOL A O1  1 
HETATM 660 C C2  . GOL C 3 .  ? 10.395  11.193  -1.789  1.00 142.57 ? 1101 GOL A C2  1 
HETATM 661 O O2  . GOL C 3 .  ? 10.407  12.116  -2.827  1.00 149.99 ? 1101 GOL A O2  1 
HETATM 662 C C3  . GOL C 3 .  ? 10.859  9.787   -2.242  1.00 123.41 ? 1101 GOL A C3  1 
HETATM 663 O O3  . GOL C 3 .  ? 9.961   9.362   -3.220  1.00 108.34 ? 1101 GOL A O3  1 
HETATM 664 O O   . HOH D 4 .  ? -3.435  6.155   12.783  1.00 101.17 ? 1201 HOH A O   1 
HETATM 665 O O   . HOH D 4 .  ? 7.055   -8.657  -2.598  1.00 51.17  ? 1202 HOH A O   1 
HETATM 666 O O   . HOH E 4 .  ? 11.323  -1.471  7.695   1.00 37.13  ? 1801 HOH B O   1 
# 
loop_
_atom_site_anisotrop.id 
_atom_site_anisotrop.type_symbol 
_atom_site_anisotrop.pdbx_label_atom_id 
_atom_site_anisotrop.pdbx_label_alt_id 
_atom_site_anisotrop.pdbx_label_comp_id 
_atom_site_anisotrop.pdbx_label_asym_id 
_atom_site_anisotrop.pdbx_label_seq_id 
_atom_site_anisotrop.pdbx_PDB_ins_code 
_atom_site_anisotrop.U[1][1] 
_atom_site_anisotrop.U[2][2] 
_atom_site_anisotrop.U[3][3] 
_atom_site_anisotrop.U[1][2] 
_atom_site_anisotrop.U[1][3] 
_atom_site_anisotrop.U[2][3] 
_atom_site_anisotrop.pdbx_auth_seq_id 
_atom_site_anisotrop.pdbx_auth_comp_id 
_atom_site_anisotrop.pdbx_auth_asym_id 
_atom_site_anisotrop.pdbx_auth_atom_id 
1   N N   . GLN A 7  ? 1.5688 1.4135 1.8860 0.5334  -0.7567 -0.6521 916  GLN A N   
2   C CA  . GLN A 7  ? 1.6317 1.3335 1.9752 0.4815  -0.7825 -0.5514 916  GLN A CA  
3   C C   . GLN A 7  ? 1.6229 1.3014 1.8607 0.4533  -0.7134 -0.4604 916  GLN A C   
4   O O   . GLN A 7  ? 1.6750 1.3031 1.9397 0.4267  -0.7256 -0.4328 916  GLN A O   
5   C CB  . GLN A 7  ? 1.6744 1.3240 2.1727 0.4651  -0.8678 -0.5868 916  GLN A CB  
6   N N   . THR A 8  ? 1.5667 1.2869 1.6953 0.4567  -0.6426 -0.4144 917  THR A N   
7   C CA  . THR A 8  ? 1.4331 1.1483 1.4759 0.4311  -0.5774 -0.3390 917  THR A CA  
8   C C   . THR A 8  ? 1.4882 1.0964 1.4953 0.3796  -0.5797 -0.2425 917  THR A C   
9   O O   . THR A 8  ? 1.5061 1.1196 1.4721 0.3732  -0.5605 -0.2087 917  THR A O   
10  C CB  . THR A 8  ? 1.2644 1.1041 1.2394 0.4541  -0.5023 -0.3384 917  THR A CB  
11  O OG1 . THR A 8  ? 1.1805 1.0097 1.1115 0.4407  -0.4794 -0.2872 917  THR A OG1 
12  C CG2 . THR A 8  ? 1.4819 1.4483 1.4886 0.5021  -0.5056 -0.4342 917  THR A CG2 
13  N N   . SER A 9  ? 1.6474 1.1715 1.6693 0.3380  -0.6014 -0.1967 918  SER A N   
14  C CA  . SER A 9  ? 1.7794 1.2279 1.7562 0.2784  -0.5979 -0.1018 918  SER A CA  
15  C C   . SER A 9  ? 1.8212 1.2831 1.7043 0.2575  -0.5325 -0.0608 918  SER A C   
16  O O   . SER A 9  ? 1.8802 1.3580 1.7610 0.2688  -0.5128 -0.0826 918  SER A O   
17  C CB  . SER A 9  ? 1.8447 1.2116 1.8995 0.2329  -0.6621 -0.0649 918  SER A CB  
18  O OG  . SER A 9  ? 1.8870 1.2458 1.9682 0.2331  -0.6655 -0.0862 918  SER A OG  
19  N N   . ASP A 10 ? 1.7771 1.2394 1.5908 0.2256  -0.5003 -0.0058 919  ASP A N   
20  C CA  . ASP A 10 ? 1.6372 1.1169 1.3733 0.2028  -0.4427 0.0247  919  ASP A CA  
21  C C   . ASP A 10 ? 1.5585 0.9752 1.2554 0.1286  -0.4537 0.0898  919  ASP A C   
22  O O   . ASP A 10 ? 1.5194 0.9202 1.2151 0.0831  -0.4808 0.1379  919  ASP A O   
23  C CB  . ASP A 10 ? 1.4804 1.0209 1.1745 0.2093  -0.3993 0.0335  919  ASP A CB  
24  C CG  . ASP A 10 ? 1.6696 1.3079 1.3942 0.2669  -0.3665 -0.0155 919  ASP A CG  
25  O OD1 . ASP A 10 ? 1.7372 1.4021 1.5102 0.3044  -0.3938 -0.0619 919  ASP A OD1 
26  O OD2 . ASP A 10 ? 1.7369 1.4355 1.4456 0.2690  -0.3158 -0.0057 919  ASP A OD2 
27  N N   . VAL A 11 ? 1.5136 0.9132 1.1809 0.1111  -0.4299 0.0948  920  VAL A N   
28  C CA  . VAL A 11 ? 1.4401 0.8035 1.0679 0.0325  -0.4343 0.1523  920  VAL A CA  
29  C C   . VAL A 11 ? 1.4734 0.8835 1.0320 -0.0026 -0.3565 0.1483  920  VAL A C   
30  O O   . VAL A 11 ? 1.4874 0.9199 1.0618 0.0271  -0.3090 0.1077  920  VAL A O   
31  C CB  . VAL A 11 ? 1.3990 0.7191 1.0839 0.0281  -0.4656 0.1481  920  VAL A CB  
32  C CG1 . VAL A 11 ? 1.3124 0.6265 0.9565 -0.0596 -0.4621 0.2115  920  VAL A CG1 
33  C CG2 . VAL A 11 ? 1.6014 0.9033 1.3926 0.0536  -0.5325 0.1317  920  VAL A CG2 
34  N N   . VAL A 12 ? 1.4072 0.8628 0.9162 -0.0700 -0.3353 0.1798  921  VAL A N   
35  C CA  . VAL A 12 ? 1.3591 0.8854 0.8397 -0.1176 -0.2581 0.1557  921  VAL A CA  
36  C C   . VAL A 12 ? 1.3163 0.8453 0.7754 -0.1855 -0.2620 0.1847  921  VAL A C   
37  O O   . VAL A 12 ? 1.3786 0.8832 0.8328 -0.2222 -0.3251 0.2474  921  VAL A O   
38  C CB  . VAL A 12 ? 1.0808 0.6874 0.5321 -0.1543 -0.2293 0.1523  921  VAL A CB  
39  C CG1 . VAL A 12 ? 1.0536 0.6480 0.5205 -0.0902 -0.2448 0.1432  921  VAL A CG1 
40  C CG2 . VAL A 12 ? 1.1726 0.8255 0.5791 -0.2361 -0.2645 0.2115  921  VAL A CG2 
41  N N   . ILE A 13 ? 1.2664 0.8312 0.7277 -0.2036 -0.1987 0.1449  922  ILE A N   
42  C CA  . ILE A 13 ? 1.1895 0.7669 0.6298 -0.2630 -0.1948 0.1634  922  ILE A CA  
43  C C   . ILE A 13 ? 1.0827 0.7751 0.5097 -0.3223 -0.1268 0.1197  922  ILE A C   
44  O O   . ILE A 13 ? 1.0147 0.7259 0.4894 -0.2962 -0.0666 0.0573  922  ILE A O   
45  C CB  . ILE A 13 ? 1.2515 0.7578 0.7232 -0.2201 -0.1884 0.1455  922  ILE A CB  
46  C CG1 . ILE A 13 ? 1.2719 0.6873 0.7777 -0.1593 -0.2599 0.1660  922  ILE A CG1 
47  C CG2 . ILE A 13 ? 1.1117 0.6358 0.5570 -0.2846 -0.1800 0.1646  922  ILE A CG2 
48  C CD1 . ILE A 13 ? 1.3335 0.7048 0.8770 -0.1100 -0.2525 0.1352  922  ILE A CD1 
49  N N   . HIS A 14 ? 1.1574 0.9463 0.5396 -0.4038 -0.1399 0.1513  923  HIS A N   
50  C CA  . HIS A 14 ? 1.2058 1.1419 0.5841 -0.4661 -0.0806 0.0928  923  HIS A CA  
51  C C   . HIS A 14 ? 1.2350 1.2086 0.5990 -0.5150 -0.0660 0.0917  923  HIS A C   
52  O O   . HIS A 14 ? 1.4417 1.4226 0.7640 -0.5598 -0.1180 0.1708  923  HIS A O   
53  C CB  . HIS A 14 ? 1.1593 1.2316 0.4967 -0.5310 -0.0996 0.1197  923  HIS A CB  
54  C CG  . HIS A 14 ? 1.3155 1.3520 0.6605 -0.4866 -0.1154 0.1251  923  HIS A CG  
55  N ND1 . HIS A 14 ? 1.3721 1.4313 0.7635 -0.4511 -0.0633 0.0447  923  HIS A ND1 
56  C CD2 . HIS A 14 ? 1.4650 1.4465 0.7904 -0.4723 -0.1810 0.2030  923  HIS A CD2 
57  C CE1 . HIS A 14 ? 1.4883 1.5107 0.8701 -0.4172 -0.0930 0.0740  923  HIS A CE1 
58  N NE2 . HIS A 14 ? 1.4750 1.4497 0.8157 -0.4284 -0.1631 0.1662  923  HIS A NE2 
59  N N   . ARG A 15 ? 1.1208 1.1202 0.5341 -0.5071 0.0000  0.0081  924  ARG A N   
60  C CA  . ARG A 15 ? 1.1348 1.1790 0.5414 -0.5508 0.0236  -0.0091 924  ARG A CA  
61  C C   . ARG A 15 ? 1.1796 1.4144 0.6113 -0.6144 0.0765  -0.0983 924  ARG A C   
62  O O   . ARG A 15 ? 1.1471 1.4632 0.6207 -0.6148 0.1013  -0.1592 924  ARG A O   
63  C CB  . ARG A 15 ? 1.1128 1.0387 0.5767 -0.4894 0.0549  -0.0372 924  ARG A CB  
64  C CG  . ARG A 15 ? 1.1613 1.1181 0.7342 -0.4592 0.1203  -0.1292 924  ARG A CG  
65  C CD  . ARG A 15 ? 1.0418 0.9134 0.6838 -0.4118 0.1499  -0.1398 924  ARG A CD  
66  N NE  . ARG A 15 ? 0.8161 0.7179 0.5971 -0.3832 0.1999  -0.2059 924  ARG A NE  
67  C CZ  . ARG A 15 ? 0.9085 0.8893 0.7876 -0.4142 0.2488  -0.2841 924  ARG A CZ  
68  N NH1 . ARG A 15 ? 1.0289 1.0784 0.8575 -0.4600 0.2571  -0.3035 924  ARG A NH1 
69  N NH2 . ARG A 15 ? 0.7134 0.7186 0.7469 -0.3669 0.2781  -0.3234 924  ARG A NH2 
70  N N   . LYS A 16 ? 1.3814 1.6965 0.8076 -0.6639 0.0910  -0.1128 925  LYS A N   
71  C CA  . LYS A 16 ? 1.3188 1.8136 0.8421 -0.6993 0.1431  -0.2083 925  LYS A CA  
72  C C   . LYS A 16 ? 1.4595 1.8943 1.0708 -0.6575 0.2055  -0.2887 925  LYS A C   
73  O O   . LYS A 16 ? 1.7051 1.9757 1.2937 -0.6179 0.1999  -0.2629 925  LYS A O   
74  C CB  . LYS A 16 ? 1.2401 1.8825 0.7511 -0.7688 0.1137  -0.1708 925  LYS A CB  
75  N N   . GLU A 17 ? 1.3289 1.8895 1.0560 -0.6459 0.2532  -0.3819 926  GLU A N   
76  C CA  . GLU A 17 ? 1.3935 1.8955 1.2314 -0.5869 0.2988  -0.4473 926  GLU A CA  
77  C C   . GLU A 17 ? 1.6431 2.1118 1.4483 -0.5914 0.2956  -0.4256 926  GLU A C   
78  O O   . GLU A 17 ? 1.3384 1.7205 1.2125 -0.5415 0.3213  -0.4480 926  GLU A O   
79  C CB  . GLU A 17 ? 1.4424 2.0680 1.4224 -0.5653 0.3304  -0.5471 926  GLU A CB  
80  C CG  . GLU A 17 ? 1.5156 2.0585 1.6473 -0.4937 0.3603  -0.5970 926  GLU A CG  
81  C CD  . GLU A 17 ? 1.6061 2.1971 1.8677 -0.4621 0.3711  -0.6615 926  GLU A CD  
82  O OE1 . GLU A 17 ? 1.6225 2.3517 1.9230 -0.4820 0.3756  -0.7247 926  GLU A OE1 
83  O OE2 . GLU A 17 ? 1.5875 2.0823 1.9162 -0.4165 0.3726  -0.6457 926  GLU A OE2 
84  N N   . ASN A 18 ? 2.1702 2.7115 1.8898 -0.6502 0.2580  -0.3735 927  ASN A N   
85  C CA  . ASN A 18 ? 2.2668 2.7803 1.9640 -0.6589 0.2469  -0.3500 927  ASN A CA  
86  C C   . ASN A 18 ? 2.2061 2.5286 1.7974 -0.6397 0.2101  -0.2796 927  ASN A C   
87  O O   . ASN A 18 ? 2.2996 2.5401 1.8977 -0.6077 0.2255  -0.2808 927  ASN A O   
88  C CB  . ASN A 18 ? 2.3757 3.0490 2.0307 -0.7256 0.2080  -0.3280 927  ASN A CB  
89  N N   . GLU A 19 ? 1.8411 2.1029 1.3546 -0.6582 0.1679  -0.2077 928  GLU A N   
90  C CA  . GLU A 19 ? 1.7303 1.8205 1.1808 -0.6234 0.1325  -0.1214 928  GLU A CA  
91  C C   . GLU A 19 ? 1.5774 1.5440 1.0755 -0.5586 0.1552  -0.1189 928  GLU A C   
92  O O   . GLU A 19 ? 1.7393 1.7481 1.3125 -0.5480 0.1915  -0.1797 928  GLU A O   
93  C CB  . GLU A 19 ? 1.7707 1.8698 1.1534 -0.6550 0.0540  -0.0187 928  GLU A CB  
94  N N   . GLY A 20 ? 1.1645 0.9896 0.6441 -0.5073 0.1230  -0.0541 929  GLY A N   
95  C CA  . GLY A 20 ? 0.9391 0.6640 0.4596 -0.4427 0.1206  -0.0416 929  GLY A CA  
96  C C   . GLY A 20 ? 1.0196 0.6915 0.4823 -0.4276 0.0493  0.0253  929  GLY A C   
97  O O   . GLY A 20 ? 1.3877 1.0917 0.7867 -0.4803 0.0026  0.0770  929  GLY A O   
98  N N   . PHE A 21 ? 1.0239 0.6277 0.5247 -0.3555 0.0376  0.0279  930  PHE A N   
99  C CA  . PHE A 21 ? 1.0675 0.6168 0.5368 -0.3316 -0.0321 0.0789  930  PHE A CA  
100 C C   . PHE A 21 ? 1.2873 0.7568 0.7310 -0.3329 -0.0929 0.1346  930  PHE A C   
101 O O   . PHE A 21 ? 1.3248 0.7691 0.7526 -0.3477 -0.1626 0.1904  930  PHE A O   
102 C CB  . PHE A 21 ? 0.9630 0.4784 0.4846 -0.2514 -0.0302 0.0593  930  PHE A CB  
103 C CG  . PHE A 21 ? 0.9631 0.5508 0.5324 -0.2482 0.0201  0.0145  930  PHE A CG  
104 C CD1 . PHE A 21 ? 0.9376 0.5770 0.4820 -0.2775 0.0082  0.0136  930  PHE A CD1 
105 C CD2 . PHE A 21 ? 0.8365 0.4484 0.4934 -0.2182 0.0751  -0.0215 930  PHE A CD2 
106 C CE1 . PHE A 21 ? 0.8897 0.5957 0.4935 -0.2737 0.0513  -0.0347 930  PHE A CE1 
107 C CE2 . PHE A 21 ? 0.7834 0.4594 0.5178 -0.2158 0.1127  -0.0591 930  PHE A CE2 
108 C CZ  . PHE A 21 ? 0.8194 0.5384 0.5266 -0.2418 0.1012  -0.0719 930  PHE A CZ  
109 N N   . GLY A 22 ? 1.2815 0.7182 0.7406 -0.3169 -0.0715 0.1219  931  GLY A N   
110 C CA  . GLY A 22 ? 1.5580 0.9714 1.0303 -0.3078 -0.1227 0.1536  931  GLY A CA  
111 C C   . GLY A 22 ? 1.5677 0.9102 1.0932 -0.2367 -0.1708 0.1527  931  GLY A C   
112 O O   . GLY A 22 ? 1.4969 0.8218 1.0549 -0.2345 -0.2253 0.1786  931  GLY A O   
113 N N   . PHE A 23 ? 1.3236 0.6409 0.8718 -0.1792 -0.1545 0.1183  932  PHE A N   
114 C CA  . PHE A 23 ? 1.1982 0.4836 0.8043 -0.1077 -0.1935 0.0950  932  PHE A CA  
115 C C   . PHE A 23 ? 1.1256 0.4353 0.7526 -0.0674 -0.1383 0.0562  932  PHE A C   
116 O O   . PHE A 23 ? 1.2659 0.6104 0.8820 -0.0811 -0.0727 0.0487  932  PHE A O   
117 C CB  . PHE A 23 ? 1.1171 0.3844 0.7432 -0.0653 -0.2366 0.0861  932  PHE A CB  
118 C CG  . PHE A 23 ? 1.2442 0.5679 0.8622 -0.0427 -0.1809 0.0616  932  PHE A CG  
119 C CD1 . PHE A 23 ? 1.2824 0.6661 0.9484 0.0220  -0.1524 0.0224  932  PHE A CD1 
120 C CD2 . PHE A 23 ? 1.1289 0.4842 0.7115 -0.0873 -0.1570 0.0781  932  PHE A CD2 
121 C CE1 . PHE A 23 ? 1.0328 0.4952 0.7200 0.0398  -0.1053 0.0140  932  PHE A CE1 
122 C CE2 . PHE A 23 ? 1.2425 0.6638 0.8476 -0.0651 -0.1080 0.0536  932  PHE A CE2 
123 C CZ  . PHE A 23 ? 1.1272 0.5962 0.7891 -0.0021 -0.0845 0.0284  932  PHE A CZ  
124 N N   . VAL A 24 ? 1.0465 0.3541 0.7212 -0.0204 -0.1657 0.0308  933  VAL A N   
125 C CA  . VAL A 24 ? 1.1144 0.4579 0.8100 0.0197  -0.1235 -0.0015 933  VAL A CA  
126 C C   . VAL A 24 ? 1.1240 0.5379 0.8788 0.0977  -0.1502 -0.0486 933  VAL A C   
127 O O   . VAL A 24 ? 1.1618 0.5481 0.9549 0.1284  -0.2204 -0.0753 933  VAL A O   
128 C CB  . VAL A 24 ? 0.9858 0.3298 0.6973 0.0076  -0.1221 -0.0027 933  VAL A CB  
129 C CG1 . VAL A 24 ? 1.0886 0.4025 0.8426 0.0146  -0.1963 -0.0056 933  VAL A CG1 
130 C CG2 . VAL A 24 ? 1.2680 0.6660 1.0074 0.0570  -0.0893 -0.0395 933  VAL A CG2 
131 N N   . ILE A 25 ? 0.7782 0.3113 0.5616 0.1256  -0.0958 -0.0561 934  ILE A N   
132 C CA  . ILE A 25 ? 0.8486 0.5055 0.6902 0.1959  -0.1121 -0.0976 934  ILE A CA  
133 C C   . ILE A 25 ? 0.9451 0.7024 0.8302 0.2272  -0.0974 -0.1297 934  ILE A C   
134 O O   . ILE A 25 ? 0.7824 0.5688 0.6652 0.1983  -0.0404 -0.0978 934  ILE A O   
135 C CB  . ILE A 25 ? 0.7362 0.4957 0.5980 0.2034  -0.0684 -0.0704 934  ILE A CB  
136 C CG1 . ILE A 25 ? 0.8684 0.5393 0.6879 0.1738  -0.0835 -0.0488 934  ILE A CG1 
137 C CG2 . ILE A 25 ? 0.6823 0.6087 0.6038 0.2724  -0.0850 -0.1057 934  ILE A CG2 
138 C CD1 . ILE A 25 ? 0.8280 0.5879 0.6797 0.1802  -0.0463 -0.0247 934  ILE A CD1 
139 N N   . ILE A 26 ? 0.8171 0.6388 0.7530 0.2855  -0.1499 -0.1993 935  ILE A N   
140 C CA  . ILE A 26 ? 0.7007 0.6664 0.6894 0.3229  -0.1405 -0.2483 935  ILE A CA  
141 C C   . ILE A 26 ? 0.8133 0.9991 0.8512 0.3626  -0.1367 -0.2722 935  ILE A C   
142 O O   . ILE A 26 ? 1.1084 1.3062 1.1600 0.3822  -0.1859 -0.3107 935  ILE A O   
143 C CB  . ILE A 26 ? 0.8378 0.7373 0.8624 0.3266  -0.2034 -0.3052 935  ILE A CB  
144 C CG1 . ILE A 26 ? 0.9644 1.0561 1.0509 0.3544  -0.2007 -0.3636 935  ILE A CG1 
145 C CG2 . ILE A 26 ? 1.0199 0.8460 1.0756 0.3301  -0.2782 -0.3258 935  ILE A CG2 
146 C CD1 . ILE A 26 ? 1.0235 1.1953 1.0919 0.3388  -0.1302 -0.3294 935  ILE A CD1 
147 N N   . SER A 27 ? 0.5776 0.9277 0.6326 0.3487  -0.0802 -0.2315 936  SER A N   
148 C CA  . SER A 27 ? 0.8288 1.3602 0.8963 0.3471  -0.0763 -0.2255 936  SER A CA  
149 C C   . SER A 27 ? 0.9710 1.6304 1.0462 0.3459  -0.0843 -0.2689 936  SER A C   
150 O O   . SER A 27 ? 1.0863 1.7301 1.1708 0.3322  -0.0678 -0.2645 936  SER A O   
151 C CB  . SER A 27 ? 1.0012 1.5862 1.0772 0.3103  -0.0210 -0.1253 936  SER A CB  
152 O OG  . SER A 27 ? 0.8151 1.3024 0.8879 0.3133  -0.0166 -0.0957 936  SER A OG  
153 N N   . SER A 28 ? 1.1096 1.8959 1.1720 0.3608  -0.1077 -0.3151 937  SER A N   
154 C CA  . SER A 28 ? 1.1925 2.1096 1.2514 0.3672  -0.1253 -0.3804 937  SER A CA  
155 C C   . SER A 28 ? 1.2032 2.2762 1.2249 0.3418  -0.0884 -0.3196 937  SER A C   
156 O O   . SER A 28 ? 1.3621 2.5465 1.3710 0.3406  -0.0954 -0.3573 937  SER A O   
157 C CB  . SER A 28 ? 1.3372 2.2841 1.4128 0.4056  -0.1851 -0.4997 937  SER A CB  
158 O OG  . SER A 28 ? 1.4766 2.2671 1.6035 0.4239  -0.2400 -0.5515 937  SER A OG  
159 N N   . LEU A 29 ? 1.0109 2.0903 1.0206 0.3207  -0.0565 -0.2272 938  LEU A N   
160 C CA  . LEU A 29 ? 1.0306 2.2696 1.0006 0.3028  -0.0350 -0.1606 938  LEU A CA  
161 C C   . LEU A 29 ? 1.0439 2.4451 0.9979 0.3230  -0.0510 -0.2288 938  LEU A C   
162 O O   . LEU A 29 ? 0.7758 2.2773 0.7320 0.3172  -0.0520 -0.2479 938  LEU A O   
163 C CB  . LEU A 29 ? 0.8315 2.0769 0.8124 0.2721  -0.0152 -0.0964 938  LEU A CB  
164 N N   . ALA A 36 ? 1.7046 3.7062 1.5930 0.4045  -0.0332 -0.2303 945  ALA A N   
165 C CA  . ALA A 36 ? 1.7179 3.5182 1.6207 0.4194  -0.0526 -0.2789 945  ALA A CA  
166 C C   . ALA A 36 ? 1.7930 3.5152 1.6965 0.4420  -0.0632 -0.3026 945  ALA A C   
167 O O   . ALA A 36 ? 1.7107 3.2904 1.6122 0.4347  -0.0599 -0.2607 945  ALA A O   
168 C CB  . ALA A 36 ? 1.6572 3.3410 1.5598 0.3871  -0.0357 -0.1899 945  ALA A CB  
169 N N   . THR A 37 ? 1.9848 3.8075 1.8921 0.4700  -0.0768 -0.3722 946  THR A N   
170 C CA  . THR A 37 ? 2.0533 3.8150 1.9616 0.4926  -0.0885 -0.3953 946  THR A CA  
171 C C   . THR A 37 ? 2.0372 3.6323 1.9758 0.5215  -0.1320 -0.4891 946  THR A C   
172 O O   . THR A 37 ? 1.9960 3.4427 1.9308 0.5238  -0.1411 -0.4694 946  THR A O   
173 C CB  . THR A 37 ? 2.1620 4.1039 2.0661 0.5103  -0.0859 -0.4281 946  THR A CB  
174 N N   . ILE A 38 ? 2.0537 3.6721 2.0289 0.5414  -0.1628 -0.5882 947  ILE A N   
175 C CA  . ILE A 38 ? 1.9312 3.3949 1.9561 0.5640  -0.2133 -0.6725 947  ILE A CA  
176 C C   . ILE A 38 ? 1.8482 3.2037 1.8950 0.5482  -0.2258 -0.6736 947  ILE A C   
177 O O   . ILE A 38 ? 1.9468 3.2517 2.0526 0.5630  -0.2682 -0.7568 947  ILE A O   
178 C CB  . ILE A 38 ? 1.9489 3.5040 2.0234 0.5975  -0.2472 -0.7882 947  ILE A CB  
179 N N   . THR A 39 ? 1.6273 2.9493 1.6356 0.5177  -0.1917 -0.5820 948  THR A N   
180 C CA  . THR A 39 ? 1.4889 2.7204 1.5111 0.5006  -0.1973 -0.5737 948  THR A CA  
181 C C   . THR A 39 ? 1.1357 2.1995 1.1420 0.4932  -0.2018 -0.5242 948  THR A C   
182 O O   . THR A 39 ? 0.9022 1.9533 0.8694 0.4796  -0.1715 -0.4480 948  THR A O   
183 C CB  . THR A 39 ? 1.5061 2.8630 1.4996 0.4737  -0.1565 -0.5156 948  THR A CB  
184 O OG1 . THR A 39 ? 1.4382 2.8024 1.3895 0.4479  -0.1164 -0.4036 948  THR A OG1 
185 C CG2 . THR A 39 ? 1.5691 3.1271 1.5641 0.4837  -0.1509 -0.5589 948  THR A CG2 
186 N N   . VAL A 40 ? 1.0056 1.9432 1.0476 0.5003  -0.2422 -0.5661 949  VAL A N   
187 C CA  . VAL A 40 ? 0.8648 1.6400 0.8903 0.4923  -0.2532 -0.5238 949  VAL A CA  
188 C C   . VAL A 40 ? 0.8707 1.6141 0.9028 0.4755  -0.2480 -0.5089 949  VAL A C   
189 O O   . VAL A 40 ? 0.7724 1.4128 0.8533 0.4806  -0.2968 -0.5548 949  VAL A O   
190 C CB  . VAL A 40 ? 0.8464 1.4724 0.9116 0.5102  -0.3191 -0.5729 949  VAL A CB  
191 C CG1 . VAL A 40 ? 0.8172 1.4425 0.8522 0.5205  -0.3132 -0.5561 949  VAL A CG1 
192 C CG2 . VAL A 40 ? 1.0415 1.6896 1.1909 0.5271  -0.3697 -0.6665 949  VAL A CG2 
193 N N   . PRO A 41 ? 0.8760 1.6943 0.8828 0.4463  -0.1899 -0.4263 950  PRO A N   
194 C CA  . PRO A 41 ? 0.6363 1.4430 0.6597 0.4282  -0.1791 -0.4107 950  PRO A CA  
195 C C   . PRO A 41 ? 0.6212 1.2478 0.6668 0.4199  -0.1902 -0.3786 950  PRO A C   
196 O O   . PRO A 41 ? 0.7050 1.2883 0.7728 0.4160  -0.2002 -0.3972 950  PRO A O   
197 C CB  . PRO A 41 ? 0.7531 1.6700 0.7561 0.3916  -0.1175 -0.3117 950  PRO A CB  
198 C CG  . PRO A 41 ? 0.8080 1.8223 0.7832 0.3955  -0.1050 -0.2957 950  PRO A CG  
199 C CD  . PRO A 41 ? 0.8222 1.7332 0.8032 0.4217  -0.1374 -0.3360 950  PRO A CD  
200 N N   . HIS A 42 ? 0.6130 1.1327 0.6473 0.4162  -0.1887 -0.3310 951  HIS A N   
201 C CA  . HIS A 42 ? 0.6156 0.9648 0.6465 0.4044  -0.1900 -0.2893 951  HIS A CA  
202 C C   . HIS A 42 ? 0.7380 0.9253 0.7722 0.4155  -0.2600 -0.3326 951  HIS A C   
203 O O   . HIS A 42 ? 0.9669 1.1599 1.0041 0.4301  -0.2941 -0.3633 951  HIS A O   
204 C CB  . HIS A 42 ? 0.5597 0.8927 0.5745 0.3825  -0.1421 -0.2005 951  HIS A CB  
205 C CG  . HIS A 42 ? 0.5293 1.0256 0.5618 0.3600  -0.0927 -0.1483 951  HIS A CG  
206 N ND1 . HIS A 42 ? 0.4547 1.0347 0.5086 0.3341  -0.0543 -0.1116 951  HIS A ND1 
207 C CD2 . HIS A 42 ? 0.4834 1.0530 0.5143 0.3525  -0.0814 -0.1197 951  HIS A CD2 
208 C CE1 . HIS A 42 ? 0.4298 1.1142 0.4928 0.3103  -0.0294 -0.0594 951  HIS A CE1 
209 N NE2 . HIS A 42 ? 0.5712 1.2533 0.6216 0.3220  -0.0433 -0.0645 951  HIS A NE2 
210 N N   . LYS A 43 ? 0.7818 0.8184 0.8154 0.3972  -0.2794 -0.3239 952  LYS A N   
211 C CA  . LYS A 43 ? 0.9945 0.8698 1.0406 0.3804  -0.3452 -0.3302 952  LYS A CA  
212 C C   . LYS A 43 ? 1.0581 0.7656 1.0532 0.3281  -0.3299 -0.2635 952  LYS A C   
213 O O   . LYS A 43 ? 0.9595 0.6626 0.9078 0.3129  -0.2701 -0.2277 952  LYS A O   
214 C CB  . LYS A 43 ? 0.9632 0.8831 1.0985 0.3993  -0.4093 -0.4111 952  LYS A CB  
215 N N   . ILE A 44 ? 1.0909 0.6766 1.1008 0.2930  -0.3841 -0.2424 953  ILE A N   
216 C CA  . ILE A 44 ? 1.2521 0.7142 1.2167 0.2283  -0.3767 -0.1756 953  ILE A CA  
217 C C   . ILE A 44 ? 1.2275 0.6883 1.2528 0.2261  -0.4025 -0.2003 953  ILE A C   
218 O O   . ILE A 44 ? 1.3467 0.8501 1.4695 0.2579  -0.4600 -0.2567 953  ILE A O   
219 C CB  . ILE A 44 ? 1.1550 0.5281 1.1066 0.1833  -0.4186 -0.1198 953  ILE A CB  
220 C CG1 . ILE A 44 ? 1.0669 0.4526 0.9663 0.1924  -0.3964 -0.1056 953  ILE A CG1 
221 C CG2 . ILE A 44 ? 1.2968 0.5946 1.1968 0.1091  -0.4058 -0.0471 953  ILE A CG2 
222 C CD1 . ILE A 44 ? 1.4175 0.7286 1.2693 0.1314  -0.4111 -0.0351 953  ILE A CD1 
223 N N   . GLY A 45 ? 1.1599 0.5791 1.1353 0.1874  -0.3608 -0.1627 954  GLY A N   
224 C CA  . GLY A 45 ? 1.3376 0.7576 1.3628 0.1853  -0.3780 -0.1816 954  GLY A CA  
225 C C   . GLY A 45 ? 1.6504 0.9797 1.6619 0.1224  -0.3997 -0.1130 954  GLY A C   
226 O O   . GLY A 45 ? 2.0564 1.3762 2.1368 0.1214  -0.4411 -0.1229 954  GLY A O   
227 N N   . ARG A 46 ? 1.3809 0.6651 1.3117 0.0693  -0.3740 -0.0457 955  ARG A N   
228 C CA  . ARG A 46 ? 1.4892 0.7305 1.3993 0.0051  -0.3906 0.0228  955  ARG A CA  
229 C C   . ARG A 46 ? 1.4226 0.6551 1.2582 -0.0423 -0.3723 0.0754  955  ARG A C   
230 O O   . ARG A 46 ? 1.2483 0.4940 1.0416 -0.0269 -0.3356 0.0595  955  ARG A O   
231 C CB  . ARG A 46 ? 1.1025 0.3491 0.9751 -0.0194 -0.3430 0.0343  955  ARG A CB  
232 N N   . ILE A 47 ? 1.5303 0.7545 1.3569 -0.1015 -0.4020 0.1382  956  ILE A N   
233 C CA  . ILE A 47 ? 1.3510 0.5927 1.1110 -0.1573 -0.3909 0.1882  956  ILE A CA  
234 C C   . ILE A 47 ? 1.4976 0.7736 1.2156 -0.2219 -0.3775 0.2351  956  ILE A C   
235 O O   . ILE A 47 ? 1.8491 1.1252 1.6212 -0.2425 -0.4322 0.2715  956  ILE A O   
236 C CB  . ILE A 47 ? 1.3949 0.6281 1.2090 -0.1672 -0.4640 0.2222  956  ILE A CB  
237 C CG1 . ILE A 47 ? 1.2461 0.4612 1.0914 -0.1021 -0.4712 0.1679  956  ILE A CG1 
238 C CG2 . ILE A 47 ? 1.4712 0.7490 1.2196 -0.2399 -0.4568 0.2838  956  ILE A CG2 
239 C CD1 . ILE A 47 ? 1.3020 0.5107 1.2134 -0.1065 -0.5412 0.1940  956  ILE A CD1 
240 N N   . ILE A 48 ? 1.2636 0.5798 0.8983 -0.2539 -0.3087 0.2299  957  ILE A N   
241 C CA  . ILE A 48 ? 1.3499 0.7215 0.9454 -0.3128 -0.2938 0.2598  957  ILE A CA  
242 C C   . ILE A 48 ? 1.4636 0.8848 1.0688 -0.3762 -0.3567 0.3291  957  ILE A C   
243 O O   . ILE A 48 ? 1.4590 0.9044 1.0512 -0.3976 -0.3697 0.3477  957  ILE A O   
244 C CB  . ILE A 48 ? 1.1753 0.5950 0.7027 -0.3320 -0.2103 0.2234  957  ILE A CB  
245 C CG1 . ILE A 48 ? 1.1183 0.5191 0.6643 -0.2801 -0.1543 0.1729  957  ILE A CG1 
246 C CG2 . ILE A 48 ? 1.2095 0.7152 0.6948 -0.4039 -0.2055 0.2484  957  ILE A CG2 
247 C CD1 . ILE A 48 ? 1.3532 0.8134 0.8695 -0.3010 -0.0829 0.1408  957  ILE A CD1 
248 N N   . ASP A 49 ? 1.5675 1.0175 1.2046 -0.4088 -0.3980 0.3724  958  ASP A N   
249 C CA  . ASP A 49 ? 1.8229 1.3496 1.4938 -0.4765 -0.4641 0.4507  958  ASP A CA  
250 C C   . ASP A 49 ? 1.8053 1.4523 1.3976 -0.5446 -0.4255 0.4603  958  ASP A C   
251 O O   . ASP A 49 ? 1.7706 1.4581 1.2971 -0.5576 -0.3623 0.4181  958  ASP A O   
252 C CB  . ASP A 49 ? 1.7136 1.2599 1.4441 -0.5002 -0.5149 0.4960  958  ASP A CB  
253 N N   . GLY A 50 ? 1.7391 1.4575 1.3518 -0.5892 -0.4640 0.5101  959  GLY A N   
254 C CA  . GLY A 50 ? 1.9078 1.7729 1.4598 -0.6576 -0.4290 0.5115  959  GLY A CA  
255 C C   . GLY A 50 ? 1.9636 1.8114 1.4415 -0.6338 -0.3514 0.4352  959  GLY A C   
256 O O   . GLY A 50 ? 2.0648 2.0289 1.4927 -0.6789 -0.2992 0.3967  959  GLY A O   
257 N N   . SER A 51 ? 1.9090 1.6281 1.3941 -0.5654 -0.3447 0.4065  960  SER A N   
258 C CA  . SER A 51 ? 1.7973 1.4923 1.2299 -0.5398 -0.2772 0.3415  960  SER A CA  
259 C C   . SER A 51 ? 1.8261 1.5223 1.2657 -0.5373 -0.3022 0.3626  960  SER A C   
260 O O   . SER A 51 ? 1.8729 1.5505 1.3730 -0.5341 -0.3737 0.4200  960  SER A O   
261 C CB  . SER A 51 ? 1.7268 1.2923 1.1702 -0.4598 -0.2442 0.2891  960  SER A CB  
262 O OG  . SER A 51 ? 1.8568 1.3267 1.3582 -0.4004 -0.2973 0.3026  960  SER A OG  
263 N N   . PRO A 52 ? 1.7174 1.4422 1.1082 -0.5397 -0.2446 0.3146  961  PRO A N   
264 C CA  . PRO A 52 ? 1.4967 1.2205 0.8887 -0.5301 -0.2658 0.3313  961  PRO A CA  
265 C C   . PRO A 52 ? 1.4593 1.0425 0.9057 -0.4545 -0.3212 0.3484  961  PRO A C   
266 O O   . PRO A 52 ? 1.3234 0.9132 0.8042 -0.4530 -0.3700 0.3861  961  PRO A O   
267 C CB  . PRO A 52 ? 1.5064 1.2604 0.8463 -0.5289 -0.1836 0.2576  961  PRO A CB  
268 C CG  . PRO A 52 ? 1.5160 1.3729 0.8433 -0.5769 -0.1275 0.2101  961  PRO A CG  
269 C CD  . PRO A 52 ? 1.5653 1.3569 0.9148 -0.5626 -0.1590 0.2406  961  PRO A CD  
270 N N   . ALA A 53 ? 1.5113 0.9879 0.9816 -0.3903 -0.3135 0.3119  962  ALA A N   
271 C CA  . ALA A 53 ? 1.3381 0.7212 0.8835 -0.3169 -0.3687 0.3069  962  ALA A CA  
272 C C   . ALA A 53 ? 1.4896 0.8795 1.1202 -0.3361 -0.4481 0.3615  962  ALA A C   
273 O O   . ALA A 53 ? 1.4609 0.8101 1.1720 -0.2995 -0.5059 0.3663  962  ALA A O   
274 C CB  . ALA A 53 ? 1.2165 0.5332 0.7794 -0.2486 -0.3373 0.2460  962  ALA A CB  
275 N N   . ASP A 54 ? 1.6683 1.1185 1.2955 -0.3946 -0.4537 0.4003  963  ASP A N   
276 C CA  . ASP A 54 ? 1.8138 1.2861 1.5355 -0.4244 -0.5326 0.4647  963  ASP A CA  
277 C C   . ASP A 54 ? 1.9296 1.4967 1.6741 -0.4878 -0.5707 0.5348  963  ASP A C   
278 O O   . ASP A 54 ? 1.8844 1.4459 1.7386 -0.4936 -0.6457 0.5841  963  ASP A O   
279 C CB  . ASP A 54 ? 1.6634 1.1791 1.3763 -0.4630 -0.5265 0.4839  963  ASP A CB  
280 C CG  . ASP A 54 ? 1.5260 1.0209 1.3592 -0.4637 -0.6075 0.5284  963  ASP A CG  
281 O OD1 . ASP A 54 ? 1.6054 1.0390 1.5376 -0.4235 -0.6636 0.5256  963  ASP A OD1 
282 O OD2 . ASP A 54 ? 1.5014 1.0481 1.3402 -0.5054 -0.6174 0.5622  963  ASP A OD2 
283 N N   . ARG A 55 ? 2.0165 1.6862 1.6724 -0.5383 -0.5191 0.5358  964  ARG A N   
284 C CA  . ARG A 55 ? 1.8518 1.6454 1.5282 -0.6026 -0.5459 0.5981  964  ARG A CA  
285 C C   . ARG A 55 ? 1.9779 1.7104 1.6775 -0.5594 -0.5630 0.5910  964  ARG A C   
286 O O   . ARG A 55 ? 1.9930 1.7575 1.7786 -0.5830 -0.6238 0.6531  964  ARG A O   
287 C CB  . ARG A 55 ? 1.6759 1.6287 1.2624 -0.6685 -0.4806 0.5801  964  ARG A CB  
288 C CG  . ARG A 55 ? 1.6678 1.6758 1.2204 -0.6990 -0.4493 0.5600  964  ARG A CG  
289 C CD  . ARG A 55 ? 1.8120 2.0351 1.3257 -0.7811 -0.4084 0.5504  964  ARG A CD  
290 N NE  . ARG A 55 ? 1.8268 2.0761 1.2696 -0.7682 -0.3297 0.4621  964  ARG A NE  
291 C CZ  . ARG A 55 ? 1.8316 2.0856 1.2265 -0.7599 -0.2600 0.3767  964  ARG A CZ  
292 N NH1 . ARG A 55 ? 1.8616 2.0908 1.2563 -0.7607 -0.2576 0.3709  964  ARG A NH1 
293 N NH2 . ARG A 55 ? 1.8174 2.1043 1.1797 -0.7501 -0.1933 0.2939  964  ARG A NH2 
294 N N   . CYS A 56 ? 2.1085 1.7616 1.7409 -0.4982 -0.5116 0.5185  965  CYS A N   
295 C CA  . CYS A 56 ? 2.2451 1.8353 1.9023 -0.4454 -0.5301 0.5037  965  CYS A CA  
296 C C   . CYS A 56 ? 2.5556 2.0494 2.3369 -0.3946 -0.6041 0.5092  965  CYS A C   
297 O O   . CYS A 56 ? 2.6587 2.1435 2.5080 -0.3838 -0.6489 0.5302  965  CYS A O   
298 C CB  . CYS A 56 ? 2.1902 1.7211 1.7663 -0.3861 -0.4668 0.4262  965  CYS A CB  
299 S SG  . CYS A 56 ? 2.2503 1.9083 1.7133 -0.4414 -0.3874 0.4036  965  CYS A SG  
300 N N   . ALA A 57 ? 2.6813 2.1130 2.5013 -0.3637 -0.6159 0.4823  966  ALA A N   
301 C CA  . ALA A 57 ? 2.6894 2.0592 2.6465 -0.3277 -0.6887 0.4787  966  ALA A CA  
302 C C   . ALA A 57 ? 2.5333 1.8395 2.5493 -0.2532 -0.7122 0.4217  966  ALA A C   
303 O O   . ALA A 57 ? 2.7080 1.9841 2.8589 -0.2326 -0.7815 0.4165  966  ALA A O   
304 C CB  . ALA A 57 ? 2.7956 2.2306 2.8580 -0.4004 -0.7616 0.5735  966  ALA A CB  
305 N N   . LYS A 58 ? 2.0672 1.3633 1.9957 -0.2131 -0.6592 0.3745  967  LYS A N   
306 C CA  . LYS A 58 ? 1.7589 1.0165 1.7368 -0.1394 -0.6770 0.3127  967  LYS A CA  
307 C C   . LYS A 58 ? 1.8227 1.0476 1.8195 -0.0610 -0.6609 0.2196  967  LYS A C   
308 O O   . LYS A 58 ? 1.9142 1.1349 1.9657 0.0015  -0.6798 0.1556  967  LYS A O   
309 C CB  . LYS A 58 ? 1.6053 0.8890 1.4919 -0.1329 -0.6330 0.3105  967  LYS A CB  
310 N N   . LEU A 59 ? 1.7532 0.9740 1.7091 -0.0657 -0.6254 0.2087  968  LEU A N   
311 C CA  . LEU A 59 ? 1.6127 0.8287 1.5872 0.0013  -0.6047 0.1266  968  LEU A CA  
312 C C   . LEU A 59 ? 1.6728 0.8764 1.7632 0.0054  -0.6614 0.1128  968  LEU A C   
313 O O   . LEU A 59 ? 1.8379 1.0336 1.9376 -0.0496 -0.6770 0.1716  968  LEU A O   
314 C CB  . LEU A 59 ? 1.6023 0.8260 1.4708 -0.0060 -0.5265 0.1218  968  LEU A CB  
315 C CG  . LEU A 59 ? 1.3628 0.6019 1.1262 -0.0141 -0.4654 0.1308  968  LEU A CG  
316 C CD1 . LEU A 59 ? 1.2083 0.4499 0.8985 -0.0429 -0.3986 0.1343  968  LEU A CD1 
317 C CD2 . LEU A 59 ? 1.4354 0.7025 1.2127 0.0628  -0.4540 0.0694  968  LEU A CD2 
318 N N   . LYS A 60 ? 1.7296 0.9481 1.9137 0.0686  -0.6940 0.0323  969  LYS A N   
319 C CA  . LYS A 60 ? 1.7719 0.9924 2.0663 0.0828  -0.7381 -0.0029 969  LYS A CA  
320 C C   . LYS A 60 ? 1.6547 0.9056 1.8936 0.1176  -0.6777 -0.0552 969  LYS A C   
321 O O   . LYS A 60 ? 1.5332 0.8180 1.6861 0.1480  -0.6155 -0.0853 969  LYS A O   
322 C CB  . LYS A 60 ? 1.6914 0.9338 2.1363 0.1269  -0.8108 -0.0738 969  LYS A CB  
323 N N   . VAL A 61 ? 1.7255 0.9720 2.0266 0.1115  -0.6995 -0.0621 970  VAL A N   
324 C CA  . VAL A 61 ? 1.6543 0.9225 1.8990 0.1258  -0.6406 -0.0882 970  VAL A CA  
325 C C   . VAL A 61 ? 1.4878 0.8404 1.7895 0.1990  -0.6384 -0.1959 970  VAL A C   
326 O O   . VAL A 61 ? 1.6526 1.0481 1.9541 0.2196  -0.6086 -0.2349 970  VAL A O   
327 C CB  . VAL A 61 ? 1.7674 1.0018 2.0527 0.0842  -0.6670 -0.0438 970  VAL A CB  
328 C CG1 . VAL A 61 ? 1.3734 0.6277 1.6148 0.0976  -0.6116 -0.0726 970  VAL A CG1 
329 C CG2 . VAL A 61 ? 2.0005 1.1955 2.2235 0.0077  -0.6673 0.0617  970  VAL A CG2 
330 N N   . GLY A 62 ? 1.3059 0.7017 1.6543 0.2359  -0.6680 -0.2456 971  GLY A N   
331 C CA  . GLY A 62 ? 1.1846 0.7001 1.5789 0.2999  -0.6650 -0.3505 971  GLY A CA  
332 C C   . GLY A 62 ? 1.2701 0.8433 1.6116 0.3298  -0.6416 -0.3748 971  GLY A C   
333 O O   . GLY A 62 ? 1.1860 0.8773 1.5767 0.3768  -0.6554 -0.4637 971  GLY A O   
334 N N   . ASP A 63 ? 1.5256 1.0314 1.7668 0.2997  -0.6066 -0.2989 972  ASP A N   
335 C CA  . ASP A 63 ? 1.5136 1.0626 1.7092 0.3240  -0.5887 -0.3104 972  ASP A CA  
336 C C   . ASP A 63 ? 1.3749 1.0418 1.5081 0.3612  -0.5195 -0.3406 972  ASP A C   
337 O O   . ASP A 63 ? 1.4547 1.1105 1.5228 0.3454  -0.4616 -0.2980 972  ASP A O   
338 C CB  . ASP A 63 ? 1.6931 1.1437 1.8131 0.2760  -0.5766 -0.2188 972  ASP A CB  
339 C CG  . ASP A 63 ? 1.9775 1.3443 2.1679 0.2325  -0.6461 -0.1752 972  ASP A CG  
340 O OD1 . ASP A 63 ? 2.1212 1.5029 2.4358 0.2501  -0.7103 -0.2260 972  ASP A OD1 
341 O OD2 . ASP A 63 ? 2.0653 1.3685 2.1991 0.1773  -0.6392 -0.0903 972  ASP A OD2 
342 N N   . ARG A 64 ? 1.0556 0.8459 1.2140 0.4050  -0.5255 -0.4112 973  ARG A N   
343 C CA  . ARG A 64 ? 1.0204 0.9580 1.1283 0.4326  -0.4607 -0.4281 973  ARG A CA  
344 C C   . ARG A 64 ? 1.0329 0.9597 1.0682 0.4257  -0.4174 -0.3652 973  ARG A C   
345 O O   . ARG A 64 ? 0.9235 0.8300 0.9596 0.4315  -0.4432 -0.3730 973  ARG A O   
346 C CB  . ARG A 64 ? 0.9287 1.0195 1.0832 0.4706  -0.4824 -0.5308 973  ARG A CB  
347 N N   . ILE A 65 ? 0.9713 0.9164 0.9572 0.4115  -0.3536 -0.3034 974  ILE A N   
348 C CA  . ILE A 65 ? 0.9896 0.9261 0.9264 0.3976  -0.3154 -0.2391 974  ILE A CA  
349 C C   . ILE A 65 ? 0.8706 0.9783 0.8151 0.4170  -0.2769 -0.2480 974  ILE A C   
350 O O   . ILE A 65 ? 0.8798 1.1215 0.8436 0.4238  -0.2442 -0.2597 974  ILE A O   
351 C CB  . ILE A 65 ? 0.8655 0.7445 0.7663 0.3685  -0.2691 -0.1726 974  ILE A CB  
352 C CG1 . ILE A 65 ? 1.1165 0.8119 0.9860 0.3284  -0.3002 -0.1517 974  ILE A CG1 
353 C CG2 . ILE A 65 ? 0.8591 0.7530 0.7311 0.3542  -0.2316 -0.1167 974  ILE A CG2 
354 C CD1 . ILE A 65 ? 1.3643 1.0419 1.2567 0.3233  -0.3007 -0.1738 974  ILE A CD1 
355 N N   . LEU A 66 ? 0.7707 0.8739 0.6978 0.4171  -0.2792 -0.2339 975  LEU A N   
356 C CA  . LEU A 66 ? 0.7502 0.9974 0.6813 0.4230  -0.2395 -0.2235 975  LEU A CA  
357 C C   . LEU A 66 ? 0.7302 1.0013 0.6605 0.3903  -0.1876 -0.1388 975  LEU A C   
358 O O   . LEU A 66 ? 0.6775 1.0725 0.6337 0.3786  -0.1480 -0.1082 975  LEU A O   
359 C CB  . LEU A 66 ? 0.9779 1.2168 0.9019 0.4422  -0.2700 -0.2600 975  LEU A CB  
360 C CG  . LEU A 66 ? 1.1686 1.3910 1.1195 0.4760  -0.3309 -0.3556 975  LEU A CG  
361 C CD1 . LEU A 66 ? 1.3088 1.3573 1.2730 0.4636  -0.3931 -0.3563 975  LEU A CD1 
362 C CD2 . LEU A 66 ? 1.1175 1.4294 1.0674 0.5024  -0.3318 -0.3976 975  LEU A CD2 
363 N N   . ALA A 67 ? 0.8084 0.9601 0.7147 0.3708  -0.1915 -0.1007 976  ALA A N   
364 C CA  . ALA A 67 ? 0.8219 0.9913 0.7438 0.3434  -0.1500 -0.0363 976  ALA A CA  
365 C C   . ALA A 67 ? 0.8990 0.9366 0.7869 0.3274  -0.1501 -0.0123 976  ALA A C   
366 O O   . ALA A 67 ? 0.9628 0.8721 0.7974 0.3244  -0.1893 -0.0327 976  ALA A O   
367 C CB  . ALA A 67 ? 0.6526 0.8381 0.5703 0.3376  -0.1500 -0.0224 976  ALA A CB  
368 N N   . VAL A 68 ? 0.7651 0.8287 0.6919 0.3104  -0.1060 0.0341  977  VAL A N   
369 C CA  . VAL A 68 ? 0.7810 0.7275 0.6861 0.2440  -0.0723 0.0430  977  VAL A CA  
370 C C   . VAL A 68 ? 0.7442 0.7075 0.6895 0.2200  -0.0446 0.0664  977  VAL A C   
371 O O   . VAL A 68 ? 0.4717 0.5419 0.5196 0.2314  -0.0186 0.1004  977  VAL A O   
372 C CB  . VAL A 68 ? 0.7609 0.7225 0.7123 0.2196  -0.0308 0.0527  977  VAL A CB  
373 C CG1 . VAL A 68 ? 0.7154 0.5976 0.6706 0.1527  0.0097  0.0536  977  VAL A CG1 
374 C CG2 . VAL A 68 ? 0.6668 0.5887 0.5718 0.2345  -0.0594 0.0222  977  VAL A CG2 
375 N N   . ASN A 69 ? 0.6039 0.4763 0.4838 0.1841  -0.0537 0.0522  978  ASN A N   
376 C CA  . ASN A 69 ? 0.7714 0.6605 0.6872 0.1599  -0.0311 0.0578  978  ASN A CA  
377 C C   . ASN A 69 ? 0.7369 0.7204 0.7017 0.2113  -0.0463 0.0842  978  ASN A C   
378 O O   . ASN A 69 ? 0.5120 0.5662 0.5835 0.2083  -0.0198 0.1088  978  ASN A O   
379 C CB  . ASN A 69 ? 0.5797 0.4880 0.5950 0.1155  0.0237  0.0524  978  ASN A CB  
380 C CG  . ASN A 69 ? 0.7356 0.5703 0.6945 0.0571  0.0398  0.0194  978  ASN A CG  
381 O OD1 . ASN A 69 ? 1.0246 0.8012 0.8773 0.0313  0.0138  0.0081  978  ASN A OD1 
382 N ND2 . ASN A 69 ? 0.6417 0.4927 0.6816 0.0327  0.0799  0.0107  978  ASN A ND2 
383 N N   . GLY A 70 ? 0.5987 0.5913 0.5010 0.2585  -0.0942 0.0784  979  GLY A N   
384 C CA  . GLY A 70 ? 0.5257 0.6151 0.4667 0.2794  -0.1034 0.0900  979  GLY A CA  
385 C C   . GLY A 70 ? 0.4717 0.6788 0.5041 0.2705  -0.0801 0.1087  979  GLY A C   
386 O O   . GLY A 70 ? 0.6620 0.9291 0.7320 0.2598  -0.0759 0.1236  979  GLY A O   
387 N N   . GLN A 71 ? 0.4432 0.6751 0.4992 0.2712  -0.0673 0.1093  980  GLN A N   
388 C CA  . GLN A 71 ? 0.4233 0.7579 0.5485 0.2547  -0.0458 0.1327  980  GLN A CA  
389 C C   . GLN A 71 ? 0.7054 1.0818 0.7925 0.2727  -0.0558 0.1028  980  GLN A C   
390 O O   . GLN A 71 ? 0.7884 1.1217 0.8545 0.2836  -0.0590 0.0844  980  GLN A O   
391 C CB  . GLN A 71 ? 0.4304 0.7673 0.6426 0.2285  -0.0117 0.1675  980  GLN A CB  
392 C CG  . GLN A 71 ? 0.5020 0.9129 0.7889 0.1982  0.0056  0.2099  980  GLN A CG  
393 C CD  . GLN A 71 ? 0.6548 1.0394 1.0402 0.1650  0.0345  0.2403  980  GLN A CD  
394 O OE1 . GLN A 71 ? 0.6468 0.9669 1.0710 0.1593  0.0478  0.2253  980  GLN A OE1 
395 N NE2 . GLN A 71 ? 0.7447 1.1724 1.1758 0.1411  0.0452  0.2829  980  GLN A NE2 
396 N N   . SER A 72 ? 0.7611 1.2236 0.8388 0.2790  -0.0590 0.0947  981  SER A N   
397 C CA  . SER A 72 ? 0.7449 1.2691 0.7912 0.3020  -0.0667 0.0546  981  SER A CA  
398 C C   . SER A 72 ? 0.7722 1.3367 0.8499 0.2876  -0.0452 0.0754  981  SER A C   
399 O O   . SER A 72 ? 0.6871 1.2986 0.8119 0.2598  -0.0187 0.1318  981  SER A O   
400 C CB  . SER A 72 ? 0.8649 1.5196 0.8874 0.3218  -0.0605 0.0464  981  SER A CB  
401 O OG  . SER A 72 ? 1.0734 1.8097 1.0656 0.3495  -0.0670 -0.0067 981  SER A OG  
402 N N   . ILE A 73 ? 0.9159 1.4619 0.9657 0.3090  -0.0588 0.0302  982  ILE A N   
403 C CA  . ILE A 73 ? 1.0480 1.6179 1.1225 0.2957  -0.0393 0.0460  982  ILE A CA  
404 C C   . ILE A 73 ? 1.0373 1.6974 1.0832 0.3168  -0.0485 -0.0030 982  ILE A C   
405 O O   . ILE A 73 ? 0.9601 1.6403 1.0155 0.3099  -0.0380 -0.0020 982  ILE A O   
406 C CB  . ILE A 73 ? 0.9922 1.4433 1.0645 0.2992  -0.0424 0.0397  982  ILE A CB  
407 C CG1 . ILE A 73 ? 0.8088 1.1730 0.8196 0.3364  -0.0891 -0.0296 982  ILE A CG1 
408 C CG2 . ILE A 73 ? 0.9794 1.3618 1.0836 0.2784  -0.0249 0.0842  982  ILE A CG2 
409 C CD1 . ILE A 73 ? 0.5224 0.8060 0.5179 0.3462  -0.0996 -0.0544 982  ILE A CD1 
410 N N   . ILE A 74 ? 1.0025 1.7220 1.0151 0.3437  -0.0673 -0.0522 983  ILE A N   
411 C CA  . ILE A 74 ? 0.9137 1.7335 0.9016 0.3687  -0.0779 -0.1174 983  ILE A CA  
412 C C   . ILE A 74 ? 0.7826 1.7574 0.7629 0.3517  -0.0442 -0.0702 983  ILE A C   
413 O O   . ILE A 74 ? 0.7274 1.7698 0.6942 0.3576  -0.0455 -0.1026 983  ILE A O   
414 C CB  . ILE A 74 ? 1.0571 1.9172 1.0165 0.4069  -0.1047 -0.1925 983  ILE A CB  
415 C CG1 . ILE A 74 ? 1.1005 2.0362 1.0448 0.4049  -0.0833 -0.1478 983  ILE A CG1 
416 C CG2 . ILE A 74 ? 1.2282 1.9447 1.1858 0.4335  -0.1518 -0.2530 983  ILE A CG2 
417 C CD1 . ILE A 74 ? 1.1181 2.2675 1.0279 0.4166  -0.0580 -0.1480 983  ILE A CD1 
418 N N   . ASN A 75 ? 0.9259 1.9637 0.9130 0.3301  -0.0172 0.0114  984  ASN A N   
419 C CA  . ASN A 75 ? 0.9774 2.1615 0.9556 0.3091  0.0106  0.0839  984  ASN A CA  
420 C C   . ASN A 75 ? 0.9014 2.0058 0.9371 0.2675  0.0277  0.1713  984  ASN A C   
421 O O   . ASN A 75 ? 0.9093 2.1004 0.9577 0.2429  0.0462  0.2640  984  ASN A O   
422 C CB  . ASN A 75 ? 1.0730 2.3927 1.0282 0.3104  0.0262  0.1306  984  ASN A CB  
423 C CG  . ASN A 75 ? 1.2410 2.7296 1.1674 0.3275  0.0206  0.0868  984  ASN A CG  
424 O OD1 . ASN A 75 ? 1.2926 2.8014 1.2037 0.3477  0.0036  0.0036  984  ASN A OD1 
425 N ND2 . ASN A 75 ? 1.4002 3.0065 1.3343 0.3168  0.0312  0.1407  984  ASN A ND2 
426 N N   . MET A 76 ? 0.8680 1.8127 0.9421 0.2597  0.0203  0.1461  985  MET A N   
427 C CA  . MET A 76 ? 0.7422 1.5991 0.8775 0.2245  0.0375  0.2065  985  MET A CA  
428 C C   . MET A 76 ? 0.6080 1.4329 0.7457 0.2202  0.0397  0.1825  985  MET A C   
429 O O   . MET A 76 ? 0.6579 1.4431 0.7725 0.2424  0.0224  0.1065  985  MET A O   
430 C CB  . MET A 76 ? 0.9333 1.6450 1.1096 0.2164  0.0335  0.1932  985  MET A CB  
431 C CG  . MET A 76 ? 1.0026 1.6491 1.2503 0.1804  0.0545  0.2529  985  MET A CG  
432 S SD  . MET A 76 ? 0.8999 1.4217 1.1820 0.1766  0.0531  0.2292  985  MET A SD  
433 C CE  . MET A 76 ? 0.8429 1.4155 1.1071 0.1878  0.0365  0.2377  985  MET A CE  
434 N N   . PRO A 77 ? 0.5859 1.4218 0.7557 0.1932  0.0569  0.2496  986  PRO A N   
435 C CA  . PRO A 77 ? 0.5435 1.3497 0.7148 0.1875  0.0615  0.2293  986  PRO A CA  
436 C C   . PRO A 77 ? 0.5930 1.2443 0.7925 0.1817  0.0675  0.1783  986  PRO A C   
437 O O   . PRO A 77 ? 0.7434 1.3249 0.9623 0.1819  0.0715  0.1799  986  PRO A O   
438 C CB  . PRO A 77 ? 0.4475 1.2851 0.6570 0.1609  0.0735  0.3272  986  PRO A CB  
439 C CG  . PRO A 77 ? 0.4534 1.3918 0.6631 0.1589  0.0707  0.4006  986  PRO A CG  
440 C CD  . PRO A 77 ? 0.5554 1.4420 0.7631 0.1696  0.0677  0.3546  986  PRO A CD  
441 N N   . HIS A 78 ? 0.5365 1.1713 0.7234 0.1849  0.0726  0.1497  987  HIS A N   
442 C CA  . HIS A 78 ? 0.3238 0.8528 0.5125 0.1903  0.0876  0.1231  987  HIS A CA  
443 C C   . HIS A 78 ? 0.6434 1.0828 0.8805 0.1521  0.1178  0.1688  987  HIS A C   
444 O O   . HIS A 78 ? 0.7613 1.1186 1.0018 0.1556  0.1340  0.1618  987  HIS A O   
445 C CB  . HIS A 78 ? 0.3137 0.8443 0.4803 0.1958  0.0909  0.0897  987  HIS A CB  
446 C CG  . HIS A 78 ? 0.3229 0.7346 0.4691 0.2049  0.1127  0.0664  987  HIS A CG  
447 N ND1 . HIS A 78 ? 0.6085 0.9304 0.6921 0.2483  0.0788  0.0013  987  HIS A ND1 
448 C CD2 . HIS A 78 ? 0.3528 0.6729 0.5060 0.1669  0.1552  0.0955  987  HIS A CD2 
449 C CE1 . HIS A 78 ? 0.7221 0.8552 0.7450 0.2037  0.0857  -0.0007 987  HIS A CE1 
450 N NE2 . HIS A 78 ? 0.5246 0.6717 0.5890 0.1633  0.1419  0.0521  987  HIS A NE2 
451 N N   . ALA A 79 ? 0.6886 1.1339 0.9610 0.1202  0.1218  0.2100  988  ALA A N   
452 C CA  . ALA A 79 ? 0.4606 0.8144 0.7836 0.0904  0.1374  0.2326  988  ALA A CA  
453 C C   . ALA A 79 ? 0.4952 0.8267 0.8590 0.0886  0.1354  0.2492  988  ALA A C   
454 O O   . ALA A 79 ? 0.4025 0.6466 0.8012 0.0725  0.1518  0.2371  988  ALA A O   
455 C CB  . ALA A 79 ? 0.3397 0.7252 0.7116 0.0867  0.1339  0.3011  988  ALA A CB  
456 N N   . ASP A 80 ? 0.4769 0.8879 0.8361 0.1038  0.1170  0.2732  989  ASP A N   
457 C CA  . ASP A 80 ? 0.5918 0.9819 0.9874 0.1003  0.1136  0.2851  989  ASP A CA  
458 C C   . ASP A 80 ? 0.5377 0.8797 0.9125 0.1145  0.1229  0.2423  989  ASP A C   
459 O O   . ASP A 80 ? 0.4897 0.7712 0.9107 0.1011  0.1339  0.2402  989  ASP A O   
460 C CB  . ASP A 80 ? 0.8928 1.3900 1.2784 0.1145  0.0973  0.3349  989  ASP A CB  
461 C CG  . ASP A 80 ? 1.0251 1.5804 1.4598 0.1049  0.0954  0.4331  989  ASP A CG  
462 O OD1 . ASP A 80 ? 1.1968 1.6894 1.6952 0.0929  0.1014  0.4597  989  ASP A OD1 
463 O OD2 . ASP A 80 ? 1.1820 1.8507 1.5936 0.1120  0.0865  0.4859  989  ASP A OD2 
464 N N   . ILE A 81 ? 0.5555 0.9197 0.8641 0.1481  0.1153  0.2050  990  ILE A N   
465 C CA  . ILE A 81 ? 0.4249 0.7182 0.6965 0.1806  0.1167  0.1697  990  ILE A CA  
466 C C   . ILE A 81 ? 0.5354 0.6798 0.7873 0.1344  0.1487  0.1492  990  ILE A C   
467 O O   . ILE A 81 ? 0.5555 0.5917 0.7611 0.1079  0.1446  0.1203  990  ILE A O   
468 C CB  . ILE A 81 ? 0.4863 0.7941 0.6665 0.2333  0.0764  0.1193  990  ILE A CB  
469 C CG1 . ILE A 81 ? 0.4811 0.9040 0.6532 0.2409  0.0437  0.1121  990  ILE A CG1 
470 C CG2 . ILE A 81 ? 0.5050 0.6334 0.5712 0.2237  0.0415  0.0678  990  ILE A CG2 
471 C CD1 . ILE A 81 ? 0.6207 1.0899 0.7420 0.2723  0.0130  0.0553  990  ILE A CD1 
472 N N   . VAL A 82 ? 0.4318 0.5745 0.7041 0.1139  0.1766  0.1576  991  VAL A N   
473 C CA  . VAL A 82 ? 0.4801 0.4947 0.7281 0.0595  0.2043  0.1320  991  VAL A CA  
474 C C   . VAL A 82 ? 0.4475 0.4588 0.8043 0.0273  0.2252  0.1353  991  VAL A C   
475 O O   . VAL A 82 ? 0.6785 0.6054 1.0061 -0.0106 0.2387  0.0931  991  VAL A O   
476 C CB  . VAL A 82 ? 0.4894 0.5154 0.7468 0.0469  0.2271  0.1430  991  VAL A CB  
477 C CG1 . VAL A 82 ? 0.5192 0.4348 0.7376 -0.0019 0.2338  0.1014  991  VAL A CG1 
478 C CG2 . VAL A 82 ? 0.3690 0.3943 0.5241 0.0817  0.1951  0.1195  991  VAL A CG2 
479 N N   . LYS A 83 ? 0.3592 0.4371 0.7913 0.0408  0.1970  0.1684  992  LYS A N   
480 C CA  . LYS A 83 ? 0.4019 0.4565 0.9170 0.0277  0.1930  0.1587  992  LYS A CA  
481 C C   . LYS A 83 ? 0.3886 0.4401 0.9241 0.0263  0.1972  0.1463  992  LYS A C   
482 O O   . LYS A 83 ? 0.5674 0.5811 1.1526 0.0065  0.2068  0.1043  992  LYS A O   
483 C CB  . LYS A 83 ? 0.3893 0.4916 0.9641 0.0396  0.1667  0.2119  992  LYS A CB  
484 N N   . LEU A 84 ? 0.4573 0.5640 0.9533 0.0543  0.1873  0.1726  993  LEU A N   
485 C CA  . LEU A 84 ? 0.5506 0.6619 1.0578 0.0653  0.1867  0.1595  993  LEU A CA  
486 C C   . LEU A 84 ? 0.6456 0.6280 1.0231 0.0296  0.1873  0.0876  993  LEU A C   
487 O O   . LEU A 84 ? 0.5586 0.5176 0.9677 0.0016  0.1961  0.0514  993  LEU A O   
488 C CB  . LEU A 84 ? 0.3286 0.5106 0.7634 0.1213  0.1478  0.1839  993  LEU A CB  
489 C CG  . LEU A 84 ? 0.4996 0.6448 0.8647 0.1352  0.1183  0.1605  993  LEU A CG  
490 C CD1 . LEU A 84 ? 0.5129 0.6898 1.0172 0.1158  0.1337  0.1774  993  LEU A CD1 
491 C CD2 . LEU A 84 ? 0.4753 0.7098 0.7870 0.1938  0.0776  0.1780  993  LEU A CD2 
492 N N   . ILE A 85 ? 0.6956 0.6088 0.9331 0.0265  0.1729  0.0682  994  ILE A N   
493 C CA  . ILE A 85 ? 0.5065 0.3212 0.6228 -0.0156 0.1643  0.0208  994  ILE A CA  
494 C C   . ILE A 85 ? 0.5888 0.3940 0.7654 -0.0731 0.2078  -0.0164 994  ILE A C   
495 O O   . ILE A 85 ? 0.6337 0.4162 0.7588 -0.1173 0.2100  -0.0614 994  ILE A O   
496 C CB  . ILE A 85 ? 0.5640 0.3144 0.5480 -0.0039 0.1277  0.0227  994  ILE A CB  
497 C CG1 . ILE A 85 ? 0.5649 0.3438 0.5192 0.0579  0.0819  0.0379  994  ILE A CG1 
498 C CG2 . ILE A 85 ? 0.6479 0.3188 0.5211 -0.0535 0.1085  -0.0009 994  ILE A CG2 
499 C CD1 . ILE A 85 ? 0.6557 0.3883 0.5339 0.0799  0.0412  0.0282  994  ILE A CD1 
500 N N   . LYS A 86 ? 0.8357 0.6789 1.1322 -0.0755 0.2416  -0.0007 995  LYS A N   
501 C CA  . LYS A 86 ? 0.7576 0.6154 1.0945 -0.1028 0.2566  -0.0493 995  LYS A CA  
502 C C   . LYS A 86 ? 0.6326 0.5291 1.0693 -0.1112 0.2641  -0.0948 995  LYS A C   
503 O O   . LYS A 86 ? 0.6279 0.5366 1.0664 -0.1400 0.2782  -0.1570 995  LYS A O   
504 C CB  . LYS A 86 ? 0.6215 0.5139 1.0231 -0.0725 0.2529  -0.0225 995  LYS A CB  
505 N N   . ASP A 87 ? 0.6646 0.5912 1.1888 -0.0842 0.2539  -0.0666 996  ASP A N   
506 C CA  . ASP A 87 ? 0.7636 0.7186 1.3884 -0.0855 0.2545  -0.1085 996  ASP A CA  
507 C C   . ASP A 87 ? 0.7964 0.7497 1.3703 -0.1126 0.2551  -0.1328 996  ASP A C   
508 O O   . ASP A 87 ? 0.6998 0.6853 1.3489 -0.1149 0.2545  -0.1740 996  ASP A O   
509 C CB  . ASP A 87 ? 0.8556 0.8302 1.6058 -0.0410 0.2306  -0.0516 996  ASP A CB  
510 C CG  . ASP A 87 ? 1.1074 1.0875 1.9711 -0.0390 0.2264  -0.0912 996  ASP A CG  
511 O OD1 . ASP A 87 ? 1.2596 1.2426 2.1593 -0.0565 0.2469  -0.1741 996  ASP A OD1 
512 O OD2 . ASP A 87 ? 1.1671 1.1558 2.0820 -0.0206 0.2026  -0.0409 996  ASP A OD2 
513 N N   . ALA A 88 ? 0.9437 0.8463 1.3449 -0.1145 0.2363  -0.1085 997  ALA A N   
514 C CA  . ALA A 88 ? 1.0869 0.9766 1.3750 -0.1069 0.2047  -0.1104 997  ALA A CA  
515 C C   . ALA A 88 ? 0.9675 0.8811 1.2185 -0.1637 0.2153  -0.1843 997  ALA A C   
516 O O   . ALA A 88 ? 1.1187 1.0500 1.3331 -0.1630 0.1987  -0.1932 997  ALA A O   
517 C CB  . ALA A 88 ? 1.2303 1.0589 1.3450 -0.0823 0.1634  -0.0669 997  ALA A CB  
518 N N   . GLY A 89 ? 0.7261 0.6607 0.9851 -0.2140 0.2424  -0.2386 998  GLY A N   
519 C CA  . GLY A 89 ? 0.6351 0.6372 0.8495 -0.2740 0.2516  -0.3123 998  GLY A CA  
520 C C   . GLY A 89 ? 0.8490 0.8335 0.8708 -0.3110 0.2249  -0.2832 998  GLY A C   
521 O O   . GLY A 89 ? 0.9434 0.8562 0.8924 -0.2989 0.2087  -0.2296 998  GLY A O   
522 N N   . LEU A 90 ? 0.8694 0.9351 0.8212 -0.3600 0.2165  -0.3150 999  LEU A N   
523 C CA  . LEU A 90 ? 1.1258 1.2095 0.9205 -0.4092 0.1848  -0.2744 999  LEU A CA  
524 C C   . LEU A 90 ? 1.1029 1.1067 0.7870 -0.3820 0.1264  -0.1834 999  LEU A C   
525 O O   . LEU A 90 ? 0.9829 1.0011 0.5612 -0.4239 0.0876  -0.1319 999  LEU A O   
526 C CB  . LEU A 90 ? 1.1820 1.4389 0.9647 -0.4865 0.2018  -0.3457 999  LEU A CB  
527 C CG  . LEU A 90 ? 1.0944 1.4567 0.9624 -0.5159 0.2495  -0.4251 999  LEU A CG  
528 C CD1 . LEU A 90 ? 1.0653 1.4575 1.1248 -0.4647 0.2946  -0.5047 999  LEU A CD1 
529 C CD2 . LEU A 90 ? 1.1413 1.6867 0.9534 -0.5840 0.2509  -0.4348 999  LEU A CD2 
530 N N   . SER A 91 ? 0.9924 0.9251 0.7138 -0.3149 0.1146  -0.1596 1000 SER A N   
531 C CA  . SER A 91 ? 0.8793 0.7369 0.5185 -0.2799 0.0576  -0.0874 1000 SER A CA  
532 C C   . SER A 91 ? 0.9212 0.7012 0.6134 -0.1979 0.0515  -0.0649 1000 SER A C   
533 O O   . SER A 91 ? 1.0223 0.8308 0.8198 -0.1681 0.0852  -0.0920 1000 SER A O   
534 C CB  . SER A 91 ? 0.9036 0.8180 0.5132 -0.2959 0.0423  -0.0880 1000 SER A CB  
535 O OG  . SER A 91 ? 1.1433 1.0867 0.8507 -0.2630 0.0752  -0.1344 1000 SER A OG  
536 N N   . VAL A 92 ? 0.8562 0.5580 0.4929 -0.1640 0.0043  -0.0157 1001 VAL A N   
537 C CA  . VAL A 92 ? 0.8123 0.4788 0.4902 -0.0873 -0.0084 -0.0001 1001 VAL A CA  
538 C C   . VAL A 92 ? 1.0135 0.6310 0.6344 -0.0526 -0.0746 0.0326  1001 VAL A C   
539 O O   . VAL A 92 ? 1.0674 0.6456 0.6280 -0.0866 -0.1180 0.0599  1001 VAL A O   
540 C CB  . VAL A 92 ? 0.9775 0.6198 0.6827 -0.0724 0.0059  0.0015  1001 VAL A CB  
541 C CG1 . VAL A 92 ? 0.8573 0.4336 0.4860 -0.0953 -0.0371 0.0250  1001 VAL A CG1 
542 C CG2 . VAL A 92 ? 1.0933 0.7576 0.8583 0.0014  0.0019  0.0120  1001 VAL A CG2 
543 N N   . THR A 93 ? 1.0061 0.6399 0.6624 0.0128  -0.0866 0.0330  1002 THR A N   
544 C CA  . THR A 93 ? 1.0558 0.6565 0.6818 0.0554  -0.1496 0.0480  1002 THR A CA  
545 C C   . THR A 93 ? 0.9851 0.6002 0.6531 0.1250  -0.1687 0.0341  1002 THR A C   
546 O O   . THR A 93 ? 0.9643 0.6593 0.6894 0.1609  -0.1357 0.0275  1002 THR A O   
547 C CB  . THR A 93 ? 1.0283 0.6670 0.6538 0.0707  -0.1515 0.0507  1002 THR A CB  
548 O OG1 . THR A 93 ? 1.1719 0.8311 0.7720 0.0042  -0.1237 0.0494  1002 THR A OG1 
549 C CG2 . THR A 93 ? 1.0660 0.6652 0.6622 0.1062  -0.2210 0.0643  1002 THR A CG2 
550 N N   . LEU A 94 ? 1.0183 0.5750 0.6751 0.1413  -0.2253 0.0305  1003 LEU A N   
551 C CA  . LEU A 94 ? 1.1365 0.7268 0.8412 0.2081  -0.2507 -0.0029 1003 LEU A CA  
552 C C   . LEU A 94 ? 1.1439 0.7348 0.8676 0.2583  -0.3158 -0.0248 1003 LEU A C   
553 O O   . LEU A 94 ? 1.1962 0.7157 0.9084 0.2285  -0.3583 -0.0074 1003 LEU A O   
554 C CB  . LEU A 94 ? 1.2449 0.7773 0.9563 0.1927  -0.2668 -0.0105 1003 LEU A CB  
555 C CG  . LEU A 94 ? 1.1850 0.6886 0.8664 0.1260  -0.2163 0.0138  1003 LEU A CG  
556 C CD1 . LEU A 94 ? 0.9371 0.3747 0.6231 0.1146  -0.2491 0.0120  1003 LEU A CD1 
557 C CD2 . LEU A 94 ? 1.2053 0.7961 0.9224 0.1332  -0.1439 0.0078  1003 LEU A CD2 
558 N N   . ARG A 95 ? 1.1646 0.8752 0.9382 0.3066  -0.3017 -0.0645 1004 ARG A N   
559 C CA  . ARG A 95 ? 1.2843 1.0271 1.0948 0.3356  -0.3391 -0.1099 1004 ARG A CA  
560 C C   . ARG A 95 ? 1.2711 1.0301 1.1328 0.3615  -0.3701 -0.1676 1004 ARG A C   
561 O O   . ARG A 95 ? 1.1439 1.0041 1.0247 0.3829  -0.3381 -0.1904 1004 ARG A O   
562 C CB  . ARG A 95 ? 1.2051 1.0749 1.0285 0.3591  -0.3031 -0.1182 1004 ARG A CB  
563 C CG  . ARG A 95 ? 1.4207 1.3045 1.2620 0.3825  -0.3378 -0.1588 1004 ARG A CG  
564 C CD  . ARG A 95 ? 1.5101 1.4451 1.3346 0.3766  -0.3067 -0.1296 1004 ARG A CD  
565 N NE  . ARG A 95 ? 1.5971 1.6611 1.4402 0.3789  -0.2527 -0.1128 1004 ARG A NE  
566 C CZ  . ARG A 95 ? 1.5983 1.6832 1.4436 0.3510  -0.2129 -0.0578 1004 ARG A CZ  
567 N NH1 . ARG A 95 ? 1.5441 1.5379 1.3569 0.3251  -0.2155 -0.0259 1004 ARG A NH1 
568 N NH2 . ARG A 95 ? 1.5035 1.7015 1.3891 0.3458  -0.1752 -0.0357 1004 ARG A NH2 
569 N N   . ILE A 96 ? 1.3302 1.0002 1.2265 0.3528  -0.4332 -0.1865 1005 ILE A N   
570 C CA  . ILE A 96 ? 1.3457 1.0005 1.3018 0.3607  -0.4706 -0.2313 1005 ILE A CA  
571 C C   . ILE A 96 ? 1.4589 1.1360 1.4966 0.3888  -0.5329 -0.3043 1005 ILE A C   
572 O O   . ILE A 96 ? 1.3527 1.0442 1.3915 0.4013  -0.5450 -0.3155 1005 ILE A O   
573 C CB  . ILE A 96 ? 1.3003 0.8274 1.2503 0.3067  -0.4925 -0.1745 1005 ILE A CB  
574 C CG1 . ILE A 96 ? 1.2624 0.7045 1.2366 0.2696  -0.5463 -0.1347 1005 ILE A CG1 
575 C CG2 . ILE A 96 ? 1.0515 0.5520 0.9159 0.2743  -0.4331 -0.1128 1005 ILE A CG2 
576 C CD1 . ILE A 96 ? 1.4421 0.8005 1.4563 0.2172  -0.5881 -0.0901 1005 ILE A CD1 
577 N N   . ILE A 97 ? 1.4657 1.1481 1.5802 0.3971  -0.5740 -0.3573 1006 ILE A N   
578 C CA  . ILE A 97 ? 1.3846 1.0848 1.6091 0.4178  -0.6471 -0.4371 1006 ILE A CA  
579 C C   . ILE A 97 ? 1.6771 1.3006 1.9927 0.3890  -0.7010 -0.4271 1006 ILE A C   
580 O O   . ILE A 97 ? 1.8064 1.4502 2.1156 0.3868  -0.6781 -0.4292 1006 ILE A O   
581 C CB  . ILE A 97 ? 1.3306 1.1899 1.5728 0.4680  -0.6370 -0.5429 1006 ILE A CB  
582 C CG1 . ILE A 97 ? 1.2169 1.1583 1.3853 0.4931  -0.5901 -0.5482 1006 ILE A CG1 
583 C CG2 . ILE A 97 ? 1.4424 1.3274 1.8229 0.4842  -0.7126 -0.6331 1006 ILE A CG2 
584 C CD1 . ILE A 97 ? 1.0520 1.1718 1.2219 0.5307  -0.5546 -0.6224 1006 ILE A CD1 
585 N N   . PRO A 98 ? 1.8848 1.4281 2.2948 0.3640  -0.7711 -0.4101 1007 PRO A N   
586 C CA  . PRO A 98 ? 2.0999 1.5770 2.6051 0.3289  -0.8208 -0.3811 1007 PRO A CA  
587 C C   . PRO A 98 ? 2.2341 1.7912 2.8607 0.3635  -0.8619 -0.4837 1007 PRO A C   
588 O O   . PRO A 98 ? 2.3742 2.0428 3.0333 0.4105  -0.8700 -0.5877 1007 PRO A O   
589 C CB  . PRO A 98 ? 2.2336 1.6315 2.8266 0.2929  -0.8882 -0.3325 1007 PRO A CB  
590 C CG  . PRO A 98 ? 2.1526 1.5562 2.6590 0.3037  -0.8572 -0.3188 1007 PRO A CG  
591 C CD  . PRO A 98 ? 1.9854 1.5000 2.4288 0.3632  -0.8086 -0.4074 1007 PRO A CD  
592 N N   . GLN A 99 ? 2.2226 1.7338 2.9170 0.3359  -0.8890 -0.4541 1008 GLN A N   
593 C CA  . GLN A 99 ? 2.1632 1.7465 2.9904 0.3629  -0.9328 -0.5441 1008 GLN A CA  
594 C C   . GLN A 99 ? 2.2020 1.7022 3.1351 0.3203  -0.9855 -0.4860 1008 GLN A C   
595 O O   . GLN A 99 ? 2.0991 1.6156 3.0426 0.3210  -0.9721 -0.4934 1008 GLN A O   
596 C CB  . GLN A 99 ? 1.9662 1.6520 2.7066 0.3944  -0.8638 -0.5901 1008 GLN A CB  
597 N N   . PHE B 11 ? 1.1400 1.8039 1.4020 0.3241  -0.1588 -0.5522 1754 PHE B N   
598 C CA  . PHE B 11 ? 1.0909 1.9589 1.3162 0.3112  -0.1347 -0.5370 1754 PHE B CA  
599 C C   . PHE B 11 ? 1.1181 1.9628 1.2746 0.2725  -0.0569 -0.4074 1754 PHE B C   
600 O O   . PHE B 11 ? 0.7370 1.4282 0.8730 0.2565  -0.0166 -0.3491 1754 PHE B O   
601 C CB  . PHE B 11 ? 0.8570 1.8274 1.0841 0.3344  -0.1744 -0.5878 1754 PHE B CB  
602 N N   . GLY B 12 ? 1.2355 2.2235 1.3597 0.2554  -0.0426 -0.3644 1755 GLY B N   
603 C CA  . GLY B 12 ? 1.0351 1.9978 1.1311 0.2172  0.0100  -0.2411 1755 GLY B CA  
604 C C   . GLY B 12 ? 0.8850 1.9016 0.9623 0.2190  0.0101  -0.1956 1755 GLY B C   
605 O O   . GLY B 12 ? 0.9378 1.9307 1.0111 0.1939  0.0391  -0.1011 1755 GLY B O   
606 N N   . GLU B 13 ? 0.7685 1.8557 0.8401 0.2494  -0.0269 -0.2664 1756 GLU B N   
607 C CA  . GLU B 13 ? 0.4942 1.6287 0.5423 0.2548  -0.0269 -0.2317 1756 GLU B CA  
608 C C   . GLU B 13 ? 0.5277 1.5168 0.5991 0.2699  -0.0282 -0.2416 1756 GLU B C   
609 O O   . GLU B 13 ? 0.5356 1.5607 0.5936 0.2893  -0.0467 -0.2631 1756 GLU B O   
610 C CB  . GLU B 13 ? 0.5616 1.8902 0.5712 0.2802  -0.0623 -0.3059 1756 GLU B CB  
611 N N   . GLU B 14 ? 0.6025 1.4414 0.6950 0.2650  -0.0105 -0.2304 1757 GLU B N   
612 C CA  . GLU B 14 ? 0.5524 1.2570 0.6503 0.2852  -0.0189 -0.2451 1757 GLU B CA  
613 C C   . GLU B 14 ? 0.7683 1.3551 0.8592 0.2533  0.0377  -0.1593 1757 GLU B C   
614 O O   . GLU B 14 ? 0.7769 1.3449 0.8693 0.2186  0.0756  -0.1128 1757 GLU B O   
615 C CB  . GLU B 14 ? 0.6571 1.2625 0.7760 0.3173  -0.0707 -0.3410 1757 GLU B CB  
616 N N   . ARG B 15 ? 0.8565 1.3608 0.9388 0.2635  0.0401  -0.1449 1758 ARG B N   
617 C CA  . ARG B 15 ? 0.5712 0.9694 0.6420 0.2349  0.0917  -0.0790 1758 ARG B CA  
618 C C   . ARG B 15 ? 0.5092 0.6976 0.5163 0.2390  0.0587  -0.1085 1758 ARG B C   
619 O O   . ARG B 15 ? 0.4987 0.6742 0.5040 0.2652  0.0187  -0.1336 1758 ARG B O   
620 C CB  . ARG B 15 ? 0.3449 0.8032 0.4548 0.2022  0.1112  -0.0036 1758 ARG B CB  
621 C CG  . ARG B 15 ? 0.4106 0.9662 0.5485 0.1699  0.1111  0.0394  1758 ARG B CG  
622 C CD  . ARG B 15 ? 0.3481 0.8437 0.4947 0.1308  0.1379  0.0650  1758 ARG B CD  
623 N NE  . ARG B 15 ? 0.5206 1.1183 0.6819 0.1223  0.1267  0.1229  1758 ARG B NE  
624 C CZ  . ARG B 15 ? 0.5531 1.2753 0.6936 0.1360  0.1078  0.1164  1758 ARG B CZ  
625 N NH1 . ARG B 15 ? 0.5859 1.3299 0.7043 0.1564  0.0958  0.0403  1758 ARG B NH1 
626 N NH2 . ARG B 15 ? 0.5198 1.3512 0.6638 0.1313  0.0965  0.1857  1758 ARG B NH2 
627 N N   . GLU B 16 ? 0.5207 0.5341 0.4718 0.1925  0.0656  -0.0929 1759 GLU B N   
628 C CA  . GLU B 16 ? 0.6936 0.5050 0.5798 0.1596  0.0303  -0.0890 1759 GLU B CA  
629 C C   . GLU B 16 ? 0.7261 0.4674 0.5830 0.0968  0.0848  -0.0271 1759 GLU B C   
630 O O   . GLU B 16 ? 0.5650 0.3124 0.4261 0.0658  0.1322  -0.0005 1759 GLU B O   
631 C CB  . GLU B 16 ? 0.6840 0.3709 0.5425 0.1521  -0.0195 -0.1216 1759 GLU B CB  
632 C CG  . GLU B 16 ? 1.1274 0.8369 1.0395 0.2107  -0.0951 -0.2001 1759 GLU B CG  
633 C CD  . GLU B 16 ? 1.4682 1.0458 1.3857 0.1887  -0.1509 -0.2107 1759 GLU B CD  
634 O OE1 . GLU B 16 ? 1.5747 1.1982 1.5249 0.1991  -0.1497 -0.2421 1759 GLU B OE1 
635 O OE2 . GLU B 16 ? 1.7412 1.2167 1.6444 0.1502  -0.1879 -0.1701 1759 GLU B OE2 
636 N N   . SER B 17 ? 0.7459 0.4313 0.5829 0.0786  0.0773  -0.0129 1760 SER B N   
637 C CA  . SER B 17 ? 0.7960 0.4295 0.6201 0.0199  0.1226  0.0217  1760 SER B CA  
638 C C   . SER B 17 ? 0.7237 0.2583 0.4878 -0.0076 0.0851  0.0184  1760 SER B C   
639 O O   . SER B 17 ? 0.6918 0.2395 0.4604 0.0244  0.0488  0.0069  1760 SER B O   
640 C CB  . SER B 17 ? 0.6247 0.3765 0.5431 0.0254  0.1749  0.0510  1760 SER B CB  
641 O OG  . SER B 17 ? 0.5486 0.3640 0.4950 0.0638  0.1510  0.0475  1760 SER B OG  
642 N N   . ILE B 18 ? 0.7927 0.2859 0.5196 -0.0642 0.0870  0.0279  1761 ILE B N   
643 C CA  . ILE B 18 ? 1.0178 0.4759 0.7021 -0.0961 0.0515  0.0333  1761 ILE B CA  
644 C C   . ILE B 18 ? 0.9019 0.3994 0.6071 -0.1174 0.0913  0.0276  1761 ILE B C   
645 O O   . ILE B 18 ? 0.6617 0.2289 0.4364 -0.1161 0.1401  0.0193  1761 ILE B O   
646 C CB  . ILE B 18 ? 1.1537 0.6107 0.8083 -0.1366 0.0322  0.0457  1761 ILE B CB  
647 C CG1 . ILE B 18 ? 1.1777 0.7033 0.8551 -0.1581 0.0817  0.0344  1761 ILE B CG1 
648 C CG2 . ILE B 18 ? 1.1191 0.5400 0.7790 -0.1157 -0.0087 0.0503  1761 ILE B CG2 
649 C CD1 . ILE B 18 ? 1.2985 0.8247 0.9444 -0.1852 0.0648  0.0440  1761 ILE B CD1 
650 N N   . LEU B 19 ? 1.0073 0.4667 0.6681 -0.1363 0.0637  0.0315  1762 LEU B N   
651 C CA  . LEU B 19 ? 0.8868 0.3791 0.5691 -0.1597 0.0990  0.0172  1762 LEU B CA  
652 C C   . LEU B 19 ? 0.9087 0.3928 0.5217 -0.2224 0.0784  0.0203  1762 LEU B C   
653 O O   . LEU B 19 ? 1.0367 0.5536 0.6237 -0.2658 0.0831  0.0185  1762 LEU B O   
654 C CB  . LEU B 19 ? 0.7386 0.2607 0.4652 -0.1024 0.0870  0.0165  1762 LEU B CB  
655 C CG  . LEU B 19 ? 0.6648 0.2472 0.4684 -0.0448 0.1056  0.0219  1762 LEU B CG  
656 C CD1 . LEU B 19 ? 0.9353 0.5277 0.7262 0.0163  0.0519  0.0186  1762 LEU B CD1 
657 C CD2 . LEU B 19 ? 0.7417 0.4088 0.6556 -0.0410 0.1542  0.0266  1762 LEU B CD2 
658 C C1  . GOL C .  ? 1.9879 1.1781 2.1593 -0.0454 -0.5566 0.0745  1101 GOL A C1  
659 O O1  . GOL C .  ? 2.0049 1.1899 2.1476 -0.0915 -0.5532 0.1298  1101 GOL A O1  
660 C C2  . GOL C .  ? 2.0332 1.2196 2.1645 -0.0793 -0.5670 0.1260  1101 GOL A C2  
661 O O2  . GOL C .  ? 2.1056 1.2873 2.3059 -0.1253 -0.6428 0.1955  1101 GOL A O2  
662 C C3  . GOL C .  ? 1.8342 1.0385 1.8162 -0.1115 -0.4737 0.1489  1101 GOL A C3  
663 O O3  . GOL C .  ? 1.6534 0.8647 1.5982 -0.1413 -0.4801 0.1863  1101 GOL A O3  
664 O O   . HOH D .  ? 0.9085 1.8175 1.1182 0.5222  -0.3421 -0.7548 1201 HOH A O   
665 O O   . HOH D .  ? 0.6657 0.4623 0.8162 -0.1253 0.2504  -0.0492 1202 HOH A O   
666 O O   . HOH E .  ? 0.4243 0.5574 0.4290 0.1298  0.1903  0.0098  1801 HOH B O   
# 
loop_
_pdbx_poly_seq_scheme.asym_id 
_pdbx_poly_seq_scheme.entity_id 
_pdbx_poly_seq_scheme.seq_id 
_pdbx_poly_seq_scheme.mon_id 
_pdbx_poly_seq_scheme.ndb_seq_num 
_pdbx_poly_seq_scheme.pdb_seq_num 
_pdbx_poly_seq_scheme.auth_seq_num 
_pdbx_poly_seq_scheme.pdb_mon_id 
_pdbx_poly_seq_scheme.auth_mon_id 
_pdbx_poly_seq_scheme.pdb_strand_id 
_pdbx_poly_seq_scheme.pdb_ins_code 
_pdbx_poly_seq_scheme.hetero 
A 1 1   GLY 1   910  ?    ?   ?   A . n 
A 1 2   PRO 2   911  ?    ?   ?   A . n 
A 1 3   GLY 3   912  ?    ?   ?   A . n 
A 1 4   SER 4   913  ?    ?   ?   A . n 
A 1 5   SER 5   914  ?    ?   ?   A . n 
A 1 6   LEU 6   915  ?    ?   ?   A . n 
A 1 7   GLN 7   916  916  GLN ALA A . n 
A 1 8   THR 8   917  917  THR THR A . n 
A 1 9   SER 9   918  918  SER SER A . n 
A 1 10  ASP 10  919  919  ASP ASP A . n 
A 1 11  VAL 11  920  920  VAL VAL A . n 
A 1 12  VAL 12  921  921  VAL VAL A . n 
A 1 13  ILE 13  922  922  ILE ILE A . n 
A 1 14  HIS 14  923  923  HIS HIS A . n 
A 1 15  ARG 15  924  924  ARG ARG A . n 
A 1 16  LYS 16  925  925  LYS LYS A . n 
A 1 17  GLU 17  926  926  GLU GLU A . n 
A 1 18  ASN 18  927  927  ASN ASN A . n 
A 1 19  GLU 19  928  928  GLU GLU A . n 
A 1 20  GLY 20  929  929  GLY GLY A . n 
A 1 21  PHE 21  930  930  PHE PHE A . n 
A 1 22  GLY 22  931  931  GLY GLY A . n 
A 1 23  PHE 23  932  932  PHE PHE A . n 
A 1 24  VAL 24  933  933  VAL VAL A . n 
A 1 25  ILE 25  934  934  ILE ILE A . n 
A 1 26  ILE 26  935  935  ILE ILE A . n 
A 1 27  SER 27  936  936  SER SER A . n 
A 1 28  SER 28  937  937  SER SER A . n 
A 1 29  LEU 29  938  938  LEU LEU A . n 
A 1 30  ASN 30  939  ?    ?   ?   A . n 
A 1 31  ARG 31  940  ?    ?   ?   A . n 
A 1 32  PRO 32  941  ?    ?   ?   A . n 
A 1 33  GLU 33  942  ?    ?   ?   A . n 
A 1 34  SER 34  943  ?    ?   ?   A . n 
A 1 35  GLY 35  944  ?    ?   ?   A . n 
A 1 36  ALA 36  945  945  ALA ALA A . n 
A 1 37  THR 37  946  946  THR ALA A . n 
A 1 38  ILE 38  947  947  ILE ALA A . n 
A 1 39  THR 39  948  948  THR THR A . n 
A 1 40  VAL 40  949  949  VAL VAL A . n 
A 1 41  PRO 41  950  950  PRO PRO A . n 
A 1 42  HIS 42  951  951  HIS HIS A . n 
A 1 43  LYS 43  952  952  LYS LYS A . n 
A 1 44  ILE 44  953  953  ILE ILE A . n 
A 1 45  GLY 45  954  954  GLY GLY A . n 
A 1 46  ARG 46  955  955  ARG ARG A . n 
A 1 47  ILE 47  956  956  ILE ILE A . n 
A 1 48  ILE 48  957  957  ILE ILE A . n 
A 1 49  ASP 49  958  958  ASP ASP A . n 
A 1 50  GLY 50  959  959  GLY GLY A . n 
A 1 51  SER 51  960  960  SER SER A . n 
A 1 52  PRO 52  961  961  PRO PRO A . n 
A 1 53  ALA 53  962  962  ALA ALA A . n 
A 1 54  ASP 54  963  963  ASP ASP A . n 
A 1 55  ARG 55  964  964  ARG ARG A . n 
A 1 56  CYS 56  965  965  CYS CYS A . n 
A 1 57  ALA 57  966  966  ALA ALA A . n 
A 1 58  LYS 58  967  967  LYS LYS A . n 
A 1 59  LEU 59  968  968  LEU LEU A . n 
A 1 60  LYS 60  969  969  LYS LYS A . n 
A 1 61  VAL 61  970  970  VAL VAL A . n 
A 1 62  GLY 62  971  971  GLY GLY A . n 
A 1 63  ASP 63  972  972  ASP ASP A . n 
A 1 64  ARG 64  973  973  ARG ARG A . n 
A 1 65  ILE 65  974  974  ILE ILE A . n 
A 1 66  LEU 66  975  975  LEU LEU A . n 
A 1 67  ALA 67  976  976  ALA ALA A . n 
A 1 68  VAL 68  977  977  VAL VAL A . n 
A 1 69  ASN 69  978  978  ASN ASN A . n 
A 1 70  GLY 70  979  979  GLY GLY A . n 
A 1 71  GLN 71  980  980  GLN GLN A . n 
A 1 72  SER 72  981  981  SER SER A . n 
A 1 73  ILE 73  982  982  ILE ILE A . n 
A 1 74  ILE 74  983  983  ILE ILE A . n 
A 1 75  ASN 75  984  984  ASN ASN A . n 
A 1 76  MET 76  985  985  MET MET A . n 
A 1 77  PRO 77  986  986  PRO PRO A . n 
A 1 78  HIS 78  987  987  HIS HIS A . n 
A 1 79  ALA 79  988  988  ALA ALA A . n 
A 1 80  ASP 80  989  989  ASP ASP A . n 
A 1 81  ILE 81  990  990  ILE ILE A . n 
A 1 82  VAL 82  991  991  VAL VAL A . n 
A 1 83  LYS 83  992  992  LYS LYS A . n 
A 1 84  LEU 84  993  993  LEU LEU A . n 
A 1 85  ILE 85  994  994  ILE ILE A . n 
A 1 86  LYS 86  995  995  LYS LYS A . n 
A 1 87  ASP 87  996  996  ASP ASP A . n 
A 1 88  ALA 88  997  997  ALA ALA A . n 
A 1 89  GLY 89  998  998  GLY GLY A . n 
A 1 90  LEU 90  999  999  LEU LEU A . n 
A 1 91  SER 91  1000 1000 SER SER A . n 
A 1 92  VAL 92  1001 1001 VAL VAL A . n 
A 1 93  THR 93  1002 1002 THR THR A . n 
A 1 94  LEU 94  1003 1003 LEU LEU A . n 
A 1 95  ARG 95  1004 1004 ARG ARG A . n 
A 1 96  ILE 96  1005 1005 ILE ILE A . n 
A 1 97  ILE 97  1006 1006 ILE ILE A . n 
A 1 98  PRO 98  1007 1007 PRO PRO A . n 
A 1 99  GLN 99  1008 1008 GLN ALA A . n 
A 1 100 GLU 100 1009 ?    ?   ?   A . n 
A 1 101 GLU 101 1010 ?    ?   ?   A . n 
B 2 1   GLY 1   1744 ?    ?   ?   B . n 
B 2 2   PRO 2   1745 ?    ?   ?   B . n 
B 2 3   GLY 3   1746 ?    ?   ?   B . n 
B 2 4   SER 4   1747 ?    ?   ?   B . n 
B 2 5   SER 5   1748 ?    ?   ?   B . n 
B 2 6   SER 6   1749 ?    ?   ?   B . n 
B 2 7   GLU 7   1750 ?    ?   ?   B . n 
B 2 8   SER 8   1751 ?    ?   ?   B . n 
B 2 9   THR 9   1752 ?    ?   ?   B . n 
B 2 10  GLY 10  1753 ?    ?   ?   B . n 
B 2 11  PHE 11  1754 1754 PHE ALA B . n 
B 2 12  GLY 12  1755 1755 GLY GLY B . n 
B 2 13  GLU 13  1756 1756 GLU ALA B . n 
B 2 14  GLU 14  1757 1757 GLU ALA B . n 
B 2 15  ARG 15  1758 1758 ARG ARG B . n 
B 2 16  GLU 16  1759 1759 GLU GLU B . n 
B 2 17  SER 17  1760 1760 SER SER B . n 
B 2 18  ILE 18  1761 1761 ILE ILE B . n 
B 2 19  LEU 19  1762 1762 LEU LEU B . n 
# 
loop_
_pdbx_nonpoly_scheme.asym_id 
_pdbx_nonpoly_scheme.entity_id 
_pdbx_nonpoly_scheme.mon_id 
_pdbx_nonpoly_scheme.ndb_seq_num 
_pdbx_nonpoly_scheme.pdb_seq_num 
_pdbx_nonpoly_scheme.auth_seq_num 
_pdbx_nonpoly_scheme.pdb_mon_id 
_pdbx_nonpoly_scheme.auth_mon_id 
_pdbx_nonpoly_scheme.pdb_strand_id 
_pdbx_nonpoly_scheme.pdb_ins_code 
C 3 GOL 1 1101 1 GOL GOL A . 
D 4 HOH 1 1201 3 HOH HOH A . 
D 4 HOH 2 1202 1 HOH HOH A . 
E 4 HOH 1 1801 2 HOH HOH B . 
# 
_pdbx_struct_assembly.id                   1 
_pdbx_struct_assembly.details              author_and_software_defined_assembly 
_pdbx_struct_assembly.method_details       PISA 
_pdbx_struct_assembly.oligomeric_details   dimeric 
_pdbx_struct_assembly.oligomeric_count     2 
# 
_pdbx_struct_assembly_gen.assembly_id       1 
_pdbx_struct_assembly_gen.oper_expression   1 
_pdbx_struct_assembly_gen.asym_id_list      A,B,C,D,E 
# 
loop_
_pdbx_struct_assembly_prop.biol_id 
_pdbx_struct_assembly_prop.type 
_pdbx_struct_assembly_prop.value 
_pdbx_struct_assembly_prop.details 
1 'ABSA (A^2)' 1000 ? 
1 MORE         -7   ? 
1 'SSA (A^2)'  5240 ? 
# 
_pdbx_struct_oper_list.id                   1 
_pdbx_struct_oper_list.type                 'identity operation' 
_pdbx_struct_oper_list.name                 1_555 
_pdbx_struct_oper_list.symmetry_operation   x,y,z 
_pdbx_struct_oper_list.matrix[1][1]         1.0000000000 
_pdbx_struct_oper_list.matrix[1][2]         0.0000000000 
_pdbx_struct_oper_list.matrix[1][3]         0.0000000000 
_pdbx_struct_oper_list.vector[1]            0.0000000000 
_pdbx_struct_oper_list.matrix[2][1]         0.0000000000 
_pdbx_struct_oper_list.matrix[2][2]         1.0000000000 
_pdbx_struct_oper_list.matrix[2][3]         0.0000000000 
_pdbx_struct_oper_list.vector[2]            0.0000000000 
_pdbx_struct_oper_list.matrix[3][1]         0.0000000000 
_pdbx_struct_oper_list.matrix[3][2]         0.0000000000 
_pdbx_struct_oper_list.matrix[3][3]         1.0000000000 
_pdbx_struct_oper_list.vector[3]            0.0000000000 
# 
loop_
_pdbx_audit_revision_history.ordinal 
_pdbx_audit_revision_history.data_content_type 
_pdbx_audit_revision_history.major_revision 
_pdbx_audit_revision_history.minor_revision 
_pdbx_audit_revision_history.revision_date 
1 'Structure model' 1 0 2020-11-04 
2 'Structure model' 2 0 2021-09-01 
3 'Structure model' 2 1 2021-11-17 
4 'Structure model' 2 2 2023-11-29 
# 
loop_
_pdbx_audit_revision_details.ordinal 
_pdbx_audit_revision_details.revision_ordinal 
_pdbx_audit_revision_details.data_content_type 
_pdbx_audit_revision_details.provider 
_pdbx_audit_revision_details.type 
_pdbx_audit_revision_details.description 
_pdbx_audit_revision_details.details 
1 1 'Structure model' repository 'Initial release'        ?                     ? 
2 2 'Structure model' author     'Coordinate replacement' 'Real space R-factor' 
'To cut off the high resolution to 3.0 Angstrom when running the refinement program.' 
# 
loop_
_pdbx_audit_revision_group.ordinal 
_pdbx_audit_revision_group.revision_ordinal 
_pdbx_audit_revision_group.data_content_type 
_pdbx_audit_revision_group.group 
1  2 'Structure model' Advisory                     
2  2 'Structure model' 'Atomic model'               
3  2 'Structure model' 'Author supporting evidence' 
4  2 'Structure model' 'Data collection'            
5  2 'Structure model' 'Database references'        
6  2 'Structure model' 'Derived calculations'       
7  2 'Structure model' 'Non-polymer description'    
8  2 'Structure model' 'Refinement description'     
9  2 'Structure model' 'Structure summary'          
10 3 'Structure model' 'Database references'        
11 4 'Structure model' 'Data collection'            
12 4 'Structure model' 'Refinement description'     
# 
loop_
_pdbx_audit_revision_category.ordinal 
_pdbx_audit_revision_category.revision_ordinal 
_pdbx_audit_revision_category.data_content_type 
_pdbx_audit_revision_category.category 
1  2 'Structure model' atom_site                     
2  2 'Structure model' atom_site_anisotrop           
3  2 'Structure model' audit_author                  
4  2 'Structure model' chem_comp                     
5  2 'Structure model' citation_author               
6  2 'Structure model' database_2                    
7  2 'Structure model' entity                        
8  2 'Structure model' pdbx_entity_instance_feature  
9  2 'Structure model' pdbx_entity_nonpoly           
10 2 'Structure model' pdbx_entry_details            
11 2 'Structure model' pdbx_nonpoly_scheme           
12 2 'Structure model' pdbx_poly_seq_scheme          
13 2 'Structure model' pdbx_refine_tls               
14 2 'Structure model' pdbx_refine_tls_group         
15 2 'Structure model' pdbx_struct_assembly_gen      
16 2 'Structure model' pdbx_struct_assembly_prop     
17 2 'Structure model' pdbx_struct_sheet_hbond       
18 2 'Structure model' pdbx_validate_rmsd_angle      
19 2 'Structure model' pdbx_validate_symm_contact    
20 2 'Structure model' pdbx_validate_torsion         
21 2 'Structure model' refine                        
22 2 'Structure model' refine_hist                   
23 2 'Structure model' refine_ls_shell               
24 2 'Structure model' reflns                        
25 2 'Structure model' software                      
26 2 'Structure model' struct_asym                   
27 2 'Structure model' struct_conf                   
28 2 'Structure model' struct_sheet                  
29 2 'Structure model' struct_sheet_order            
30 2 'Structure model' struct_sheet_range            
31 3 'Structure model' citation                      
32 3 'Structure model' citation_author               
33 4 'Structure model' chem_comp_atom                
34 4 'Structure model' chem_comp_bond                
35 4 'Structure model' pdbx_initial_refinement_model 
# 
loop_
_pdbx_audit_revision_item.ordinal 
_pdbx_audit_revision_item.revision_ordinal 
_pdbx_audit_revision_item.data_content_type 
_pdbx_audit_revision_item.item 
1  2 'Structure model' '_audit_author.name'                     
2  2 'Structure model' '_chem_comp.formula'                     
3  2 'Structure model' '_chem_comp.formula_weight'              
4  2 'Structure model' '_chem_comp.id'                          
5  2 'Structure model' '_chem_comp.mon_nstd_flag'               
6  2 'Structure model' '_chem_comp.name'                        
7  2 'Structure model' '_chem_comp.pdbx_synonyms'               
8  2 'Structure model' '_chem_comp.type'                        
9  2 'Structure model' '_citation_author.name'                  
10 2 'Structure model' '_database_2.pdbx_DOI'                   
11 2 'Structure model' '_database_2.pdbx_database_accession'    
12 2 'Structure model' '_pdbx_poly_seq_scheme.auth_mon_id'      
13 2 'Structure model' '_pdbx_refine_tls.L[1][1]'               
14 2 'Structure model' '_pdbx_refine_tls.L[1][2]'               
15 2 'Structure model' '_pdbx_refine_tls.L[1][3]'               
16 2 'Structure model' '_pdbx_refine_tls.L[2][2]'               
17 2 'Structure model' '_pdbx_refine_tls.L[2][3]'               
18 2 'Structure model' '_pdbx_refine_tls.L[3][3]'               
19 2 'Structure model' '_pdbx_refine_tls.S[1][1]'               
20 2 'Structure model' '_pdbx_refine_tls.S[1][2]'               
21 2 'Structure model' '_pdbx_refine_tls.S[1][3]'               
22 2 'Structure model' '_pdbx_refine_tls.S[2][1]'               
23 2 'Structure model' '_pdbx_refine_tls.S[2][2]'               
24 2 'Structure model' '_pdbx_refine_tls.S[2][3]'               
25 2 'Structure model' '_pdbx_refine_tls.S[3][1]'               
26 2 'Structure model' '_pdbx_refine_tls.S[3][2]'               
27 2 'Structure model' '_pdbx_refine_tls.S[3][3]'               
28 2 'Structure model' '_pdbx_refine_tls.T[1][1]'               
29 2 'Structure model' '_pdbx_refine_tls.T[1][2]'               
30 2 'Structure model' '_pdbx_refine_tls.T[1][3]'               
31 2 'Structure model' '_pdbx_refine_tls.T[2][2]'               
32 2 'Structure model' '_pdbx_refine_tls.T[2][3]'               
33 2 'Structure model' '_pdbx_refine_tls.T[3][3]'               
34 2 'Structure model' '_pdbx_refine_tls.origin_x'              
35 2 'Structure model' '_pdbx_refine_tls.origin_y'              
36 2 'Structure model' '_pdbx_refine_tls.origin_z'              
37 2 'Structure model' '_pdbx_struct_assembly_gen.asym_id_list' 
38 2 'Structure model' '_pdbx_struct_assembly_prop.value'       
39 2 'Structure model' '_refine.B_iso_max'                      
40 2 'Structure model' '_refine.B_iso_mean'                     
41 2 'Structure model' '_refine.B_iso_min'                      
42 2 'Structure model' '_refine.ls_R_factor_R_free'             
43 2 'Structure model' '_refine.ls_R_factor_R_work'             
44 2 'Structure model' '_refine.ls_R_factor_obs'                
45 2 'Structure model' '_refine.ls_d_res_high'                  
46 2 'Structure model' '_refine.ls_number_reflns_R_free'        
47 2 'Structure model' '_refine.ls_number_reflns_R_work'        
48 2 'Structure model' '_refine.ls_number_reflns_obs'           
49 2 'Structure model' '_refine.ls_percent_reflns_R_free'       
50 2 'Structure model' '_refine.ls_percent_reflns_obs'          
51 2 'Structure model' '_refine.overall_SU_ML'                  
52 2 'Structure model' '_refine.pdbx_ls_sigma_F'                
53 2 'Structure model' '_refine.pdbx_overall_phase_error'       
54 2 'Structure model' '_refine.pdbx_starting_model'            
55 2 'Structure model' '_refine_hist.d_res_high'                
56 2 'Structure model' '_refine_hist.number_atoms_solvent'      
57 2 'Structure model' '_refine_hist.number_atoms_total'        
58 2 'Structure model' '_refine_hist.pdbx_B_iso_mean_ligand'    
59 2 'Structure model' '_refine_hist.pdbx_B_iso_mean_solvent'   
60 2 'Structure model' '_refine_hist.pdbx_number_atoms_ligand'  
61 2 'Structure model' '_refine_ls_shell.R_factor_R_free'       
62 2 'Structure model' '_refine_ls_shell.R_factor_R_work'       
63 2 'Structure model' '_refine_ls_shell.d_res_high'            
64 2 'Structure model' '_refine_ls_shell.d_res_low'             
65 2 'Structure model' '_refine_ls_shell.number_reflns_R_free'  
66 2 'Structure model' '_refine_ls_shell.number_reflns_R_work'  
67 2 'Structure model' '_refine_ls_shell.percent_reflns_obs'    
68 2 'Structure model' '_reflns.B_iso_Wilson_estimate'          
69 2 'Structure model' '_reflns.d_resolution_high'              
70 2 'Structure model' '_reflns.pdbx_number_measured_all'       
71 2 'Structure model' '_software.version'                      
72 2 'Structure model' '_struct_conf.end_auth_comp_id'          
73 2 'Structure model' '_struct_conf.end_auth_seq_id'           
74 2 'Structure model' '_struct_conf.end_label_comp_id'         
75 2 'Structure model' '_struct_conf.end_label_seq_id'          
76 2 'Structure model' '_struct_conf.pdbx_PDB_helix_length'     
77 2 'Structure model' '_struct_sheet.number_strands'           
78 3 'Structure model' '_citation.country'                      
79 3 'Structure model' '_citation.journal_abbrev'               
80 3 'Structure model' '_citation.journal_id_CSD'               
81 3 'Structure model' '_citation.journal_id_ISSN'              
82 3 'Structure model' '_citation.journal_volume'               
83 3 'Structure model' '_citation.page_first'                   
84 3 'Structure model' '_citation.page_last'                    
85 3 'Structure model' '_citation.pdbx_database_id_DOI'         
86 3 'Structure model' '_citation.pdbx_database_id_PubMed'      
87 3 'Structure model' '_citation.title'                        
88 3 'Structure model' '_citation.year'                         
89 3 'Structure model' '_citation_author.name'                  
# 
_pdbx_refine_tls.id               1 
_pdbx_refine_tls.pdbx_refine_id   'X-RAY DIFFRACTION' 
_pdbx_refine_tls.details          ? 
_pdbx_refine_tls.method           refined 
_pdbx_refine_tls.origin_x         -0.0680 
_pdbx_refine_tls.origin_y         -0.3363 
_pdbx_refine_tls.origin_z         -0.1848 
_pdbx_refine_tls.T[1][1]          0.7937 
_pdbx_refine_tls.T[1][1]_esd      ? 
_pdbx_refine_tls.T[1][2]          0.1567 
_pdbx_refine_tls.T[1][2]_esd      ? 
_pdbx_refine_tls.T[1][3]          -0.1450 
_pdbx_refine_tls.T[1][3]_esd      ? 
_pdbx_refine_tls.T[2][2]          0.3682 
_pdbx_refine_tls.T[2][2]_esd      ? 
_pdbx_refine_tls.T[2][3]          -0.0291 
_pdbx_refine_tls.T[2][3]_esd      ? 
_pdbx_refine_tls.T[3][3]          0.5534 
_pdbx_refine_tls.T[3][3]_esd      ? 
_pdbx_refine_tls.L[1][1]          22.2826 
_pdbx_refine_tls.L[1][1]_esd      ? 
_pdbx_refine_tls.L[1][2]          2.6976 
_pdbx_refine_tls.L[1][2]_esd      ? 
_pdbx_refine_tls.L[1][3]          4.8114 
_pdbx_refine_tls.L[1][3]_esd      ? 
_pdbx_refine_tls.L[2][2]          -1.3702 
_pdbx_refine_tls.L[2][2]_esd      ? 
_pdbx_refine_tls.L[2][3]          -0.2934 
_pdbx_refine_tls.L[2][3]_esd      ? 
_pdbx_refine_tls.L[3][3]          1.0762 
_pdbx_refine_tls.L[3][3]_esd      ? 
_pdbx_refine_tls.S[1][1]          -1.7837 
_pdbx_refine_tls.S[1][1]_esd      ? 
_pdbx_refine_tls.S[1][2]          -0.9229 
_pdbx_refine_tls.S[1][2]_esd      ? 
_pdbx_refine_tls.S[1][3]          1.2948 
_pdbx_refine_tls.S[1][3]_esd      ? 
_pdbx_refine_tls.S[2][1]          -1.2053 
_pdbx_refine_tls.S[2][1]_esd      ? 
_pdbx_refine_tls.S[2][2]          0.5016 
_pdbx_refine_tls.S[2][2]_esd      ? 
_pdbx_refine_tls.S[2][3]          0.3476 
_pdbx_refine_tls.S[2][3]_esd      ? 
_pdbx_refine_tls.S[3][1]          -1.3778 
_pdbx_refine_tls.S[3][1]_esd      ? 
_pdbx_refine_tls.S[3][2]          -0.5211 
_pdbx_refine_tls.S[3][2]_esd      ? 
_pdbx_refine_tls.S[3][3]          0.9270 
_pdbx_refine_tls.S[3][3]_esd      ? 
# 
loop_
_pdbx_refine_tls_group.id 
_pdbx_refine_tls_group.pdbx_refine_id 
_pdbx_refine_tls_group.refine_tls_id 
_pdbx_refine_tls_group.beg_label_asym_id 
_pdbx_refine_tls_group.beg_label_seq_id 
_pdbx_refine_tls_group.beg_auth_asym_id 
_pdbx_refine_tls_group.beg_auth_seq_id 
_pdbx_refine_tls_group.beg_PDB_ins_code 
_pdbx_refine_tls_group.end_label_asym_id 
_pdbx_refine_tls_group.end_label_seq_id 
_pdbx_refine_tls_group.end_auth_asym_id 
_pdbx_refine_tls_group.end_auth_seq_id 
_pdbx_refine_tls_group.end_PDB_ins_code 
_pdbx_refine_tls_group.selection 
_pdbx_refine_tls_group.selection_details 
1 'X-RAY DIFFRACTION' 1 ? ? A 916  ? ? ? A 1008 ? ? all 
2 'X-RAY DIFFRACTION' 1 ? ? B 1754 ? ? ? B 1762 ? ? all 
3 'X-RAY DIFFRACTION' 1 ? ? C 1    ? ? ? C 3    ? ? all 
4 'X-RAY DIFFRACTION' 1 ? ? D 1    ? ? ? D 1    ? ? all 
# 
loop_
_software.citation_id 
_software.classification 
_software.compiler_name 
_software.compiler_version 
_software.contact_author 
_software.contact_author_email 
_software.date 
_software.description 
_software.dependencies 
_software.hardware 
_software.language 
_software.location 
_software.mods 
_software.name 
_software.os 
_software.os_version 
_software.type 
_software.version 
_software.pdbx_ordinal 
? refinement        ? ? ? ? ? ? ? ? ? ? ? PHENIX      ? ? ? v1.13 1 
? 'data reduction'  ? ? ? ? ? ? ? ? ? ? ? HKL-2000    ? ? ? .     2 
? 'data scaling'    ? ? ? ? ? ? ? ? ? ? ? HKL-2000    ? ? ? .     3 
? 'data extraction' ? ? ? ? ? ? ? ? ? ? ? PDB_EXTRACT ? ? ? .     4 
? phasing           ? ? ? ? ? ? ? ? ? ? ? MOLREP      ? ? ? 3.25  5 
# 
_pdbx_entry_details.entry_id                 7D6F 
_pdbx_entry_details.has_ligand_of_interest   Y 
_pdbx_entry_details.compound_details         ? 
_pdbx_entry_details.source_details           ? 
_pdbx_entry_details.nonpolymer_details       ? 
_pdbx_entry_details.sequence_details         ? 
# 
loop_
_pdbx_validate_torsion.id 
_pdbx_validate_torsion.PDB_model_num 
_pdbx_validate_torsion.auth_comp_id 
_pdbx_validate_torsion.auth_asym_id 
_pdbx_validate_torsion.auth_seq_id 
_pdbx_validate_torsion.PDB_ins_code 
_pdbx_validate_torsion.label_alt_id 
_pdbx_validate_torsion.phi 
_pdbx_validate_torsion.psi 
1 1 ALA A 966  ? ? 57.07  16.57 
2 1 GLU B 1756 ? ? -98.76 31.65 
# 
loop_
_pdbx_unobs_or_zero_occ_atoms.id 
_pdbx_unobs_or_zero_occ_atoms.PDB_model_num 
_pdbx_unobs_or_zero_occ_atoms.polymer_flag 
_pdbx_unobs_or_zero_occ_atoms.occupancy_flag 
_pdbx_unobs_or_zero_occ_atoms.auth_asym_id 
_pdbx_unobs_or_zero_occ_atoms.auth_comp_id 
_pdbx_unobs_or_zero_occ_atoms.auth_seq_id 
_pdbx_unobs_or_zero_occ_atoms.PDB_ins_code 
_pdbx_unobs_or_zero_occ_atoms.auth_atom_id 
_pdbx_unobs_or_zero_occ_atoms.label_alt_id 
_pdbx_unobs_or_zero_occ_atoms.label_asym_id 
_pdbx_unobs_or_zero_occ_atoms.label_comp_id 
_pdbx_unobs_or_zero_occ_atoms.label_seq_id 
_pdbx_unobs_or_zero_occ_atoms.label_atom_id 
1  1 Y 1 A GLN 916  ? CG  ? A GLN 7  CG  
2  1 Y 1 A GLN 916  ? CD  ? A GLN 7  CD  
3  1 Y 1 A GLN 916  ? OE1 ? A GLN 7  OE1 
4  1 Y 1 A GLN 916  ? NE2 ? A GLN 7  NE2 
5  1 Y 1 A LYS 925  ? CG  ? A LYS 16 CG  
6  1 Y 1 A LYS 925  ? CD  ? A LYS 16 CD  
7  1 Y 1 A LYS 925  ? CE  ? A LYS 16 CE  
8  1 Y 1 A LYS 925  ? NZ  ? A LYS 16 NZ  
9  1 Y 1 A ASN 927  ? CG  ? A ASN 18 CG  
10 1 Y 1 A ASN 927  ? OD1 ? A ASN 18 OD1 
11 1 Y 1 A ASN 927  ? ND2 ? A ASN 18 ND2 
12 1 Y 1 A GLU 928  ? CG  ? A GLU 19 CG  
13 1 Y 1 A GLU 928  ? CD  ? A GLU 19 CD  
14 1 Y 1 A GLU 928  ? OE1 ? A GLU 19 OE1 
15 1 Y 1 A GLU 928  ? OE2 ? A GLU 19 OE2 
16 1 Y 1 A LEU 938  ? CG  ? A LEU 29 CG  
17 1 Y 1 A LEU 938  ? CD1 ? A LEU 29 CD1 
18 1 Y 1 A LEU 938  ? CD2 ? A LEU 29 CD2 
19 1 Y 1 A THR 946  ? OG1 ? A THR 37 OG1 
20 1 Y 1 A THR 946  ? CG2 ? A THR 37 CG2 
21 1 Y 1 A ILE 947  ? CG1 ? A ILE 38 CG1 
22 1 Y 1 A ILE 947  ? CG2 ? A ILE 38 CG2 
23 1 Y 1 A ILE 947  ? CD1 ? A ILE 38 CD1 
24 1 Y 1 A LYS 952  ? CG  ? A LYS 43 CG  
25 1 Y 1 A LYS 952  ? CD  ? A LYS 43 CD  
26 1 Y 1 A LYS 952  ? CE  ? A LYS 43 CE  
27 1 Y 1 A LYS 952  ? NZ  ? A LYS 43 NZ  
28 1 Y 1 A ARG 955  ? CG  ? A ARG 46 CG  
29 1 Y 1 A ARG 955  ? CD  ? A ARG 46 CD  
30 1 Y 1 A ARG 955  ? NE  ? A ARG 46 NE  
31 1 Y 1 A ARG 955  ? CZ  ? A ARG 46 CZ  
32 1 Y 1 A ARG 955  ? NH1 ? A ARG 46 NH1 
33 1 Y 1 A ARG 955  ? NH2 ? A ARG 46 NH2 
34 1 Y 1 A ASP 958  ? CG  ? A ASP 49 CG  
35 1 Y 1 A ASP 958  ? OD1 ? A ASP 49 OD1 
36 1 Y 1 A ASP 958  ? OD2 ? A ASP 49 OD2 
37 1 Y 1 A LYS 967  ? CG  ? A LYS 58 CG  
38 1 Y 1 A LYS 967  ? CD  ? A LYS 58 CD  
39 1 Y 1 A LYS 967  ? CE  ? A LYS 58 CE  
40 1 Y 1 A LYS 967  ? NZ  ? A LYS 58 NZ  
41 1 Y 1 A LYS 969  ? CG  ? A LYS 60 CG  
42 1 Y 1 A LYS 969  ? CD  ? A LYS 60 CD  
43 1 Y 1 A LYS 969  ? CE  ? A LYS 60 CE  
44 1 Y 1 A LYS 969  ? NZ  ? A LYS 60 NZ  
45 1 Y 1 A ARG 973  ? CG  ? A ARG 64 CG  
46 1 Y 1 A ARG 973  ? CD  ? A ARG 64 CD  
47 1 Y 1 A ARG 973  ? NE  ? A ARG 64 NE  
48 1 Y 1 A ARG 973  ? CZ  ? A ARG 64 CZ  
49 1 Y 1 A ARG 973  ? NH1 ? A ARG 64 NH1 
50 1 Y 1 A ARG 973  ? NH2 ? A ARG 64 NH2 
51 1 Y 1 A LYS 992  ? CG  ? A LYS 83 CG  
52 1 Y 1 A LYS 992  ? CD  ? A LYS 83 CD  
53 1 Y 1 A LYS 992  ? CE  ? A LYS 83 CE  
54 1 Y 1 A LYS 992  ? NZ  ? A LYS 83 NZ  
55 1 Y 1 A LYS 995  ? CG  ? A LYS 86 CG  
56 1 Y 1 A LYS 995  ? CD  ? A LYS 86 CD  
57 1 Y 1 A LYS 995  ? CE  ? A LYS 86 CE  
58 1 Y 1 A LYS 995  ? NZ  ? A LYS 86 NZ  
59 1 Y 1 A GLN 1008 ? CG  ? A GLN 99 CG  
60 1 Y 1 A GLN 1008 ? CD  ? A GLN 99 CD  
61 1 Y 1 A GLN 1008 ? OE1 ? A GLN 99 OE1 
62 1 Y 1 A GLN 1008 ? NE2 ? A GLN 99 NE2 
63 1 Y 1 B PHE 1754 ? CG  ? B PHE 11 CG  
64 1 Y 1 B PHE 1754 ? CD1 ? B PHE 11 CD1 
65 1 Y 1 B PHE 1754 ? CD2 ? B PHE 11 CD2 
66 1 Y 1 B PHE 1754 ? CE1 ? B PHE 11 CE1 
67 1 Y 1 B PHE 1754 ? CE2 ? B PHE 11 CE2 
68 1 Y 1 B PHE 1754 ? CZ  ? B PHE 11 CZ  
69 1 Y 1 B GLU 1756 ? CG  ? B GLU 13 CG  
70 1 Y 1 B GLU 1756 ? CD  ? B GLU 13 CD  
71 1 Y 1 B GLU 1756 ? OE1 ? B GLU 13 OE1 
72 1 Y 1 B GLU 1756 ? OE2 ? B GLU 13 OE2 
73 1 Y 1 B GLU 1757 ? CG  ? B GLU 14 CG  
74 1 Y 1 B GLU 1757 ? CD  ? B GLU 14 CD  
75 1 Y 1 B GLU 1757 ? OE1 ? B GLU 14 OE1 
76 1 Y 1 B GLU 1757 ? OE2 ? B GLU 14 OE2 
# 
loop_
_pdbx_unobs_or_zero_occ_residues.id 
_pdbx_unobs_or_zero_occ_residues.PDB_model_num 
_pdbx_unobs_or_zero_occ_residues.polymer_flag 
_pdbx_unobs_or_zero_occ_residues.occupancy_flag 
_pdbx_unobs_or_zero_occ_residues.auth_asym_id 
_pdbx_unobs_or_zero_occ_residues.auth_comp_id 
_pdbx_unobs_or_zero_occ_residues.auth_seq_id 
_pdbx_unobs_or_zero_occ_residues.PDB_ins_code 
_pdbx_unobs_or_zero_occ_residues.label_asym_id 
_pdbx_unobs_or_zero_occ_residues.label_comp_id 
_pdbx_unobs_or_zero_occ_residues.label_seq_id 
1  1 Y 1 A GLY 910  ? A GLY 1   
2  1 Y 1 A PRO 911  ? A PRO 2   
3  1 Y 1 A GLY 912  ? A GLY 3   
4  1 Y 1 A SER 913  ? A SER 4   
5  1 Y 1 A SER 914  ? A SER 5   
6  1 Y 1 A LEU 915  ? A LEU 6   
7  1 Y 1 A ASN 939  ? A ASN 30  
8  1 Y 1 A ARG 940  ? A ARG 31  
9  1 Y 1 A PRO 941  ? A PRO 32  
10 1 Y 1 A GLU 942  ? A GLU 33  
11 1 Y 1 A SER 943  ? A SER 34  
12 1 Y 1 A GLY 944  ? A GLY 35  
13 1 Y 1 A GLU 1009 ? A GLU 100 
14 1 Y 1 A GLU 1010 ? A GLU 101 
15 1 Y 1 B GLY 1744 ? B GLY 1   
16 1 Y 1 B PRO 1745 ? B PRO 2   
17 1 Y 1 B GLY 1746 ? B GLY 3   
18 1 Y 1 B SER 1747 ? B SER 4   
19 1 Y 1 B SER 1748 ? B SER 5   
20 1 Y 1 B SER 1749 ? B SER 6   
21 1 Y 1 B GLU 1750 ? B GLU 7   
22 1 Y 1 B SER 1751 ? B SER 8   
23 1 Y 1 B THR 1752 ? B THR 9   
24 1 Y 1 B GLY 1753 ? B GLY 10  
# 
loop_
_chem_comp_atom.comp_id 
_chem_comp_atom.atom_id 
_chem_comp_atom.type_symbol 
_chem_comp_atom.pdbx_aromatic_flag 
_chem_comp_atom.pdbx_stereo_config 
_chem_comp_atom.pdbx_ordinal 
ALA N    N N N 1   
ALA CA   C N S 2   
ALA C    C N N 3   
ALA O    O N N 4   
ALA CB   C N N 5   
ALA OXT  O N N 6   
ALA H    H N N 7   
ALA H2   H N N 8   
ALA HA   H N N 9   
ALA HB1  H N N 10  
ALA HB2  H N N 11  
ALA HB3  H N N 12  
ALA HXT  H N N 13  
ARG N    N N N 14  
ARG CA   C N S 15  
ARG C    C N N 16  
ARG O    O N N 17  
ARG CB   C N N 18  
ARG CG   C N N 19  
ARG CD   C N N 20  
ARG NE   N N N 21  
ARG CZ   C N N 22  
ARG NH1  N N N 23  
ARG NH2  N N N 24  
ARG OXT  O N N 25  
ARG H    H N N 26  
ARG H2   H N N 27  
ARG HA   H N N 28  
ARG HB2  H N N 29  
ARG HB3  H N N 30  
ARG HG2  H N N 31  
ARG HG3  H N N 32  
ARG HD2  H N N 33  
ARG HD3  H N N 34  
ARG HE   H N N 35  
ARG HH11 H N N 36  
ARG HH12 H N N 37  
ARG HH21 H N N 38  
ARG HH22 H N N 39  
ARG HXT  H N N 40  
ASN N    N N N 41  
ASN CA   C N S 42  
ASN C    C N N 43  
ASN O    O N N 44  
ASN CB   C N N 45  
ASN CG   C N N 46  
ASN OD1  O N N 47  
ASN ND2  N N N 48  
ASN OXT  O N N 49  
ASN H    H N N 50  
ASN H2   H N N 51  
ASN HA   H N N 52  
ASN HB2  H N N 53  
ASN HB3  H N N 54  
ASN HD21 H N N 55  
ASN HD22 H N N 56  
ASN HXT  H N N 57  
ASP N    N N N 58  
ASP CA   C N S 59  
ASP C    C N N 60  
ASP O    O N N 61  
ASP CB   C N N 62  
ASP CG   C N N 63  
ASP OD1  O N N 64  
ASP OD2  O N N 65  
ASP OXT  O N N 66  
ASP H    H N N 67  
ASP H2   H N N 68  
ASP HA   H N N 69  
ASP HB2  H N N 70  
ASP HB3  H N N 71  
ASP HD2  H N N 72  
ASP HXT  H N N 73  
CYS N    N N N 74  
CYS CA   C N R 75  
CYS C    C N N 76  
CYS O    O N N 77  
CYS CB   C N N 78  
CYS SG   S N N 79  
CYS OXT  O N N 80  
CYS H    H N N 81  
CYS H2   H N N 82  
CYS HA   H N N 83  
CYS HB2  H N N 84  
CYS HB3  H N N 85  
CYS HG   H N N 86  
CYS HXT  H N N 87  
GLN N    N N N 88  
GLN CA   C N S 89  
GLN C    C N N 90  
GLN O    O N N 91  
GLN CB   C N N 92  
GLN CG   C N N 93  
GLN CD   C N N 94  
GLN OE1  O N N 95  
GLN NE2  N N N 96  
GLN OXT  O N N 97  
GLN H    H N N 98  
GLN H2   H N N 99  
GLN HA   H N N 100 
GLN HB2  H N N 101 
GLN HB3  H N N 102 
GLN HG2  H N N 103 
GLN HG3  H N N 104 
GLN HE21 H N N 105 
GLN HE22 H N N 106 
GLN HXT  H N N 107 
GLU N    N N N 108 
GLU CA   C N S 109 
GLU C    C N N 110 
GLU O    O N N 111 
GLU CB   C N N 112 
GLU CG   C N N 113 
GLU CD   C N N 114 
GLU OE1  O N N 115 
GLU OE2  O N N 116 
GLU OXT  O N N 117 
GLU H    H N N 118 
GLU H2   H N N 119 
GLU HA   H N N 120 
GLU HB2  H N N 121 
GLU HB3  H N N 122 
GLU HG2  H N N 123 
GLU HG3  H N N 124 
GLU HE2  H N N 125 
GLU HXT  H N N 126 
GLY N    N N N 127 
GLY CA   C N N 128 
GLY C    C N N 129 
GLY O    O N N 130 
GLY OXT  O N N 131 
GLY H    H N N 132 
GLY H2   H N N 133 
GLY HA2  H N N 134 
GLY HA3  H N N 135 
GLY HXT  H N N 136 
GOL C1   C N N 137 
GOL O1   O N N 138 
GOL C2   C N N 139 
GOL O2   O N N 140 
GOL C3   C N N 141 
GOL O3   O N N 142 
GOL H11  H N N 143 
GOL H12  H N N 144 
GOL HO1  H N N 145 
GOL H2   H N N 146 
GOL HO2  H N N 147 
GOL H31  H N N 148 
GOL H32  H N N 149 
GOL HO3  H N N 150 
HIS N    N N N 151 
HIS CA   C N S 152 
HIS C    C N N 153 
HIS O    O N N 154 
HIS CB   C N N 155 
HIS CG   C Y N 156 
HIS ND1  N Y N 157 
HIS CD2  C Y N 158 
HIS CE1  C Y N 159 
HIS NE2  N Y N 160 
HIS OXT  O N N 161 
HIS H    H N N 162 
HIS H2   H N N 163 
HIS HA   H N N 164 
HIS HB2  H N N 165 
HIS HB3  H N N 166 
HIS HD1  H N N 167 
HIS HD2  H N N 168 
HIS HE1  H N N 169 
HIS HE2  H N N 170 
HIS HXT  H N N 171 
HOH O    O N N 172 
HOH H1   H N N 173 
HOH H2   H N N 174 
ILE N    N N N 175 
ILE CA   C N S 176 
ILE C    C N N 177 
ILE O    O N N 178 
ILE CB   C N S 179 
ILE CG1  C N N 180 
ILE CG2  C N N 181 
ILE CD1  C N N 182 
ILE OXT  O N N 183 
ILE H    H N N 184 
ILE H2   H N N 185 
ILE HA   H N N 186 
ILE HB   H N N 187 
ILE HG12 H N N 188 
ILE HG13 H N N 189 
ILE HG21 H N N 190 
ILE HG22 H N N 191 
ILE HG23 H N N 192 
ILE HD11 H N N 193 
ILE HD12 H N N 194 
ILE HD13 H N N 195 
ILE HXT  H N N 196 
LEU N    N N N 197 
LEU CA   C N S 198 
LEU C    C N N 199 
LEU O    O N N 200 
LEU CB   C N N 201 
LEU CG   C N N 202 
LEU CD1  C N N 203 
LEU CD2  C N N 204 
LEU OXT  O N N 205 
LEU H    H N N 206 
LEU H2   H N N 207 
LEU HA   H N N 208 
LEU HB2  H N N 209 
LEU HB3  H N N 210 
LEU HG   H N N 211 
LEU HD11 H N N 212 
LEU HD12 H N N 213 
LEU HD13 H N N 214 
LEU HD21 H N N 215 
LEU HD22 H N N 216 
LEU HD23 H N N 217 
LEU HXT  H N N 218 
LYS N    N N N 219 
LYS CA   C N S 220 
LYS C    C N N 221 
LYS O    O N N 222 
LYS CB   C N N 223 
LYS CG   C N N 224 
LYS CD   C N N 225 
LYS CE   C N N 226 
LYS NZ   N N N 227 
LYS OXT  O N N 228 
LYS H    H N N 229 
LYS H2   H N N 230 
LYS HA   H N N 231 
LYS HB2  H N N 232 
LYS HB3  H N N 233 
LYS HG2  H N N 234 
LYS HG3  H N N 235 
LYS HD2  H N N 236 
LYS HD3  H N N 237 
LYS HE2  H N N 238 
LYS HE3  H N N 239 
LYS HZ1  H N N 240 
LYS HZ2  H N N 241 
LYS HZ3  H N N 242 
LYS HXT  H N N 243 
MET N    N N N 244 
MET CA   C N S 245 
MET C    C N N 246 
MET O    O N N 247 
MET CB   C N N 248 
MET CG   C N N 249 
MET SD   S N N 250 
MET CE   C N N 251 
MET OXT  O N N 252 
MET H    H N N 253 
MET H2   H N N 254 
MET HA   H N N 255 
MET HB2  H N N 256 
MET HB3  H N N 257 
MET HG2  H N N 258 
MET HG3  H N N 259 
MET HE1  H N N 260 
MET HE2  H N N 261 
MET HE3  H N N 262 
MET HXT  H N N 263 
PHE N    N N N 264 
PHE CA   C N S 265 
PHE C    C N N 266 
PHE O    O N N 267 
PHE CB   C N N 268 
PHE CG   C Y N 269 
PHE CD1  C Y N 270 
PHE CD2  C Y N 271 
PHE CE1  C Y N 272 
PHE CE2  C Y N 273 
PHE CZ   C Y N 274 
PHE OXT  O N N 275 
PHE H    H N N 276 
PHE H2   H N N 277 
PHE HA   H N N 278 
PHE HB2  H N N 279 
PHE HB3  H N N 280 
PHE HD1  H N N 281 
PHE HD2  H N N 282 
PHE HE1  H N N 283 
PHE HE2  H N N 284 
PHE HZ   H N N 285 
PHE HXT  H N N 286 
PRO N    N N N 287 
PRO CA   C N S 288 
PRO C    C N N 289 
PRO O    O N N 290 
PRO CB   C N N 291 
PRO CG   C N N 292 
PRO CD   C N N 293 
PRO OXT  O N N 294 
PRO H    H N N 295 
PRO HA   H N N 296 
PRO HB2  H N N 297 
PRO HB3  H N N 298 
PRO HG2  H N N 299 
PRO HG3  H N N 300 
PRO HD2  H N N 301 
PRO HD3  H N N 302 
PRO HXT  H N N 303 
SER N    N N N 304 
SER CA   C N S 305 
SER C    C N N 306 
SER O    O N N 307 
SER CB   C N N 308 
SER OG   O N N 309 
SER OXT  O N N 310 
SER H    H N N 311 
SER H2   H N N 312 
SER HA   H N N 313 
SER HB2  H N N 314 
SER HB3  H N N 315 
SER HG   H N N 316 
SER HXT  H N N 317 
THR N    N N N 318 
THR CA   C N S 319 
THR C    C N N 320 
THR O    O N N 321 
THR CB   C N R 322 
THR OG1  O N N 323 
THR CG2  C N N 324 
THR OXT  O N N 325 
THR H    H N N 326 
THR H2   H N N 327 
THR HA   H N N 328 
THR HB   H N N 329 
THR HG1  H N N 330 
THR HG21 H N N 331 
THR HG22 H N N 332 
THR HG23 H N N 333 
THR HXT  H N N 334 
VAL N    N N N 335 
VAL CA   C N S 336 
VAL C    C N N 337 
VAL O    O N N 338 
VAL CB   C N N 339 
VAL CG1  C N N 340 
VAL CG2  C N N 341 
VAL OXT  O N N 342 
VAL H    H N N 343 
VAL H2   H N N 344 
VAL HA   H N N 345 
VAL HB   H N N 346 
VAL HG11 H N N 347 
VAL HG12 H N N 348 
VAL HG13 H N N 349 
VAL HG21 H N N 350 
VAL HG22 H N N 351 
VAL HG23 H N N 352 
VAL HXT  H N N 353 
# 
loop_
_chem_comp_bond.comp_id 
_chem_comp_bond.atom_id_1 
_chem_comp_bond.atom_id_2 
_chem_comp_bond.value_order 
_chem_comp_bond.pdbx_aromatic_flag 
_chem_comp_bond.pdbx_stereo_config 
_chem_comp_bond.pdbx_ordinal 
ALA N   CA   sing N N 1   
ALA N   H    sing N N 2   
ALA N   H2   sing N N 3   
ALA CA  C    sing N N 4   
ALA CA  CB   sing N N 5   
ALA CA  HA   sing N N 6   
ALA C   O    doub N N 7   
ALA C   OXT  sing N N 8   
ALA CB  HB1  sing N N 9   
ALA CB  HB2  sing N N 10  
ALA CB  HB3  sing N N 11  
ALA OXT HXT  sing N N 12  
ARG N   CA   sing N N 13  
ARG N   H    sing N N 14  
ARG N   H2   sing N N 15  
ARG CA  C    sing N N 16  
ARG CA  CB   sing N N 17  
ARG CA  HA   sing N N 18  
ARG C   O    doub N N 19  
ARG C   OXT  sing N N 20  
ARG CB  CG   sing N N 21  
ARG CB  HB2  sing N N 22  
ARG CB  HB3  sing N N 23  
ARG CG  CD   sing N N 24  
ARG CG  HG2  sing N N 25  
ARG CG  HG3  sing N N 26  
ARG CD  NE   sing N N 27  
ARG CD  HD2  sing N N 28  
ARG CD  HD3  sing N N 29  
ARG NE  CZ   sing N N 30  
ARG NE  HE   sing N N 31  
ARG CZ  NH1  sing N N 32  
ARG CZ  NH2  doub N N 33  
ARG NH1 HH11 sing N N 34  
ARG NH1 HH12 sing N N 35  
ARG NH2 HH21 sing N N 36  
ARG NH2 HH22 sing N N 37  
ARG OXT HXT  sing N N 38  
ASN N   CA   sing N N 39  
ASN N   H    sing N N 40  
ASN N   H2   sing N N 41  
ASN CA  C    sing N N 42  
ASN CA  CB   sing N N 43  
ASN CA  HA   sing N N 44  
ASN C   O    doub N N 45  
ASN C   OXT  sing N N 46  
ASN CB  CG   sing N N 47  
ASN CB  HB2  sing N N 48  
ASN CB  HB3  sing N N 49  
ASN CG  OD1  doub N N 50  
ASN CG  ND2  sing N N 51  
ASN ND2 HD21 sing N N 52  
ASN ND2 HD22 sing N N 53  
ASN OXT HXT  sing N N 54  
ASP N   CA   sing N N 55  
ASP N   H    sing N N 56  
ASP N   H2   sing N N 57  
ASP CA  C    sing N N 58  
ASP CA  CB   sing N N 59  
ASP CA  HA   sing N N 60  
ASP C   O    doub N N 61  
ASP C   OXT  sing N N 62  
ASP CB  CG   sing N N 63  
ASP CB  HB2  sing N N 64  
ASP CB  HB3  sing N N 65  
ASP CG  OD1  doub N N 66  
ASP CG  OD2  sing N N 67  
ASP OD2 HD2  sing N N 68  
ASP OXT HXT  sing N N 69  
CYS N   CA   sing N N 70  
CYS N   H    sing N N 71  
CYS N   H2   sing N N 72  
CYS CA  C    sing N N 73  
CYS CA  CB   sing N N 74  
CYS CA  HA   sing N N 75  
CYS C   O    doub N N 76  
CYS C   OXT  sing N N 77  
CYS CB  SG   sing N N 78  
CYS CB  HB2  sing N N 79  
CYS CB  HB3  sing N N 80  
CYS SG  HG   sing N N 81  
CYS OXT HXT  sing N N 82  
GLN N   CA   sing N N 83  
GLN N   H    sing N N 84  
GLN N   H2   sing N N 85  
GLN CA  C    sing N N 86  
GLN CA  CB   sing N N 87  
GLN CA  HA   sing N N 88  
GLN C   O    doub N N 89  
GLN C   OXT  sing N N 90  
GLN CB  CG   sing N N 91  
GLN CB  HB2  sing N N 92  
GLN CB  HB3  sing N N 93  
GLN CG  CD   sing N N 94  
GLN CG  HG2  sing N N 95  
GLN CG  HG3  sing N N 96  
GLN CD  OE1  doub N N 97  
GLN CD  NE2  sing N N 98  
GLN NE2 HE21 sing N N 99  
GLN NE2 HE22 sing N N 100 
GLN OXT HXT  sing N N 101 
GLU N   CA   sing N N 102 
GLU N   H    sing N N 103 
GLU N   H2   sing N N 104 
GLU CA  C    sing N N 105 
GLU CA  CB   sing N N 106 
GLU CA  HA   sing N N 107 
GLU C   O    doub N N 108 
GLU C   OXT  sing N N 109 
GLU CB  CG   sing N N 110 
GLU CB  HB2  sing N N 111 
GLU CB  HB3  sing N N 112 
GLU CG  CD   sing N N 113 
GLU CG  HG2  sing N N 114 
GLU CG  HG3  sing N N 115 
GLU CD  OE1  doub N N 116 
GLU CD  OE2  sing N N 117 
GLU OE2 HE2  sing N N 118 
GLU OXT HXT  sing N N 119 
GLY N   CA   sing N N 120 
GLY N   H    sing N N 121 
GLY N   H2   sing N N 122 
GLY CA  C    sing N N 123 
GLY CA  HA2  sing N N 124 
GLY CA  HA3  sing N N 125 
GLY C   O    doub N N 126 
GLY C   OXT  sing N N 127 
GLY OXT HXT  sing N N 128 
GOL C1  O1   sing N N 129 
GOL C1  C2   sing N N 130 
GOL C1  H11  sing N N 131 
GOL C1  H12  sing N N 132 
GOL O1  HO1  sing N N 133 
GOL C2  O2   sing N N 134 
GOL C2  C3   sing N N 135 
GOL C2  H2   sing N N 136 
GOL O2  HO2  sing N N 137 
GOL C3  O3   sing N N 138 
GOL C3  H31  sing N N 139 
GOL C3  H32  sing N N 140 
GOL O3  HO3  sing N N 141 
HIS N   CA   sing N N 142 
HIS N   H    sing N N 143 
HIS N   H2   sing N N 144 
HIS CA  C    sing N N 145 
HIS CA  CB   sing N N 146 
HIS CA  HA   sing N N 147 
HIS C   O    doub N N 148 
HIS C   OXT  sing N N 149 
HIS CB  CG   sing N N 150 
HIS CB  HB2  sing N N 151 
HIS CB  HB3  sing N N 152 
HIS CG  ND1  sing Y N 153 
HIS CG  CD2  doub Y N 154 
HIS ND1 CE1  doub Y N 155 
HIS ND1 HD1  sing N N 156 
HIS CD2 NE2  sing Y N 157 
HIS CD2 HD2  sing N N 158 
HIS CE1 NE2  sing Y N 159 
HIS CE1 HE1  sing N N 160 
HIS NE2 HE2  sing N N 161 
HIS OXT HXT  sing N N 162 
HOH O   H1   sing N N 163 
HOH O   H2   sing N N 164 
ILE N   CA   sing N N 165 
ILE N   H    sing N N 166 
ILE N   H2   sing N N 167 
ILE CA  C    sing N N 168 
ILE CA  CB   sing N N 169 
ILE CA  HA   sing N N 170 
ILE C   O    doub N N 171 
ILE C   OXT  sing N N 172 
ILE CB  CG1  sing N N 173 
ILE CB  CG2  sing N N 174 
ILE CB  HB   sing N N 175 
ILE CG1 CD1  sing N N 176 
ILE CG1 HG12 sing N N 177 
ILE CG1 HG13 sing N N 178 
ILE CG2 HG21 sing N N 179 
ILE CG2 HG22 sing N N 180 
ILE CG2 HG23 sing N N 181 
ILE CD1 HD11 sing N N 182 
ILE CD1 HD12 sing N N 183 
ILE CD1 HD13 sing N N 184 
ILE OXT HXT  sing N N 185 
LEU N   CA   sing N N 186 
LEU N   H    sing N N 187 
LEU N   H2   sing N N 188 
LEU CA  C    sing N N 189 
LEU CA  CB   sing N N 190 
LEU CA  HA   sing N N 191 
LEU C   O    doub N N 192 
LEU C   OXT  sing N N 193 
LEU CB  CG   sing N N 194 
LEU CB  HB2  sing N N 195 
LEU CB  HB3  sing N N 196 
LEU CG  CD1  sing N N 197 
LEU CG  CD2  sing N N 198 
LEU CG  HG   sing N N 199 
LEU CD1 HD11 sing N N 200 
LEU CD1 HD12 sing N N 201 
LEU CD1 HD13 sing N N 202 
LEU CD2 HD21 sing N N 203 
LEU CD2 HD22 sing N N 204 
LEU CD2 HD23 sing N N 205 
LEU OXT HXT  sing N N 206 
LYS N   CA   sing N N 207 
LYS N   H    sing N N 208 
LYS N   H2   sing N N 209 
LYS CA  C    sing N N 210 
LYS CA  CB   sing N N 211 
LYS CA  HA   sing N N 212 
LYS C   O    doub N N 213 
LYS C   OXT  sing N N 214 
LYS CB  CG   sing N N 215 
LYS CB  HB2  sing N N 216 
LYS CB  HB3  sing N N 217 
LYS CG  CD   sing N N 218 
LYS CG  HG2  sing N N 219 
LYS CG  HG3  sing N N 220 
LYS CD  CE   sing N N 221 
LYS CD  HD2  sing N N 222 
LYS CD  HD3  sing N N 223 
LYS CE  NZ   sing N N 224 
LYS CE  HE2  sing N N 225 
LYS CE  HE3  sing N N 226 
LYS NZ  HZ1  sing N N 227 
LYS NZ  HZ2  sing N N 228 
LYS NZ  HZ3  sing N N 229 
LYS OXT HXT  sing N N 230 
MET N   CA   sing N N 231 
MET N   H    sing N N 232 
MET N   H2   sing N N 233 
MET CA  C    sing N N 234 
MET CA  CB   sing N N 235 
MET CA  HA   sing N N 236 
MET C   O    doub N N 237 
MET C   OXT  sing N N 238 
MET CB  CG   sing N N 239 
MET CB  HB2  sing N N 240 
MET CB  HB3  sing N N 241 
MET CG  SD   sing N N 242 
MET CG  HG2  sing N N 243 
MET CG  HG3  sing N N 244 
MET SD  CE   sing N N 245 
MET CE  HE1  sing N N 246 
MET CE  HE2  sing N N 247 
MET CE  HE3  sing N N 248 
MET OXT HXT  sing N N 249 
PHE N   CA   sing N N 250 
PHE N   H    sing N N 251 
PHE N   H2   sing N N 252 
PHE CA  C    sing N N 253 
PHE CA  CB   sing N N 254 
PHE CA  HA   sing N N 255 
PHE C   O    doub N N 256 
PHE C   OXT  sing N N 257 
PHE CB  CG   sing N N 258 
PHE CB  HB2  sing N N 259 
PHE CB  HB3  sing N N 260 
PHE CG  CD1  doub Y N 261 
PHE CG  CD2  sing Y N 262 
PHE CD1 CE1  sing Y N 263 
PHE CD1 HD1  sing N N 264 
PHE CD2 CE2  doub Y N 265 
PHE CD2 HD2  sing N N 266 
PHE CE1 CZ   doub Y N 267 
PHE CE1 HE1  sing N N 268 
PHE CE2 CZ   sing Y N 269 
PHE CE2 HE2  sing N N 270 
PHE CZ  HZ   sing N N 271 
PHE OXT HXT  sing N N 272 
PRO N   CA   sing N N 273 
PRO N   CD   sing N N 274 
PRO N   H    sing N N 275 
PRO CA  C    sing N N 276 
PRO CA  CB   sing N N 277 
PRO CA  HA   sing N N 278 
PRO C   O    doub N N 279 
PRO C   OXT  sing N N 280 
PRO CB  CG   sing N N 281 
PRO CB  HB2  sing N N 282 
PRO CB  HB3  sing N N 283 
PRO CG  CD   sing N N 284 
PRO CG  HG2  sing N N 285 
PRO CG  HG3  sing N N 286 
PRO CD  HD2  sing N N 287 
PRO CD  HD3  sing N N 288 
PRO OXT HXT  sing N N 289 
SER N   CA   sing N N 290 
SER N   H    sing N N 291 
SER N   H2   sing N N 292 
SER CA  C    sing N N 293 
SER CA  CB   sing N N 294 
SER CA  HA   sing N N 295 
SER C   O    doub N N 296 
SER C   OXT  sing N N 297 
SER CB  OG   sing N N 298 
SER CB  HB2  sing N N 299 
SER CB  HB3  sing N N 300 
SER OG  HG   sing N N 301 
SER OXT HXT  sing N N 302 
THR N   CA   sing N N 303 
THR N   H    sing N N 304 
THR N   H2   sing N N 305 
THR CA  C    sing N N 306 
THR CA  CB   sing N N 307 
THR CA  HA   sing N N 308 
THR C   O    doub N N 309 
THR C   OXT  sing N N 310 
THR CB  OG1  sing N N 311 
THR CB  CG2  sing N N 312 
THR CB  HB   sing N N 313 
THR OG1 HG1  sing N N 314 
THR CG2 HG21 sing N N 315 
THR CG2 HG22 sing N N 316 
THR CG2 HG23 sing N N 317 
THR OXT HXT  sing N N 318 
VAL N   CA   sing N N 319 
VAL N   H    sing N N 320 
VAL N   H2   sing N N 321 
VAL CA  C    sing N N 322 
VAL CA  CB   sing N N 323 
VAL CA  HA   sing N N 324 
VAL C   O    doub N N 325 
VAL C   OXT  sing N N 326 
VAL CB  CG1  sing N N 327 
VAL CB  CG2  sing N N 328 
VAL CB  HB   sing N N 329 
VAL CG1 HG11 sing N N 330 
VAL CG1 HG12 sing N N 331 
VAL CG1 HG13 sing N N 332 
VAL CG2 HG21 sing N N 333 
VAL CG2 HG22 sing N N 334 
VAL CG2 HG23 sing N N 335 
VAL OXT HXT  sing N N 336 
# 
_pdbx_entity_instance_feature.ordinal        1 
_pdbx_entity_instance_feature.comp_id        GOL 
_pdbx_entity_instance_feature.asym_id        ? 
_pdbx_entity_instance_feature.seq_num        ? 
_pdbx_entity_instance_feature.auth_comp_id   GOL 
_pdbx_entity_instance_feature.auth_asym_id   ? 
_pdbx_entity_instance_feature.auth_seq_num   ? 
_pdbx_entity_instance_feature.feature_type   'SUBJECT OF INVESTIGATION' 
_pdbx_entity_instance_feature.details        ? 
# 
loop_
_pdbx_entity_nonpoly.entity_id 
_pdbx_entity_nonpoly.name 
_pdbx_entity_nonpoly.comp_id 
3 GLYCEROL GOL 
4 water    HOH 
# 
_pdbx_initial_refinement_model.id               1 
_pdbx_initial_refinement_model.entity_id_list   ? 
_pdbx_initial_refinement_model.type             'experimental model' 
_pdbx_initial_refinement_model.source_name      PDB 
_pdbx_initial_refinement_model.accession_code   5ZYS 
_pdbx_initial_refinement_model.details          ? 
# 
_pdbx_struct_assembly_auth_evidence.id                     1 
_pdbx_struct_assembly_auth_evidence.assembly_id            1 
_pdbx_struct_assembly_auth_evidence.experimental_support   'light scattering' 
_pdbx_struct_assembly_auth_evidence.details                ? 
# 
